data_8CLS
#
_entry.id   8CLS
#
_cell.length_a   1.00
_cell.length_b   1.00
_cell.length_c   1.00
_cell.angle_alpha   90.00
_cell.angle_beta   90.00
_cell.angle_gamma   90.00
#
_symmetry.space_group_name_H-M   'P 1'
#
loop_
_entity.id
_entity.type
_entity.pdbx_description
1 polymer 'Insulin-like receptor'
2 polymer 'Probable insulin-like peptide 5 A chain'
3 polymer 'Probable insulin-like peptide 5'
#
loop_
_entity_poly.entity_id
_entity_poly.type
_entity_poly.pdbx_seq_one_letter_code
_entity_poly.pdbx_strand_id
1 'polypeptide(L)'
;MHNYSYSPGISLLLFILLANTLAIQAVVLPAHQQHLLHNDIADGLDKTALSVSGTQSRWTRSESNPTMRLSQNVKPCKSM
DIRNMVSHFNQLENCTVIEGFLLIDLINDASPLNRSFPKLTEVTDYIIIYRVTGLHSLSKIFPNLSVIRGNKLFDGYALV
VYSNFDLMDLGLHKLRSITRGGVRIEKNHKLCYDRTIDWLEILAENETQLVVLTENGKEKECRLSKCPGEIRIEEGHDTT
AIEGELNASCQLHNNRRLCWNSKLCQTKCPEKCRNNCIDEHTCCSQDCLGGCVIDKNGNESCISCRNVSFNNICMDSCPK
GYYQFDSRCVTANECITLTKFETNSVYSGIPYNGQCITHCPTGYQKSENKRMCEPCPGGKCDKECSSGLIDSLERAREFH
GCTIITGTEPLTISIKRESGAHVMDELKYGLAAVHKIQSSLMVHLTYGLKSLKFFQSLTEISGDPPMDADKYALYVLDNR
DLDELWGPNQTVFIRKGGVFFHFNPKLCVSTINQLLPMLASKPKFFEKSDVGADSNGNRGSCGTAVLNVTLQSVGANSAM
LNVTTKVEIGEPQKPSNATIVFKDPRAFIGFVFYHMIDPYGNSTKSSDDPCDDRWKVSSPEKSGVMVLSNLIPYTNYSYY
VRTMAISSELTNAESDVKNFRTNPGRPSKVTEVVATAISDSKINVTWSYLDKPYGVLTRYFIKAKLINRPTRNNNRDYCT
EPLVKAMENDLPATTPTKKISDPLAGDCKCVEGSKKTSSQEYDDRKVQAGMEFENALQNFIFVPNIRKSKNGSSDKSDGA
EGAALDSNAIPNGGATNPSRRRRDVALEPELDDVEGSVLLRHVRSITDDTDAFFEKDDENTYKDEEDLSSNKQFYEVFAK
ELPPNQTHFVFEKLRHFTRYAIFVVACREEIPSEKLRDTSFKKSLCSDYDTVFQTTKRKKFADIVMDLKVDLEHANNTES
PVRVRWTPPVDPNGEIVTYEVAYKLQKPDQVEEKKCIPAADFNQTAGYLIKLNEGLYSFRVRANSIAGYGDFTEVEHIKV
EPPPSYAKDEVLFQGPSRSAWSHPQFEK
;
A,B
2 'polypeptide(L)' DFRGVVDSCCRNSCSFSTLRAYCDS C,E,G
3 'polypeptide(L)' NSLRACGPALMDMLRVACPNGFNSMFAK D,F,H
#
# COMPACT_ATOMS: atom_id res chain seq x y z
N PRO A 66 67.00 8.99 -16.48
CA PRO A 66 67.64 7.70 -16.24
C PRO A 66 67.17 7.00 -14.96
N THR A 67 67.68 7.44 -13.81
CA THR A 67 67.16 6.98 -12.53
C THR A 67 67.24 8.12 -11.52
N MET A 68 66.42 8.02 -10.48
CA MET A 68 66.26 9.09 -9.51
C MET A 68 66.50 8.53 -8.11
N ARG A 69 67.03 9.39 -7.24
CA ARG A 69 67.20 9.06 -5.84
C ARG A 69 65.84 9.09 -5.12
N LEU A 70 65.78 8.34 -4.02
CA LEU A 70 64.74 8.60 -3.03
C LEU A 70 64.91 9.99 -2.44
N SER A 71 63.79 10.52 -1.95
CA SER A 71 63.84 11.74 -1.15
C SER A 71 64.54 11.49 0.18
N GLN A 72 65.34 12.47 0.60
CA GLN A 72 66.21 12.32 1.76
C GLN A 72 67.03 11.04 1.62
N ASN A 73 67.32 10.39 2.73
CA ASN A 73 67.95 9.08 2.74
C ASN A 73 67.31 8.24 3.83
N VAL A 74 67.11 6.95 3.55
CA VAL A 74 66.31 6.08 4.40
C VAL A 74 67.12 5.66 5.62
N LYS A 75 66.60 5.95 6.81
CA LYS A 75 66.93 5.17 8.00
C LYS A 75 65.84 4.15 8.26
N PRO A 76 66.11 2.84 8.19
CA PRO A 76 65.08 1.85 8.48
C PRO A 76 64.86 1.65 9.97
N CYS A 77 63.64 1.21 10.30
CA CYS A 77 63.29 0.83 11.66
C CYS A 77 62.54 -0.49 11.67
N LYS A 78 62.66 -1.22 12.76
CA LYS A 78 61.99 -2.50 12.93
C LYS A 78 60.48 -2.29 13.04
N SER A 79 59.76 -3.40 13.16
CA SER A 79 58.32 -3.40 13.36
C SER A 79 57.97 -2.91 14.77
N MET A 80 57.89 -1.60 14.91
CA MET A 80 57.78 -0.99 16.22
C MET A 80 56.41 -1.29 16.84
N ASP A 81 56.42 -1.53 18.15
CA ASP A 81 55.22 -1.51 18.99
C ASP A 81 55.37 -0.39 20.01
N ILE A 82 54.41 0.53 20.04
CA ILE A 82 54.43 1.69 20.92
C ILE A 82 53.30 1.53 21.93
N ARG A 83 53.62 1.25 23.19
CA ARG A 83 52.66 0.69 24.12
C ARG A 83 52.71 1.44 25.45
N ASN A 84 51.52 1.74 25.98
CA ASN A 84 51.35 2.40 27.28
C ASN A 84 51.96 3.78 27.42
N MET A 85 53.28 3.91 27.37
CA MET A 85 53.94 5.15 27.74
C MET A 85 54.29 5.97 26.51
N VAL A 86 54.05 7.28 26.60
CA VAL A 86 54.39 8.19 25.52
C VAL A 86 55.89 8.29 25.29
N SER A 87 56.70 8.03 26.31
CA SER A 87 58.15 7.97 26.09
C SER A 87 58.57 6.85 25.13
N HIS A 88 57.71 5.88 24.89
CA HIS A 88 57.96 4.90 23.84
C HIS A 88 57.94 5.47 22.43
N PHE A 89 57.31 6.63 22.21
CA PHE A 89 57.36 7.27 20.91
C PHE A 89 58.77 7.63 20.46
N ASN A 90 59.75 7.66 21.37
CA ASN A 90 61.15 7.77 20.94
C ASN A 90 61.57 6.65 20.00
N GLN A 91 60.81 5.56 19.94
CA GLN A 91 61.09 4.52 18.95
C GLN A 91 60.95 5.02 17.51
N LEU A 92 60.09 6.00 17.28
CA LEU A 92 59.94 6.58 15.95
C LEU A 92 60.99 7.63 15.63
N GLU A 93 61.77 8.04 16.63
CA GLU A 93 62.78 9.05 16.46
C GLU A 93 63.73 8.71 15.31
N ASN A 94 63.70 9.55 14.28
CA ASN A 94 64.50 9.40 13.07
C ASN A 94 64.23 8.12 12.28
N CYS A 95 63.05 7.51 12.44
CA CYS A 95 62.65 6.44 11.53
C CYS A 95 62.16 7.03 10.22
N THR A 96 62.84 6.69 9.11
CA THR A 96 62.34 7.09 7.79
C THR A 96 61.28 6.14 7.28
N VAL A 97 61.46 4.85 7.53
CA VAL A 97 60.57 3.81 7.04
C VAL A 97 60.47 2.73 8.11
N ILE A 98 59.33 2.06 8.17
CA ILE A 98 59.14 0.94 9.07
C ILE A 98 59.22 -0.33 8.25
N GLU A 99 60.21 -1.16 8.54
CA GLU A 99 60.45 -2.38 7.78
C GLU A 99 59.50 -3.49 8.17
N GLY A 100 58.49 -3.20 8.97
CA GLY A 100 57.39 -4.14 9.19
C GLY A 100 56.11 -3.40 9.44
N PHE A 101 55.34 -3.84 10.43
CA PHE A 101 54.18 -3.08 10.84
C PHE A 101 54.57 -1.97 11.81
N LEU A 102 53.66 -1.01 11.95
CA LEU A 102 53.70 -0.04 13.02
C LEU A 102 52.44 -0.18 13.86
N LEU A 103 52.61 -0.56 15.11
CA LEU A 103 51.48 -0.73 16.03
C LEU A 103 51.60 0.34 17.12
N ILE A 104 50.59 1.18 17.23
CA ILE A 104 50.51 2.21 18.26
C ILE A 104 49.23 1.97 19.03
N ASP A 105 49.35 1.65 20.31
CA ASP A 105 48.15 1.27 21.03
C ASP A 105 48.28 1.52 22.52
N LEU A 106 47.12 1.68 23.14
CA LEU A 106 46.98 1.78 24.59
C LEU A 106 47.90 2.84 25.20
N ILE A 107 48.27 3.84 24.42
CA ILE A 107 48.73 5.08 25.03
C ILE A 107 47.48 5.76 25.60
N ASN A 108 47.35 5.76 26.92
CA ASN A 108 46.14 6.29 27.56
C ASN A 108 46.14 7.80 27.74
N ASP A 109 47.19 8.51 27.35
CA ASP A 109 47.06 9.94 27.06
C ASP A 109 48.27 10.36 26.24
N ALA A 110 48.05 10.66 24.95
CA ALA A 110 49.08 11.11 24.04
C ALA A 110 49.31 12.62 24.06
N SER A 111 48.56 13.39 24.84
CA SER A 111 48.76 14.83 24.86
C SER A 111 50.19 15.24 25.21
N PRO A 112 50.92 14.53 26.05
CA PRO A 112 52.33 14.85 26.27
C PRO A 112 53.25 14.70 25.05
N LEU A 113 52.69 14.36 23.89
CA LEU A 113 53.51 14.11 22.71
C LEU A 113 54.26 15.35 22.24
N ASN A 114 55.57 15.37 22.50
CA ASN A 114 56.42 16.52 22.19
C ASN A 114 56.80 16.65 20.72
N ARG A 115 56.67 15.59 19.92
CA ARG A 115 57.17 15.58 18.55
C ARG A 115 56.17 14.97 17.59
N SER A 116 56.02 15.60 16.44
CA SER A 116 55.60 14.88 15.23
C SER A 116 56.85 14.44 14.47
N PHE A 117 56.69 13.40 13.64
CA PHE A 117 57.81 12.66 13.06
C PHE A 117 57.80 12.76 11.53
N PRO A 118 58.31 13.85 10.97
CA PRO A 118 58.19 14.07 9.52
C PRO A 118 58.96 13.07 8.66
N LYS A 119 59.83 12.26 9.25
CA LYS A 119 60.59 11.29 8.49
C LYS A 119 59.82 10.01 8.13
N LEU A 120 58.76 9.65 8.84
CA LEU A 120 58.03 8.43 8.50
C LEU A 120 57.33 8.63 7.16
N THR A 121 58.10 8.39 6.10
CA THR A 121 57.55 8.48 4.76
C THR A 121 56.59 7.34 4.46
N GLU A 122 56.89 6.14 4.97
CA GLU A 122 56.15 4.96 4.54
C GLU A 122 56.24 3.86 5.58
N VAL A 123 55.31 2.93 5.47
CA VAL A 123 55.33 1.68 6.23
C VAL A 123 55.24 0.53 5.24
N THR A 124 56.09 -0.48 5.42
CA THR A 124 56.05 -1.63 4.52
C THR A 124 54.82 -2.48 4.73
N ASP A 125 54.40 -2.68 5.98
CA ASP A 125 53.23 -3.50 6.26
C ASP A 125 52.00 -2.70 6.64
N TYR A 126 51.51 -2.83 7.89
CA TYR A 126 50.25 -2.23 8.29
C TYR A 126 50.42 -1.31 9.49
N ILE A 127 49.52 -0.33 9.57
CA ILE A 127 49.42 0.59 10.70
C ILE A 127 48.21 0.18 11.53
N ILE A 128 48.41 -0.03 12.82
CA ILE A 128 47.32 -0.22 13.76
C ILE A 128 47.41 0.85 14.83
N ILE A 129 46.35 1.65 14.96
CA ILE A 129 46.20 2.61 16.03
C ILE A 129 45.02 2.15 16.89
N TYR A 130 45.29 1.73 18.12
CA TYR A 130 44.27 1.01 18.87
C TYR A 130 44.14 1.56 20.28
N ARG A 131 42.90 1.83 20.68
CA ARG A 131 42.55 2.33 22.00
C ARG A 131 43.36 3.54 22.45
N VAL A 132 44.09 4.19 21.56
CA VAL A 132 44.88 5.34 21.98
C VAL A 132 43.94 6.50 22.26
N THR A 133 44.28 7.30 23.26
CA THR A 133 43.42 8.39 23.73
C THR A 133 44.29 9.58 24.09
N GLY A 134 43.66 10.74 24.21
CA GLY A 134 44.41 11.97 24.28
C GLY A 134 45.13 12.33 23.01
N LEU A 135 44.89 11.61 21.91
CA LEU A 135 45.50 11.89 20.62
C LEU A 135 44.44 12.48 19.70
N HIS A 136 44.64 13.72 19.25
CA HIS A 136 43.61 14.41 18.47
C HIS A 136 43.77 14.24 16.97
N SER A 137 44.97 13.99 16.45
CA SER A 137 45.11 13.72 15.03
C SER A 137 46.32 12.84 14.79
N LEU A 138 46.21 11.97 13.79
CA LEU A 138 47.36 11.19 13.35
C LEU A 138 48.41 12.04 12.65
N SER A 139 48.03 13.20 12.13
CA SER A 139 49.04 14.15 11.65
C SER A 139 49.96 14.62 12.76
N LYS A 140 49.53 14.54 14.02
CA LYS A 140 50.43 14.89 15.11
C LYS A 140 51.51 13.84 15.34
N ILE A 141 51.32 12.63 14.85
CA ILE A 141 52.40 11.65 14.74
C ILE A 141 53.03 11.67 13.35
N PHE A 142 52.20 11.63 12.30
CA PHE A 142 52.66 11.43 10.94
C PHE A 142 52.49 12.72 10.15
N PRO A 143 53.52 13.55 10.02
CA PRO A 143 53.44 14.61 9.01
C PRO A 143 53.40 14.08 7.59
N ASN A 144 54.15 13.02 7.30
CA ASN A 144 54.46 12.65 5.92
C ASN A 144 54.28 11.15 5.67
N LEU A 145 53.38 10.50 6.39
CA LEU A 145 53.08 9.11 6.08
C LEU A 145 52.45 9.05 4.70
N SER A 146 53.28 8.92 3.68
CA SER A 146 52.81 9.05 2.31
C SER A 146 52.35 7.74 1.66
N VAL A 147 52.84 6.59 2.07
CA VAL A 147 52.34 5.34 1.52
C VAL A 147 52.35 4.24 2.58
N ILE A 148 51.28 3.45 2.58
CA ILE A 148 51.26 2.15 3.25
C ILE A 148 51.42 1.10 2.16
N ARG A 149 52.49 0.33 2.22
CA ARG A 149 52.76 -0.62 1.14
C ARG A 149 51.97 -1.91 1.30
N GLY A 150 51.81 -2.38 2.53
CA GLY A 150 50.98 -3.56 2.75
C GLY A 150 51.59 -4.87 2.31
N ASN A 151 52.92 -5.00 2.37
CA ASN A 151 53.55 -6.27 2.05
C ASN A 151 53.11 -7.39 2.99
N LYS A 152 52.67 -7.06 4.19
CA LYS A 152 51.78 -7.91 4.96
C LYS A 152 50.54 -7.13 5.36
N LEU A 153 49.45 -7.84 5.61
CA LEU A 153 48.19 -7.20 5.97
C LEU A 153 47.62 -7.85 7.21
N PHE A 154 47.15 -7.02 8.12
CA PHE A 154 46.49 -7.50 9.34
C PHE A 154 45.06 -7.89 9.04
N ASP A 155 44.77 -9.17 9.08
CA ASP A 155 43.47 -9.71 8.72
C ASP A 155 43.04 -9.33 7.32
N GLY A 156 43.94 -8.82 6.50
CA GLY A 156 43.60 -8.25 5.23
C GLY A 156 43.51 -6.73 5.21
N TYR A 157 43.40 -6.10 6.37
CA TYR A 157 43.44 -4.64 6.42
C TYR A 157 44.88 -4.14 6.48
N ALA A 158 45.11 -2.99 5.86
CA ALA A 158 46.42 -2.34 5.92
C ALA A 158 46.47 -1.22 6.94
N LEU A 159 45.39 -0.48 7.11
CA LEU A 159 45.27 0.57 8.12
C LEU A 159 44.10 0.26 9.03
N VAL A 160 44.35 0.19 10.33
CA VAL A 160 43.32 0.00 11.33
C VAL A 160 43.41 1.15 12.31
N VAL A 161 42.28 1.82 12.55
CA VAL A 161 42.21 2.96 13.46
C VAL A 161 40.98 2.75 14.33
N TYR A 162 41.18 2.13 15.49
CA TYR A 162 40.13 1.43 16.22
C TYR A 162 40.03 1.96 17.64
N SER A 163 38.84 2.49 17.98
CA SER A 163 38.53 2.93 19.34
C SER A 163 39.44 4.03 19.88
N ASN A 164 39.90 4.94 19.02
CA ASN A 164 40.78 6.04 19.42
C ASN A 164 39.94 7.24 19.87
N PHE A 165 39.55 7.27 21.13
CA PHE A 165 38.43 8.12 21.52
C PHE A 165 38.68 9.61 21.30
N ASP A 166 39.93 10.07 21.27
CA ASP A 166 40.21 11.47 21.02
C ASP A 166 40.57 11.79 19.57
N LEU A 167 40.66 10.79 18.70
CA LEU A 167 41.11 11.04 17.33
C LEU A 167 39.95 11.67 16.57
N MET A 168 39.77 12.97 16.80
CA MET A 168 38.71 13.70 16.10
C MET A 168 39.08 14.02 14.65
N ASP A 169 40.37 14.06 14.31
CA ASP A 169 40.82 14.36 12.96
C ASP A 169 41.75 13.25 12.50
N LEU A 170 41.68 12.88 11.21
CA LEU A 170 42.62 11.90 10.68
C LEU A 170 43.94 12.53 10.27
N GLY A 171 43.90 13.50 9.38
CA GLY A 171 45.06 14.33 9.10
C GLY A 171 46.10 13.75 8.17
N LEU A 172 45.87 12.57 7.57
CA LEU A 172 46.85 12.03 6.65
C LEU A 172 46.79 12.73 5.30
N HIS A 173 46.87 14.06 5.31
CA HIS A 173 46.88 14.83 4.06
C HIS A 173 47.93 14.32 3.07
N LYS A 174 49.12 13.96 3.56
CA LYS A 174 50.20 13.45 2.73
C LYS A 174 50.01 12.02 2.26
N LEU A 175 49.06 11.27 2.82
CA LEU A 175 48.85 9.89 2.38
C LEU A 175 48.39 9.88 0.94
N ARG A 176 49.18 9.26 0.08
CA ARG A 176 48.87 9.19 -1.35
C ARG A 176 48.53 7.78 -1.83
N SER A 177 49.02 6.73 -1.18
CA SER A 177 48.67 5.37 -1.56
C SER A 177 48.52 4.48 -0.33
N ILE A 178 47.49 3.63 -0.33
CA ILE A 178 47.46 2.39 0.43
C ILE A 178 47.43 1.25 -0.56
N THR A 179 48.48 0.44 -0.57
CA THR A 179 48.85 -0.27 -1.78
C THR A 179 48.33 -1.71 -1.79
N ARG A 180 47.78 -2.19 -0.68
CA ARG A 180 47.13 -3.49 -0.66
C ARG A 180 46.07 -3.48 0.43
N GLY A 181 45.20 -4.49 0.39
CA GLY A 181 44.30 -4.68 1.50
C GLY A 181 43.24 -3.62 1.53
N GLY A 182 43.08 -3.00 2.69
CA GLY A 182 42.03 -2.04 2.88
C GLY A 182 42.16 -1.36 4.21
N VAL A 183 41.07 -0.73 4.63
CA VAL A 183 41.09 0.16 5.78
C VAL A 183 39.85 -0.12 6.63
N ARG A 184 40.05 -0.19 7.94
CA ARG A 184 38.96 -0.27 8.90
C ARG A 184 39.16 0.80 9.96
N ILE A 185 38.31 1.80 9.95
CA ILE A 185 38.32 2.87 10.94
C ILE A 185 37.00 2.77 11.68
N GLU A 186 37.05 2.42 12.96
CA GLU A 186 35.83 2.04 13.65
C GLU A 186 35.91 2.42 15.12
N LYS A 187 34.74 2.69 15.69
CA LYS A 187 34.55 3.03 17.10
C LYS A 187 35.27 4.32 17.51
N ASN A 188 35.66 5.18 16.58
CA ASN A 188 36.21 6.49 16.93
C ASN A 188 35.05 7.47 17.12
N HIS A 189 34.36 7.34 18.26
CA HIS A 189 33.08 8.03 18.41
C HIS A 189 33.20 9.53 18.19
N LYS A 190 34.40 10.09 18.35
CA LYS A 190 34.61 11.50 18.12
C LYS A 190 35.20 11.82 16.74
N LEU A 191 35.69 10.83 16.01
CA LEU A 191 36.25 11.10 14.68
C LEU A 191 35.19 11.64 13.73
N CYS A 192 35.62 12.54 12.85
CA CYS A 192 34.75 13.17 11.87
C CYS A 192 35.49 13.28 10.54
N TYR A 193 34.71 13.52 9.49
CA TYR A 193 35.18 13.59 8.12
C TYR A 193 35.82 12.31 7.57
N ASP A 194 36.04 11.30 8.41
CA ASP A 194 36.43 9.98 7.92
C ASP A 194 35.55 9.53 6.76
N ARG A 195 34.27 9.89 6.82
CA ARG A 195 33.32 9.54 5.79
C ARG A 195 33.59 10.22 4.45
N THR A 196 34.33 11.32 4.45
CA THR A 196 34.48 12.12 3.24
C THR A 196 35.59 11.61 2.31
N ILE A 197 36.75 11.27 2.85
CA ILE A 197 37.89 10.91 2.03
C ILE A 197 37.51 9.80 1.06
N ASP A 198 38.01 9.90 -0.17
CA ASP A 198 37.73 8.90 -1.20
C ASP A 198 38.70 7.74 -1.08
N TRP A 199 38.45 6.88 -0.09
CA TRP A 199 39.32 5.73 0.13
C TRP A 199 39.47 4.91 -1.13
N LEU A 200 38.42 4.79 -1.93
CA LEU A 200 38.51 4.05 -3.18
C LEU A 200 39.47 4.70 -4.17
N GLU A 201 39.90 5.93 -3.93
CA GLU A 201 40.90 6.56 -4.77
C GLU A 201 42.32 6.43 -4.22
N ILE A 202 42.47 6.29 -2.91
CA ILE A 202 43.78 6.02 -2.32
C ILE A 202 44.14 4.55 -2.46
N LEU A 203 43.15 3.67 -2.39
CA LEU A 203 43.38 2.23 -2.40
C LEU A 203 43.83 1.72 -3.76
N ALA A 204 44.25 0.46 -3.75
CA ALA A 204 44.52 -0.33 -4.95
C ALA A 204 43.26 -0.53 -5.81
N GLU A 205 43.52 -0.90 -7.06
CA GLU A 205 42.59 -0.70 -8.17
C GLU A 205 41.28 -1.47 -8.05
N ASN A 206 41.20 -2.51 -7.24
CA ASN A 206 40.00 -3.34 -7.23
C ASN A 206 39.55 -3.79 -5.84
N GLU A 207 40.19 -3.34 -4.76
CA GLU A 207 39.88 -3.78 -3.41
C GLU A 207 38.81 -2.91 -2.76
N THR A 208 38.00 -2.23 -3.58
CA THR A 208 37.07 -1.20 -3.12
C THR A 208 35.97 -1.75 -2.22
N GLN A 209 35.87 -3.07 -2.08
CA GLN A 209 35.00 -3.65 -1.07
C GLN A 209 35.56 -3.44 0.34
N LEU A 210 36.89 -3.40 0.48
CA LEU A 210 37.55 -3.62 1.76
C LEU A 210 37.81 -2.36 2.54
N VAL A 211 37.05 -1.30 2.31
CA VAL A 211 37.09 -0.11 3.15
C VAL A 211 35.82 -0.05 3.98
N VAL A 212 35.96 0.03 5.30
CA VAL A 212 34.85 -0.06 6.23
C VAL A 212 34.90 1.10 7.21
N LEU A 213 33.77 1.78 7.39
CA LEU A 213 33.68 3.01 8.17
C LEU A 213 32.41 2.98 9.01
N THR A 214 32.55 2.73 10.31
CA THR A 214 31.39 2.51 11.17
C THR A 214 31.67 3.05 12.56
N GLU A 215 30.61 3.50 13.23
CA GLU A 215 30.72 4.11 14.56
C GLU A 215 31.71 5.27 14.63
N ASN A 216 31.77 6.08 13.57
CA ASN A 216 32.50 7.34 13.62
C ASN A 216 31.52 8.50 13.67
N GLY A 217 31.84 9.49 14.51
CA GLY A 217 30.83 10.46 14.92
C GLY A 217 30.26 11.30 13.79
N LYS A 218 31.14 11.80 12.92
CA LYS A 218 30.78 12.67 11.79
C LYS A 218 30.11 13.98 12.24
N GLU A 219 30.26 14.35 13.52
CA GLU A 219 29.67 15.56 14.09
C GLU A 219 28.16 15.64 13.91
N LYS A 220 27.48 14.52 13.72
CA LYS A 220 26.03 14.51 13.62
C LYS A 220 25.40 14.82 14.96
N GLN A 251 40.46 20.27 -4.74
CA GLN A 251 39.12 20.54 -5.26
C GLN A 251 38.03 19.86 -4.45
N LEU A 252 36.85 20.48 -4.45
CA LEU A 252 35.60 19.81 -4.09
C LEU A 252 35.17 18.90 -5.24
N HIS A 253 36.08 18.00 -5.60
CA HIS A 253 36.04 17.32 -6.89
C HIS A 253 34.72 16.61 -7.15
N ASN A 254 34.20 16.83 -8.35
CA ASN A 254 32.89 16.36 -8.79
C ASN A 254 31.84 16.54 -7.70
N ASN A 255 31.78 17.78 -7.18
CA ASN A 255 30.76 18.18 -6.21
C ASN A 255 30.82 17.40 -4.89
N ARG A 256 32.00 16.88 -4.52
CA ARG A 256 32.14 16.20 -3.23
C ARG A 256 33.30 16.77 -2.43
N ARG A 257 33.08 16.90 -1.13
CA ARG A 257 34.00 17.57 -0.20
C ARG A 257 35.08 16.63 0.32
N LEU A 258 35.96 16.18 -0.59
CA LEU A 258 37.01 15.25 -0.21
C LEU A 258 38.05 15.94 0.66
N CYS A 259 37.74 16.25 1.92
CA CYS A 259 38.65 17.03 2.75
C CYS A 259 38.86 16.40 4.12
N TRP A 260 40.13 16.32 4.53
CA TRP A 260 40.57 15.83 5.83
C TRP A 260 40.21 16.83 6.93
N ASN A 261 38.93 16.89 7.30
CA ASN A 261 38.41 17.93 8.18
C ASN A 261 38.51 19.32 7.57
N SER A 262 38.37 20.35 8.43
CA SER A 262 38.18 21.71 7.93
C SER A 262 39.29 22.16 7.00
N LYS A 263 40.54 22.04 7.44
CA LYS A 263 41.63 22.73 6.74
C LYS A 263 41.91 22.12 5.38
N LEU A 264 42.33 20.86 5.35
CA LEU A 264 42.96 20.28 4.18
C LEU A 264 41.98 19.43 3.38
N CYS A 265 41.95 19.65 2.08
CA CYS A 265 41.21 18.79 1.17
C CYS A 265 42.12 17.75 0.53
N GLN A 266 41.61 16.51 0.49
CA GLN A 266 42.35 15.42 -0.13
C GLN A 266 42.52 15.67 -1.62
N THR A 267 43.77 15.62 -2.07
CA THR A 267 44.04 15.73 -3.50
C THR A 267 43.46 14.54 -4.26
N LYS A 268 42.86 14.82 -5.41
CA LYS A 268 42.80 13.84 -6.47
C LYS A 268 44.09 13.83 -7.28
N CYS A 269 44.26 12.78 -8.08
CA CYS A 269 45.20 12.76 -9.18
C CYS A 269 44.47 12.46 -10.49
N PRO A 270 44.96 12.96 -11.61
CA PRO A 270 44.39 12.59 -12.91
C PRO A 270 44.64 11.13 -13.26
N GLU A 271 43.83 10.65 -14.22
CA GLU A 271 43.71 9.21 -14.46
C GLU A 271 45.05 8.53 -14.69
N LYS A 272 46.01 9.22 -15.32
CA LYS A 272 47.29 8.59 -15.63
C LYS A 272 48.22 8.45 -14.43
N CYS A 273 47.93 9.10 -13.30
CA CYS A 273 48.83 9.07 -12.16
C CYS A 273 48.05 9.03 -10.86
N ARG A 274 46.96 8.27 -10.83
CA ARG A 274 46.26 7.99 -9.60
C ARG A 274 47.24 7.54 -8.51
N ASN A 275 47.06 8.09 -7.32
CA ASN A 275 47.89 7.81 -6.14
C ASN A 275 49.38 8.10 -6.36
N ASN A 276 49.73 8.95 -7.33
CA ASN A 276 51.13 9.29 -7.54
C ASN A 276 51.37 10.75 -7.92
N CYS A 277 50.34 11.56 -8.04
CA CYS A 277 50.55 12.98 -8.33
C CYS A 277 51.14 13.69 -7.12
N ILE A 278 51.97 14.70 -7.38
CA ILE A 278 52.40 15.59 -6.31
C ILE A 278 51.36 16.66 -6.03
N ASP A 279 50.64 17.11 -7.05
CA ASP A 279 49.50 17.99 -6.88
C ASP A 279 48.48 17.66 -7.96
N GLU A 280 47.32 18.30 -7.86
CA GLU A 280 46.24 17.97 -8.77
C GLU A 280 46.56 18.31 -10.22
N HIS A 281 47.66 19.01 -10.47
CA HIS A 281 48.13 19.26 -11.84
C HIS A 281 49.21 18.27 -12.27
N THR A 282 50.10 17.90 -11.36
CA THR A 282 51.45 17.45 -11.68
C THR A 282 51.62 15.96 -11.41
N CYS A 283 51.56 15.15 -12.47
CA CYS A 283 51.99 13.77 -12.36
C CYS A 283 53.50 13.69 -12.18
N CYS A 284 53.98 12.48 -11.85
CA CYS A 284 55.39 12.22 -11.67
C CYS A 284 55.76 10.84 -12.19
N SER A 285 57.07 10.61 -12.35
CA SER A 285 57.57 9.40 -13.00
C SER A 285 57.06 8.13 -12.32
N GLN A 286 56.79 7.12 -13.15
CA GLN A 286 56.19 5.87 -12.69
C GLN A 286 57.05 5.12 -11.67
N ASP A 287 58.37 5.27 -11.72
CA ASP A 287 59.19 4.61 -10.72
C ASP A 287 58.98 5.13 -9.30
N CYS A 288 58.35 6.29 -9.14
CA CYS A 288 57.89 6.70 -7.82
C CYS A 288 56.55 6.07 -7.50
N LEU A 289 56.32 5.84 -6.22
CA LEU A 289 55.03 5.49 -5.66
C LEU A 289 54.78 6.38 -4.45
N GLY A 290 53.54 6.78 -4.26
CA GLY A 290 53.23 7.65 -3.14
C GLY A 290 53.71 9.07 -3.35
N GLY A 291 54.02 9.43 -4.60
CA GLY A 291 54.38 10.79 -4.95
C GLY A 291 55.88 11.00 -4.99
N CYS A 292 56.24 12.20 -5.41
CA CYS A 292 57.64 12.58 -5.58
C CYS A 292 57.83 14.05 -5.18
N VAL A 293 59.05 14.37 -4.76
CA VAL A 293 59.44 15.72 -4.40
C VAL A 293 60.35 16.26 -5.48
N ILE A 294 60.09 17.50 -5.90
CA ILE A 294 60.92 18.21 -6.85
C ILE A 294 61.61 19.35 -6.09
N ASP A 295 62.94 19.38 -6.17
CA ASP A 295 63.74 20.30 -5.37
C ASP A 295 63.71 21.72 -5.95
N LYS A 296 64.46 22.63 -5.31
CA LYS A 296 64.55 24.00 -5.79
C LYS A 296 65.12 24.10 -7.20
N ASN A 297 65.91 23.12 -7.62
CA ASN A 297 66.57 23.17 -8.91
C ASN A 297 65.77 22.49 -10.01
N GLY A 298 64.88 21.57 -9.64
CA GLY A 298 64.17 20.72 -10.57
C GLY A 298 64.69 19.30 -10.58
N ASN A 299 65.56 18.94 -9.63
CA ASN A 299 65.88 17.55 -9.39
C ASN A 299 64.71 16.91 -8.66
N GLU A 300 64.48 15.64 -8.95
CA GLU A 300 63.24 14.99 -8.56
C GLU A 300 63.52 13.68 -7.86
N SER A 301 62.83 13.43 -6.77
CA SER A 301 63.11 12.29 -5.91
C SER A 301 61.81 11.61 -5.53
N CYS A 302 61.80 10.29 -5.62
CA CYS A 302 60.64 9.54 -5.20
C CYS A 302 60.56 9.53 -3.68
N ILE A 303 59.34 9.57 -3.16
CA ILE A 303 59.19 9.38 -1.73
C ILE A 303 59.31 7.90 -1.38
N SER A 304 58.83 7.02 -2.27
CA SER A 304 59.06 5.59 -2.16
C SER A 304 59.20 5.02 -3.57
N CYS A 305 59.95 3.92 -3.68
CA CYS A 305 60.13 3.27 -4.97
C CYS A 305 58.99 2.32 -5.25
N ARG A 306 58.54 2.30 -6.50
CA ARG A 306 57.43 1.43 -6.88
C ARG A 306 57.80 -0.04 -6.76
N ASN A 307 59.09 -0.36 -6.87
CA ASN A 307 59.56 -1.68 -6.50
C ASN A 307 60.55 -1.63 -5.35
N VAL A 308 61.85 -1.50 -5.63
CA VAL A 308 62.89 -1.62 -4.63
C VAL A 308 63.90 -0.50 -4.82
N SER A 309 64.88 -0.44 -3.93
CA SER A 309 65.97 0.52 -4.05
C SER A 309 67.30 -0.11 -3.67
N PHE A 310 68.35 0.38 -4.31
CA PHE A 310 69.72 0.12 -3.90
C PHE A 310 70.47 1.45 -3.92
N ASN A 311 71.33 1.65 -2.92
CA ASN A 311 71.97 2.95 -2.73
C ASN A 311 70.92 4.06 -2.64
N ASN A 312 69.74 3.71 -2.14
CA ASN A 312 68.57 4.58 -2.15
C ASN A 312 68.18 5.07 -3.55
N ILE A 313 68.59 4.38 -4.61
CA ILE A 313 68.15 4.70 -5.95
C ILE A 313 67.08 3.70 -6.36
N CYS A 314 65.94 4.21 -6.82
CA CYS A 314 64.85 3.33 -7.22
C CYS A 314 65.19 2.59 -8.50
N MET A 315 64.83 1.30 -8.53
CA MET A 315 65.04 0.47 -9.71
C MET A 315 64.04 -0.67 -9.63
N ASP A 316 63.78 -1.27 -10.78
CA ASP A 316 62.69 -2.25 -10.85
C ASP A 316 63.08 -3.57 -10.21
N SER A 317 64.37 -3.80 -10.01
CA SER A 317 64.84 -5.02 -9.36
C SER A 317 66.24 -4.78 -8.83
N CYS A 318 66.64 -5.63 -7.90
CA CYS A 318 67.91 -5.44 -7.23
C CYS A 318 69.07 -5.60 -8.21
N PRO A 319 70.21 -4.99 -7.90
CA PRO A 319 71.45 -5.43 -8.54
C PRO A 319 71.82 -6.84 -8.12
N LYS A 320 72.64 -7.47 -8.95
CA LYS A 320 73.13 -8.81 -8.64
C LYS A 320 74.01 -8.80 -7.39
N GLY A 321 74.00 -9.92 -6.68
CA GLY A 321 74.68 -10.04 -5.41
C GLY A 321 73.89 -9.60 -4.19
N TYR A 322 72.66 -9.15 -4.37
CA TYR A 322 71.82 -8.62 -3.30
C TYR A 322 70.43 -9.23 -3.38
N TYR A 323 69.69 -9.10 -2.29
CA TYR A 323 68.38 -9.73 -2.15
C TYR A 323 67.35 -8.67 -1.82
N GLN A 324 66.18 -8.79 -2.42
CA GLN A 324 65.07 -7.90 -2.14
C GLN A 324 64.52 -8.15 -0.74
N PHE A 325 64.25 -7.05 0.00
CA PHE A 325 63.59 -7.13 1.31
C PHE A 325 62.57 -5.99 1.45
N ASP A 326 61.38 -6.22 0.89
CA ASP A 326 60.25 -5.30 0.93
C ASP A 326 60.54 -3.91 0.39
N SER A 327 61.23 -3.11 1.17
CA SER A 327 61.53 -1.74 0.77
C SER A 327 62.81 -1.63 -0.02
N ARG A 328 63.79 -2.49 0.25
CA ARG A 328 65.15 -2.24 -0.19
C ARG A 328 65.85 -3.56 -0.40
N CYS A 329 66.94 -3.50 -1.17
CA CYS A 329 67.85 -4.62 -1.34
C CYS A 329 68.86 -4.68 -0.20
N VAL A 330 69.25 -5.90 0.16
CA VAL A 330 70.15 -6.14 1.28
C VAL A 330 71.18 -7.18 0.89
N THR A 331 72.31 -7.17 1.59
CA THR A 331 73.25 -8.28 1.49
C THR A 331 72.73 -9.49 2.26
N ALA A 332 73.31 -10.65 1.96
CA ALA A 332 73.03 -11.85 2.74
C ALA A 332 73.33 -11.66 4.22
N ASN A 333 74.47 -11.05 4.53
CA ASN A 333 74.85 -10.87 5.92
C ASN A 333 73.91 -9.91 6.65
N GLU A 334 73.30 -8.96 5.95
CA GLU A 334 72.17 -8.24 6.54
C GLU A 334 70.94 -9.13 6.68
N CYS A 335 70.50 -9.74 5.58
CA CYS A 335 69.25 -10.49 5.60
C CYS A 335 69.18 -11.50 6.73
N ILE A 336 70.28 -12.22 6.97
CA ILE A 336 70.22 -13.24 8.03
C ILE A 336 70.00 -12.58 9.40
N THR A 337 70.40 -11.32 9.55
CA THR A 337 70.13 -10.58 10.77
C THR A 337 68.79 -9.84 10.77
N LEU A 338 68.27 -9.50 9.60
CA LEU A 338 66.97 -8.85 9.51
C LEU A 338 65.86 -9.84 9.82
N THR A 339 64.71 -9.31 10.23
CA THR A 339 63.67 -10.13 10.84
C THR A 339 62.31 -9.55 10.49
N LYS A 340 61.30 -10.41 10.54
CA LYS A 340 59.91 -10.00 10.58
C LYS A 340 59.25 -10.69 11.77
N PHE A 341 58.25 -10.04 12.34
CA PHE A 341 57.46 -10.65 13.40
C PHE A 341 56.15 -11.17 12.85
N GLU A 342 55.90 -12.46 13.06
CA GLU A 342 54.72 -13.13 12.53
C GLU A 342 54.27 -14.19 13.51
N THR A 343 52.97 -14.43 13.56
CA THR A 343 52.40 -15.53 14.34
C THR A 343 52.90 -15.50 15.78
N ASN A 344 52.91 -14.32 16.38
CA ASN A 344 53.45 -14.14 17.72
C ASN A 344 54.87 -14.69 17.82
N SER A 345 55.63 -14.58 16.73
CA SER A 345 56.93 -15.22 16.61
C SER A 345 57.83 -14.31 15.80
N VAL A 346 59.13 -14.39 16.05
CA VAL A 346 60.13 -13.70 15.24
C VAL A 346 60.71 -14.70 14.24
N TYR A 347 60.73 -14.32 12.98
CA TYR A 347 61.42 -15.07 11.94
C TYR A 347 62.61 -14.27 11.42
N SER A 348 63.75 -14.94 11.31
CA SER A 348 64.89 -14.40 10.60
C SER A 348 64.63 -14.37 9.10
N GLY A 349 65.33 -13.46 8.42
CA GLY A 349 65.41 -13.54 6.98
C GLY A 349 66.31 -14.67 6.55
N ILE A 350 65.94 -15.32 5.45
CA ILE A 350 66.82 -16.23 4.74
C ILE A 350 67.13 -15.63 3.37
N PRO A 351 68.38 -15.34 3.05
CA PRO A 351 68.70 -14.78 1.73
C PRO A 351 68.65 -15.85 0.67
N TYR A 352 67.58 -15.88 -0.14
CA TYR A 352 67.39 -16.96 -1.08
C TYR A 352 66.73 -16.46 -2.36
N ASN A 353 67.21 -16.97 -3.48
CA ASN A 353 66.58 -16.77 -4.79
C ASN A 353 66.26 -15.30 -5.04
N GLY A 354 67.20 -14.43 -4.70
CA GLY A 354 67.02 -13.01 -4.92
C GLY A 354 66.17 -12.29 -3.90
N GLN A 355 65.69 -12.97 -2.86
CA GLN A 355 64.81 -12.36 -1.88
C GLN A 355 65.31 -12.69 -0.48
N CYS A 356 64.93 -11.85 0.47
CA CYS A 356 65.16 -12.12 1.89
C CYS A 356 63.86 -12.71 2.44
N ILE A 357 63.78 -14.04 2.43
CA ILE A 357 62.53 -14.74 2.63
C ILE A 357 62.53 -15.36 4.02
N THR A 358 61.43 -15.17 4.75
CA THR A 358 61.28 -15.66 6.11
C THR A 358 60.93 -17.14 6.17
N HIS A 359 60.77 -17.78 5.02
CA HIS A 359 60.26 -19.13 4.95
C HIS A 359 60.64 -19.71 3.60
N CYS A 360 61.25 -20.89 3.60
CA CYS A 360 61.70 -21.45 2.33
C CYS A 360 60.50 -21.78 1.44
N PRO A 361 60.57 -21.49 0.16
CA PRO A 361 59.42 -21.72 -0.72
C PRO A 361 59.16 -23.21 -0.93
N THR A 362 58.06 -23.49 -1.62
CA THR A 362 57.55 -24.85 -1.71
C THR A 362 58.62 -25.81 -2.25
N GLY A 363 58.78 -26.93 -1.56
CA GLY A 363 59.77 -27.92 -1.92
C GLY A 363 61.14 -27.69 -1.31
N TYR A 364 61.34 -26.60 -0.60
CA TYR A 364 62.59 -26.30 0.08
C TYR A 364 62.34 -26.19 1.59
N GLN A 365 63.40 -26.43 2.35
CA GLN A 365 63.34 -26.31 3.80
C GLN A 365 64.64 -25.68 4.27
N LYS A 366 64.62 -25.20 5.51
CA LYS A 366 65.75 -24.44 6.02
C LYS A 366 67.01 -25.31 6.12
N SER A 367 68.14 -24.69 5.78
CA SER A 367 69.45 -25.28 6.04
C SER A 367 69.70 -25.39 7.55
N GLU A 368 70.67 -26.24 7.89
CA GLU A 368 70.94 -26.52 9.30
C GLU A 368 71.34 -25.25 10.04
N ASN A 369 72.19 -24.43 9.42
CA ASN A 369 72.59 -23.14 9.96
C ASN A 369 71.55 -22.04 9.73
N LYS A 370 70.43 -22.37 9.09
CA LYS A 370 69.39 -21.42 8.70
C LYS A 370 69.83 -20.34 7.71
N ARG A 371 71.08 -20.36 7.27
CA ARG A 371 71.53 -19.31 6.37
C ARG A 371 70.99 -19.46 4.95
N MET A 372 70.37 -20.60 4.64
CA MET A 372 70.13 -21.02 3.26
C MET A 372 68.92 -21.93 3.25
N CYS A 373 68.36 -22.16 2.06
CA CYS A 373 67.36 -23.19 1.85
C CYS A 373 67.88 -24.30 0.95
N GLU A 374 67.41 -25.52 1.22
CA GLU A 374 67.73 -26.70 0.45
C GLU A 374 66.47 -27.54 0.27
N PRO A 375 66.45 -28.44 -0.71
CA PRO A 375 65.23 -29.22 -0.98
C PRO A 375 64.80 -30.05 0.22
N CYS A 376 63.47 -30.20 0.35
CA CYS A 376 62.91 -31.14 1.29
C CYS A 376 63.38 -32.56 0.94
N PRO A 377 63.34 -33.49 1.88
CA PRO A 377 63.66 -34.88 1.55
C PRO A 377 62.74 -35.41 0.46
N GLY A 378 63.34 -35.77 -0.68
CA GLY A 378 62.57 -36.13 -1.85
C GLY A 378 61.86 -34.98 -2.52
N GLY A 379 62.30 -33.75 -2.27
CA GLY A 379 61.77 -32.59 -2.94
C GLY A 379 60.43 -32.07 -2.45
N LYS A 380 59.77 -32.76 -1.52
CA LYS A 380 58.54 -32.25 -0.91
C LYS A 380 58.56 -32.42 0.60
N CYS A 381 58.08 -31.40 1.29
CA CYS A 381 57.99 -31.36 2.75
C CYS A 381 56.67 -31.93 3.24
N ASP A 382 56.60 -32.17 4.55
CA ASP A 382 55.47 -32.87 5.16
C ASP A 382 55.10 -32.22 6.50
N LYS A 383 54.81 -30.92 6.45
CA LYS A 383 54.38 -30.19 7.65
C LYS A 383 53.02 -30.69 8.14
N GLU A 384 52.95 -31.04 9.42
CA GLU A 384 51.72 -31.48 10.05
C GLU A 384 51.28 -30.50 11.13
N CYS A 385 49.98 -30.15 11.12
CA CYS A 385 49.42 -29.07 11.92
C CYS A 385 48.16 -29.52 12.63
N SER A 386 47.96 -29.06 13.86
CA SER A 386 46.76 -29.37 14.61
C SER A 386 45.52 -28.65 14.08
N SER A 387 44.41 -29.38 14.04
CA SER A 387 43.12 -28.81 13.69
C SER A 387 42.65 -27.79 14.72
N GLY A 388 42.01 -26.72 14.25
CA GLY A 388 41.41 -25.76 15.17
C GLY A 388 40.61 -24.72 14.43
N LEU A 389 39.86 -23.94 15.21
CA LEU A 389 38.93 -22.94 14.71
C LEU A 389 39.65 -21.81 14.01
N ILE A 390 39.45 -21.69 12.69
CA ILE A 390 39.90 -20.52 11.93
C ILE A 390 38.85 -19.43 12.03
N ASP A 391 39.01 -18.50 12.98
CA ASP A 391 38.05 -17.42 13.16
C ASP A 391 38.32 -16.20 12.28
N SER A 392 39.44 -16.15 11.57
CA SER A 392 39.87 -14.93 10.90
C SER A 392 40.97 -15.30 9.92
N LEU A 393 41.24 -14.38 9.01
CA LEU A 393 42.38 -14.58 8.10
C LEU A 393 43.71 -14.47 8.84
N GLU A 394 43.77 -13.67 9.90
CA GLU A 394 44.98 -13.59 10.70
C GLU A 394 45.27 -14.89 11.43
N ARG A 395 44.25 -15.70 11.70
CA ARG A 395 44.50 -17.04 12.23
C ARG A 395 44.80 -18.05 11.13
N ALA A 396 44.22 -17.89 9.94
CA ALA A 396 44.58 -18.73 8.81
C ALA A 396 46.05 -18.57 8.42
N ARG A 397 46.63 -17.39 8.63
CA ARG A 397 48.08 -17.24 8.47
C ARG A 397 48.86 -18.32 9.21
N GLU A 398 48.36 -18.75 10.36
CA GLU A 398 49.06 -19.73 11.19
C GLU A 398 49.20 -21.10 10.51
N PHE A 399 48.44 -21.36 9.46
CA PHE A 399 48.55 -22.60 8.70
C PHE A 399 49.51 -22.54 7.51
N HIS A 400 50.13 -21.41 7.22
CA HIS A 400 50.99 -21.35 6.04
C HIS A 400 52.03 -22.45 6.08
N GLY A 401 52.07 -23.22 5.00
CA GLY A 401 52.96 -24.35 4.86
C GLY A 401 52.53 -25.64 5.54
N CYS A 402 51.39 -25.69 6.20
CA CYS A 402 50.86 -26.98 6.60
C CYS A 402 50.66 -27.84 5.36
N THR A 403 50.70 -29.16 5.53
CA THR A 403 50.24 -30.01 4.45
C THR A 403 49.32 -31.14 4.92
N ILE A 404 49.55 -31.66 6.11
CA ILE A 404 48.57 -32.50 6.79
C ILE A 404 47.97 -31.70 7.93
N ILE A 405 46.63 -31.69 8.00
CA ILE A 405 45.93 -31.18 9.17
C ILE A 405 45.52 -32.38 10.00
N THR A 406 45.74 -32.29 11.31
CA THR A 406 45.74 -33.46 12.18
C THR A 406 44.93 -33.20 13.42
N GLY A 407 44.70 -34.27 14.18
CA GLY A 407 44.09 -34.16 15.49
C GLY A 407 42.58 -34.05 15.50
N THR A 408 42.00 -34.55 16.58
CA THR A 408 40.61 -35.00 16.56
C THR A 408 39.60 -33.86 16.42
N GLU A 409 39.98 -32.63 16.74
CA GLU A 409 39.03 -31.54 16.53
C GLU A 409 38.74 -31.38 15.04
N PRO A 410 37.49 -31.10 14.68
CA PRO A 410 37.20 -30.77 13.27
C PRO A 410 37.81 -29.43 12.88
N LEU A 411 38.50 -29.41 11.75
CA LEU A 411 39.01 -28.15 11.24
C LEU A 411 37.85 -27.26 10.85
N THR A 412 37.65 -26.14 11.54
CA THR A 412 36.43 -25.36 11.40
C THR A 412 36.78 -24.00 10.79
N ILE A 413 36.48 -23.83 9.52
CA ILE A 413 36.50 -22.51 8.89
C ILE A 413 35.26 -21.75 9.33
N SER A 414 35.44 -20.57 9.88
CA SER A 414 34.34 -19.76 10.36
C SER A 414 34.67 -18.28 10.18
N ILE A 415 35.16 -17.93 8.99
CA ILE A 415 35.49 -16.56 8.66
C ILE A 415 34.22 -15.75 8.51
N LYS A 416 34.16 -14.60 9.18
CA LYS A 416 32.94 -13.81 9.22
C LYS A 416 33.15 -12.40 8.66
N ARG A 417 34.10 -12.27 7.75
CA ARG A 417 34.24 -11.04 6.98
C ARG A 417 32.95 -10.75 6.25
N GLU A 418 32.75 -9.50 5.86
CA GLU A 418 31.70 -9.16 4.91
C GLU A 418 32.27 -8.60 3.61
N SER A 419 31.57 -8.94 2.52
CA SER A 419 32.06 -8.78 1.18
C SER A 419 33.35 -9.54 0.90
N GLY A 420 34.41 -9.27 1.65
CA GLY A 420 35.45 -10.25 1.77
C GLY A 420 36.33 -10.29 0.54
N ALA A 421 36.75 -9.12 0.05
CA ALA A 421 37.62 -9.09 -1.12
C ALA A 421 38.91 -9.88 -0.91
N HIS A 422 39.40 -9.97 0.31
CA HIS A 422 40.63 -10.71 0.59
C HIS A 422 40.43 -12.16 1.03
N VAL A 423 39.20 -12.60 1.29
CA VAL A 423 39.00 -13.88 1.98
C VAL A 423 39.66 -15.02 1.21
N MET A 424 39.43 -15.09 -0.09
CA MET A 424 40.04 -16.17 -0.87
C MET A 424 41.56 -16.07 -0.89
N ASP A 425 42.11 -14.88 -0.94
CA ASP A 425 43.57 -14.78 -1.07
C ASP A 425 44.26 -15.25 0.21
N GLU A 426 43.80 -14.78 1.36
CA GLU A 426 44.49 -15.17 2.59
C GLU A 426 44.18 -16.61 2.94
N LEU A 427 43.02 -17.12 2.53
CA LEU A 427 42.79 -18.54 2.72
C LEU A 427 43.68 -19.39 1.82
N LYS A 428 43.96 -18.95 0.59
CA LYS A 428 44.99 -19.60 -0.20
C LYS A 428 46.31 -19.64 0.57
N TYR A 429 46.76 -18.48 1.04
CA TYR A 429 48.00 -18.41 1.79
C TYR A 429 47.99 -19.35 2.98
N GLY A 430 46.85 -19.53 3.61
CA GLY A 430 46.76 -20.41 4.75
C GLY A 430 46.75 -21.90 4.48
N LEU A 431 45.89 -22.37 3.58
CA LEU A 431 45.60 -23.79 3.49
C LEU A 431 45.75 -24.38 2.10
N ALA A 432 46.18 -23.60 1.11
CA ALA A 432 46.37 -24.15 -0.23
C ALA A 432 47.33 -25.32 -0.23
N ALA A 433 48.35 -25.29 0.63
CA ALA A 433 49.30 -26.40 0.69
C ALA A 433 48.76 -27.62 1.41
N VAL A 434 47.56 -27.55 1.99
CA VAL A 434 46.99 -28.71 2.65
C VAL A 434 46.62 -29.74 1.59
N HIS A 435 47.18 -30.94 1.70
CA HIS A 435 46.81 -32.02 0.79
C HIS A 435 45.86 -33.04 1.40
N LYS A 436 45.84 -33.20 2.72
CA LYS A 436 44.73 -33.95 3.32
C LYS A 436 44.43 -33.44 4.71
N ILE A 437 43.19 -33.66 5.13
CA ILE A 437 42.72 -33.34 6.48
C ILE A 437 42.40 -34.65 7.19
N GLN A 438 43.11 -34.91 8.29
CA GLN A 438 42.91 -36.16 9.00
C GLN A 438 41.57 -36.20 9.72
N SER A 439 41.13 -35.09 10.29
CA SER A 439 39.81 -35.03 10.91
C SER A 439 38.73 -34.73 9.87
N SER A 440 37.54 -34.41 10.36
CA SER A 440 36.53 -33.73 9.55
C SER A 440 36.94 -32.30 9.20
N LEU A 441 36.42 -31.82 8.08
CA LEU A 441 36.33 -30.40 7.80
C LEU A 441 34.93 -29.89 8.11
N MET A 442 34.86 -28.70 8.69
CA MET A 442 33.61 -28.04 9.00
C MET A 442 33.74 -26.59 8.56
N VAL A 443 32.72 -26.04 7.93
CA VAL A 443 32.73 -24.64 7.51
C VAL A 443 31.39 -24.02 7.86
N HIS A 444 31.38 -23.17 8.89
CA HIS A 444 30.19 -22.87 9.66
C HIS A 444 30.07 -21.37 9.91
N LEU A 445 28.86 -20.84 9.71
CA LEU A 445 28.56 -19.42 9.92
C LEU A 445 29.53 -18.50 9.18
N THR A 446 30.04 -18.91 8.04
CA THR A 446 30.92 -18.02 7.30
C THR A 446 30.14 -16.89 6.64
N TYR A 447 30.85 -15.80 6.39
CA TYR A 447 30.38 -14.68 5.58
C TYR A 447 31.51 -14.27 4.66
N GLY A 448 31.18 -13.81 3.46
CA GLY A 448 32.20 -13.40 2.53
C GLY A 448 33.05 -14.51 1.94
N LEU A 449 33.02 -15.71 2.49
CA LEU A 449 33.67 -16.86 1.88
C LEU A 449 32.86 -17.33 0.69
N LYS A 450 33.38 -17.08 -0.52
CA LYS A 450 32.66 -17.49 -1.73
C LYS A 450 32.72 -19.00 -1.94
N SER A 451 33.88 -19.61 -1.73
CA SER A 451 34.05 -20.98 -2.18
C SER A 451 35.18 -21.65 -1.41
N LEU A 452 35.16 -22.97 -1.42
CA LEU A 452 36.25 -23.79 -0.95
C LEU A 452 37.36 -24.00 -1.98
N LYS A 453 37.42 -23.19 -3.02
CA LYS A 453 38.51 -23.29 -3.98
C LYS A 453 39.86 -22.97 -3.38
N PHE A 454 39.92 -22.38 -2.20
CA PHE A 454 41.22 -22.14 -1.56
C PHE A 454 41.91 -23.42 -1.12
N PHE A 455 41.17 -24.52 -0.96
CA PHE A 455 41.77 -25.80 -0.66
C PHE A 455 42.45 -26.39 -1.89
N GLN A 456 43.32 -25.60 -2.53
CA GLN A 456 43.82 -25.94 -3.85
C GLN A 456 44.44 -27.33 -3.92
N SER A 457 45.18 -27.72 -2.90
CA SER A 457 45.82 -29.04 -2.90
C SER A 457 45.03 -30.11 -2.17
N LEU A 458 43.87 -29.81 -1.61
CA LEU A 458 43.20 -30.82 -0.80
C LEU A 458 42.77 -31.98 -1.68
N THR A 459 43.08 -33.20 -1.24
CA THR A 459 42.69 -34.41 -1.94
C THR A 459 41.91 -35.41 -1.11
N GLU A 460 42.02 -35.40 0.21
CA GLU A 460 41.38 -36.42 1.03
C GLU A 460 40.97 -35.81 2.36
N ILE A 461 39.78 -36.16 2.82
CA ILE A 461 39.34 -35.93 4.18
C ILE A 461 39.27 -37.28 4.88
N SER A 462 40.34 -37.64 5.58
CA SER A 462 40.42 -38.99 6.13
C SER A 462 39.38 -39.23 7.20
N GLY A 463 38.97 -38.17 7.90
CA GLY A 463 37.94 -38.33 8.90
C GLY A 463 38.26 -39.37 9.95
N ASP A 464 39.54 -39.54 10.27
CA ASP A 464 39.94 -40.65 11.13
C ASP A 464 39.13 -40.72 12.41
N PRO A 465 39.02 -39.65 13.19
CA PRO A 465 37.84 -39.46 14.03
C PRO A 465 36.88 -38.50 13.34
N PRO A 466 35.70 -38.96 12.94
CA PRO A 466 34.68 -38.00 12.49
C PRO A 466 34.16 -37.14 13.64
N MET A 467 33.15 -36.33 13.35
CA MET A 467 32.54 -35.45 14.33
C MET A 467 31.02 -35.56 14.29
N ASP A 468 30.40 -35.00 15.33
CA ASP A 468 28.95 -34.97 15.46
C ASP A 468 28.36 -36.37 15.49
N ALA A 469 28.41 -36.99 16.66
CA ALA A 469 28.14 -38.42 16.85
C ALA A 469 28.98 -39.28 15.91
N ASP A 470 30.14 -38.78 15.52
CA ASP A 470 30.99 -39.39 14.51
C ASP A 470 30.27 -39.62 13.18
N LYS A 471 29.13 -38.98 12.96
CA LYS A 471 28.36 -39.25 11.74
C LYS A 471 28.88 -38.49 10.52
N TYR A 472 29.45 -37.31 10.69
CA TYR A 472 29.70 -36.41 9.58
C TYR A 472 31.18 -36.12 9.41
N ALA A 473 31.57 -35.89 8.17
CA ALA A 473 32.96 -35.66 7.81
C ALA A 473 33.20 -34.36 7.07
N LEU A 474 32.24 -33.89 6.27
CA LEU A 474 32.31 -32.57 5.66
C LEU A 474 30.98 -31.88 5.96
N TYR A 475 31.02 -30.96 6.92
CA TYR A 475 29.85 -30.39 7.57
C TYR A 475 29.80 -28.90 7.25
N VAL A 476 28.71 -28.47 6.61
CA VAL A 476 28.69 -27.16 5.98
C VAL A 476 27.36 -26.48 6.28
N LEU A 477 27.38 -25.54 7.22
CA LEU A 477 26.16 -25.00 7.80
C LEU A 477 26.16 -23.48 7.81
N ASP A 478 25.01 -22.90 7.43
CA ASP A 478 24.69 -21.48 7.59
C ASP A 478 25.66 -20.51 6.92
N ASN A 479 26.32 -20.91 5.83
CA ASN A 479 27.20 -20.00 5.10
C ASN A 479 26.40 -19.04 4.23
N ARG A 480 26.48 -17.74 4.52
CA ARG A 480 25.66 -16.78 3.78
C ARG A 480 26.17 -16.49 2.38
N ASP A 481 27.39 -16.89 2.03
CA ASP A 481 27.96 -16.57 0.74
C ASP A 481 28.59 -17.76 0.04
N LEU A 482 28.58 -18.94 0.64
CA LEU A 482 29.19 -20.10 0.01
C LEU A 482 28.36 -20.48 -1.19
N ASP A 483 28.99 -20.56 -2.37
CA ASP A 483 28.27 -20.89 -3.59
C ASP A 483 28.97 -21.88 -4.52
N GLU A 484 30.23 -22.23 -4.29
CA GLU A 484 30.77 -23.40 -4.96
C GLU A 484 31.81 -24.05 -4.06
N LEU A 485 31.99 -25.35 -4.23
CA LEU A 485 32.96 -26.08 -3.44
C LEU A 485 34.33 -26.10 -4.14
N TRP A 486 34.76 -27.28 -4.58
CA TRP A 486 36.14 -27.45 -5.00
C TRP A 486 36.36 -26.87 -6.39
N GLY A 487 37.63 -26.73 -6.75
CA GLY A 487 38.02 -26.28 -8.06
C GLY A 487 37.56 -27.21 -9.15
N PRO A 488 37.48 -26.71 -10.38
CA PRO A 488 37.07 -27.57 -11.50
C PRO A 488 37.96 -28.79 -11.65
N ASN A 489 37.34 -29.96 -11.71
CA ASN A 489 38.01 -31.26 -11.78
C ASN A 489 38.80 -31.61 -10.54
N GLN A 490 38.73 -30.81 -9.48
CA GLN A 490 39.33 -31.22 -8.22
C GLN A 490 38.51 -32.33 -7.58
N THR A 491 39.19 -33.26 -6.91
CA THR A 491 38.55 -34.34 -6.17
C THR A 491 39.00 -34.31 -4.72
N VAL A 492 38.07 -34.57 -3.81
CA VAL A 492 38.36 -34.65 -2.37
C VAL A 492 37.73 -35.94 -1.83
N PHE A 493 38.49 -37.02 -1.84
CA PHE A 493 37.97 -38.31 -1.39
C PHE A 493 37.68 -38.27 0.12
N ILE A 494 36.53 -38.80 0.51
CA ILE A 494 36.11 -38.83 1.91
C ILE A 494 36.02 -40.28 2.35
N ARG A 495 36.80 -40.66 3.36
CA ARG A 495 36.89 -42.08 3.71
C ARG A 495 35.78 -42.52 4.65
N LYS A 496 35.31 -41.67 5.55
CA LYS A 496 34.31 -42.07 6.51
C LYS A 496 33.25 -40.98 6.68
N GLY A 497 32.12 -41.38 7.22
CA GLY A 497 31.00 -40.49 7.45
C GLY A 497 30.38 -39.95 6.18
N GLY A 498 29.26 -39.24 6.35
CA GLY A 498 28.60 -38.55 5.26
C GLY A 498 29.05 -37.12 5.15
N VAL A 499 28.46 -36.42 4.20
CA VAL A 499 28.38 -34.97 4.28
C VAL A 499 27.18 -34.55 5.12
N PHE A 500 27.19 -33.28 5.53
CA PHE A 500 26.01 -32.57 6.01
C PHE A 500 26.05 -31.18 5.39
N PHE A 501 24.99 -30.81 4.69
CA PHE A 501 24.85 -29.47 4.11
C PHE A 501 23.52 -28.88 4.53
N HIS A 502 23.55 -27.73 5.20
CA HIS A 502 22.30 -27.10 5.59
C HIS A 502 22.44 -25.60 5.58
N PHE A 503 21.33 -24.95 5.20
CA PHE A 503 21.20 -23.50 5.27
C PHE A 503 22.31 -22.75 4.55
N ASN A 504 22.86 -23.32 3.50
CA ASN A 504 23.78 -22.60 2.64
C ASN A 504 22.96 -21.96 1.52
N PRO A 505 22.39 -20.78 1.72
CA PRO A 505 21.37 -20.31 0.77
C PRO A 505 21.87 -20.17 -0.65
N LYS A 506 23.16 -20.02 -0.88
CA LYS A 506 23.67 -19.74 -2.22
C LYS A 506 24.35 -20.92 -2.89
N LEU A 507 24.37 -22.09 -2.26
CA LEU A 507 25.01 -23.28 -2.80
C LEU A 507 23.89 -24.21 -3.25
N CYS A 508 23.75 -24.43 -4.56
CA CYS A 508 22.62 -25.23 -5.01
C CYS A 508 22.91 -26.73 -4.96
N VAL A 509 21.84 -27.51 -4.83
CA VAL A 509 21.95 -28.95 -4.64
C VAL A 509 22.69 -29.62 -5.79
N SER A 510 22.55 -29.11 -7.00
CA SER A 510 23.33 -29.67 -8.10
C SER A 510 24.82 -29.61 -7.83
N THR A 511 25.29 -28.57 -7.12
CA THR A 511 26.70 -28.46 -6.77
C THR A 511 27.11 -29.38 -5.64
N ILE A 512 26.26 -29.56 -4.65
CA ILE A 512 26.53 -30.55 -3.61
C ILE A 512 26.55 -31.97 -4.19
N ASN A 513 25.67 -32.25 -5.14
CA ASN A 513 25.62 -33.58 -5.74
C ASN A 513 26.90 -33.96 -6.48
N GLN A 514 27.73 -33.00 -6.86
CA GLN A 514 29.05 -33.32 -7.38
C GLN A 514 29.91 -34.09 -6.39
N LEU A 515 29.61 -34.03 -5.10
CA LEU A 515 30.35 -34.81 -4.11
C LEU A 515 29.99 -36.29 -4.12
N LEU A 516 28.85 -36.67 -4.68
CA LEU A 516 28.44 -38.07 -4.69
C LEU A 516 29.54 -39.00 -5.17
N PRO A 517 30.21 -38.75 -6.29
CA PRO A 517 31.38 -39.55 -6.66
C PRO A 517 32.62 -39.41 -5.79
N MET A 518 32.48 -38.91 -4.56
CA MET A 518 33.62 -38.74 -3.66
C MET A 518 33.44 -39.40 -2.31
N LEU A 519 32.25 -39.84 -1.95
CA LEU A 519 32.06 -40.61 -0.72
C LEU A 519 32.53 -42.04 -0.90
N ALA A 520 32.99 -42.63 0.21
CA ALA A 520 33.48 -44.01 0.19
C ALA A 520 32.44 -44.98 -0.36
N SER A 521 31.18 -44.77 -0.04
CA SER A 521 30.10 -45.62 -0.53
C SER A 521 29.76 -45.34 -1.99
N LYS A 522 30.24 -44.24 -2.55
CA LYS A 522 29.88 -43.79 -3.89
C LYS A 522 28.36 -43.82 -4.13
N PRO A 523 27.56 -43.29 -3.23
CA PRO A 523 26.11 -43.51 -3.31
C PRO A 523 25.53 -42.75 -4.49
N LYS A 524 24.30 -43.13 -4.83
CA LYS A 524 23.55 -42.47 -5.87
C LYS A 524 22.90 -41.18 -5.38
N PHE A 525 22.78 -41.03 -4.06
CA PHE A 525 22.07 -39.92 -3.44
C PHE A 525 22.56 -39.80 -1.99
N PHE A 526 22.33 -38.64 -1.40
CA PHE A 526 22.48 -38.49 0.03
C PHE A 526 21.21 -38.94 0.75
N GLU A 527 21.37 -39.42 1.98
CA GLU A 527 20.19 -39.64 2.80
C GLU A 527 19.51 -38.32 3.12
N LYS A 528 18.20 -38.38 3.29
CA LYS A 528 17.40 -37.19 3.48
C LYS A 528 17.62 -36.50 4.81
N SER A 529 18.46 -37.05 5.70
CA SER A 529 18.93 -36.30 6.86
C SER A 529 20.11 -35.40 6.56
N ASP A 530 20.70 -35.47 5.36
CA ASP A 530 22.05 -35.01 5.14
C ASP A 530 22.19 -33.90 4.10
N VAL A 531 21.20 -33.65 3.26
CA VAL A 531 21.18 -32.45 2.43
C VAL A 531 19.76 -31.92 2.37
N GLY A 532 19.52 -30.77 2.99
CA GLY A 532 18.20 -30.15 2.97
C GLY A 532 17.88 -29.54 1.62
N ALA A 533 16.84 -30.04 0.96
CA ALA A 533 16.55 -29.68 -0.42
C ALA A 533 16.14 -28.22 -0.57
N ASP A 534 15.41 -27.66 0.39
CA ASP A 534 15.03 -26.25 0.33
C ASP A 534 16.03 -25.33 1.03
N SER A 535 16.83 -25.85 1.95
CA SER A 535 17.76 -25.02 2.68
C SER A 535 18.91 -24.54 1.82
N ASN A 536 19.30 -25.31 0.81
CA ASN A 536 20.49 -25.00 0.01
C ASN A 536 20.08 -24.35 -1.30
N GLY A 537 20.73 -23.23 -1.63
CA GLY A 537 20.62 -22.64 -2.95
C GLY A 537 19.33 -21.88 -3.21
N ASN A 538 18.46 -21.73 -2.21
CA ASN A 538 17.19 -21.07 -2.44
C ASN A 538 17.34 -19.61 -2.83
N ARG A 539 18.52 -19.01 -2.67
CA ARG A 539 18.80 -17.70 -3.24
C ARG A 539 19.75 -17.72 -4.43
N GLY A 540 20.38 -18.85 -4.71
CA GLY A 540 21.38 -18.90 -5.76
C GLY A 540 20.77 -19.29 -7.10
N SER A 541 21.36 -18.79 -8.17
CA SER A 541 21.00 -19.26 -9.50
C SER A 541 21.41 -20.73 -9.60
N CYS A 542 20.41 -21.60 -9.62
CA CYS A 542 20.67 -23.03 -9.62
C CYS A 542 21.01 -23.56 -11.01
N GLY A 543 20.62 -24.80 -11.30
CA GLY A 543 20.75 -25.34 -12.63
C GLY A 543 20.01 -24.52 -13.66
N THR A 544 20.74 -23.66 -14.38
CA THR A 544 20.16 -22.55 -15.12
C THR A 544 20.73 -22.51 -16.53
N ALA A 545 19.89 -22.09 -17.47
CA ALA A 545 20.31 -21.60 -18.76
C ALA A 545 19.51 -20.35 -19.06
N VAL A 546 20.12 -19.42 -19.80
CA VAL A 546 19.50 -18.12 -20.03
C VAL A 546 18.42 -18.22 -21.10
N LEU A 547 17.30 -17.54 -20.86
CA LEU A 547 16.32 -17.24 -21.90
C LEU A 547 16.58 -15.84 -22.43
N ASN A 548 16.64 -15.71 -23.74
CA ASN A 548 16.42 -14.42 -24.37
C ASN A 548 14.93 -14.12 -24.41
N VAL A 549 14.58 -12.87 -24.15
CA VAL A 549 13.23 -12.38 -24.38
C VAL A 549 13.31 -11.22 -25.36
N THR A 550 12.39 -11.20 -26.31
CA THR A 550 12.27 -10.12 -27.28
C THR A 550 10.92 -9.45 -27.09
N LEU A 551 10.92 -8.12 -27.01
CA LEU A 551 9.68 -7.36 -27.01
C LEU A 551 9.23 -7.17 -28.45
N GLN A 552 8.11 -7.80 -28.83
CA GLN A 552 7.65 -7.73 -30.22
C GLN A 552 7.09 -6.35 -30.54
N SER A 553 6.31 -5.77 -29.64
CA SER A 553 5.62 -4.52 -29.91
C SER A 553 5.44 -3.76 -28.61
N VAL A 554 5.53 -2.44 -28.70
CA VAL A 554 5.14 -1.54 -27.64
C VAL A 554 3.89 -0.81 -28.09
N GLY A 555 2.85 -0.84 -27.27
CA GLY A 555 1.73 0.05 -27.42
C GLY A 555 1.70 1.07 -26.31
N ALA A 556 0.65 1.88 -26.31
CA ALA A 556 0.49 2.84 -25.23
C ALA A 556 0.09 2.16 -23.94
N ASN A 557 -0.84 1.21 -24.01
CA ASN A 557 -1.34 0.52 -22.83
C ASN A 557 -1.11 -0.98 -22.87
N SER A 558 -0.33 -1.47 -23.83
CA SER A 558 -0.12 -2.89 -23.99
C SER A 558 1.22 -3.12 -24.64
N ALA A 559 1.77 -4.31 -24.40
CA ALA A 559 2.99 -4.73 -25.08
C ALA A 559 2.98 -6.25 -25.13
N MET A 560 3.63 -6.79 -26.15
CA MET A 560 3.73 -8.23 -26.32
C MET A 560 5.17 -8.67 -26.19
N LEU A 561 5.41 -9.62 -25.31
CA LEU A 561 6.71 -10.20 -25.07
C LEU A 561 6.71 -11.59 -25.66
N ASN A 562 7.74 -11.91 -26.45
CA ASN A 562 7.88 -13.25 -27.00
C ASN A 562 9.21 -13.83 -26.54
N VAL A 563 9.16 -15.03 -25.96
CA VAL A 563 10.36 -15.75 -25.53
C VAL A 563 11.04 -16.38 -26.73
N THR A 564 11.95 -15.64 -27.35
CA THR A 564 12.56 -16.09 -28.59
C THR A 564 13.61 -17.16 -28.39
N THR A 565 14.03 -17.45 -27.17
CA THR A 565 14.71 -18.70 -26.90
C THR A 565 13.74 -19.87 -27.00
N LYS A 566 14.19 -20.94 -27.65
CA LYS A 566 13.38 -22.12 -27.85
C LYS A 566 13.19 -22.88 -26.55
N VAL A 567 12.28 -23.84 -26.57
CA VAL A 567 12.23 -24.92 -25.58
C VAL A 567 11.88 -26.20 -26.31
N GLU A 568 12.49 -27.30 -25.90
CA GLU A 568 12.09 -28.62 -26.37
C GLU A 568 11.59 -29.47 -25.21
N ILE A 569 10.62 -30.31 -25.52
CA ILE A 569 9.91 -31.12 -24.55
C ILE A 569 10.04 -32.58 -24.99
N GLY A 570 10.63 -33.40 -24.14
CA GLY A 570 11.02 -34.76 -24.50
C GLY A 570 12.19 -34.80 -25.45
N GLU A 571 12.27 -35.89 -26.22
CA GLU A 571 13.32 -36.07 -27.21
C GLU A 571 12.74 -36.30 -28.60
N PRO A 572 11.84 -35.43 -29.06
CA PRO A 572 11.21 -35.62 -30.38
C PRO A 572 12.24 -35.57 -31.49
N GLN A 573 12.27 -36.63 -32.30
CA GLN A 573 13.27 -36.83 -33.34
C GLN A 573 14.70 -36.78 -32.82
N LYS A 574 14.91 -37.07 -31.54
CA LYS A 574 16.23 -36.96 -30.94
C LYS A 574 16.85 -35.59 -31.16
N PRO A 575 16.41 -34.57 -30.43
CA PRO A 575 16.84 -33.20 -30.72
C PRO A 575 18.29 -32.98 -30.34
N SER A 576 18.86 -31.92 -30.90
CA SER A 576 20.16 -31.43 -30.49
C SER A 576 20.17 -29.91 -30.60
N ASN A 577 21.03 -29.28 -29.81
CA ASN A 577 21.03 -27.83 -29.65
C ASN A 577 19.64 -27.30 -29.32
N ALA A 578 19.00 -27.95 -28.36
CA ALA A 578 17.68 -27.48 -27.91
C ALA A 578 17.77 -26.20 -27.10
N THR A 579 18.99 -25.80 -26.69
CA THR A 579 19.24 -24.73 -25.73
C THR A 579 18.77 -25.06 -24.32
N ILE A 580 17.53 -25.51 -24.16
CA ILE A 580 17.09 -26.14 -22.91
C ILE A 580 16.23 -27.33 -23.26
N VAL A 581 16.25 -28.34 -22.40
CA VAL A 581 15.41 -29.51 -22.58
C VAL A 581 14.74 -29.84 -21.26
N PHE A 582 13.45 -30.14 -21.34
CA PHE A 582 12.74 -30.81 -20.26
C PHE A 582 12.54 -32.28 -20.63
N LYS A 583 13.00 -33.16 -19.74
CA LYS A 583 12.97 -34.59 -20.03
C LYS A 583 11.55 -35.12 -20.10
N ASP A 584 10.62 -34.55 -19.31
CA ASP A 584 9.26 -35.07 -19.22
C ASP A 584 8.24 -34.03 -19.68
N PRO A 585 7.38 -34.37 -20.65
CA PRO A 585 6.27 -33.48 -21.03
C PRO A 585 5.37 -33.00 -19.91
N ARG A 586 5.20 -33.75 -18.81
CA ARG A 586 4.42 -33.24 -17.70
C ARG A 586 5.13 -32.11 -16.97
N ALA A 587 6.45 -32.10 -16.99
CA ALA A 587 7.20 -31.29 -16.02
C ALA A 587 7.10 -29.81 -16.32
N PHE A 588 7.24 -29.42 -17.59
CA PHE A 588 7.25 -28.00 -17.94
C PHE A 588 5.84 -27.43 -17.96
N ILE A 589 5.53 -26.59 -16.98
CA ILE A 589 4.20 -25.99 -16.91
C ILE A 589 4.08 -24.76 -17.79
N GLY A 590 5.17 -24.06 -18.04
CA GLY A 590 5.17 -22.95 -18.98
C GLY A 590 6.12 -21.87 -18.54
N PHE A 591 6.22 -20.83 -19.37
CA PHE A 591 6.88 -19.58 -19.02
C PHE A 591 5.99 -18.68 -18.17
N VAL A 592 6.60 -17.99 -17.21
CA VAL A 592 5.90 -17.04 -16.34
C VAL A 592 6.54 -15.67 -16.52
N PHE A 593 5.72 -14.66 -16.76
CA PHE A 593 6.18 -13.31 -17.08
C PHE A 593 6.00 -12.37 -15.90
N TYR A 594 7.07 -11.66 -15.56
CA TYR A 594 7.09 -10.70 -14.47
C TYR A 594 7.25 -9.30 -15.03
N HIS A 595 6.51 -8.34 -14.49
CA HIS A 595 6.75 -6.94 -14.84
C HIS A 595 6.38 -6.07 -13.66
N MET A 596 6.89 -4.84 -13.68
CA MET A 596 6.50 -3.83 -12.70
C MET A 596 6.83 -2.47 -13.28
N ILE A 597 6.17 -1.43 -12.77
CA ILE A 597 6.64 -0.08 -13.03
C ILE A 597 8.00 0.12 -12.38
N ASP A 598 8.98 0.56 -13.16
CA ASP A 598 10.34 0.69 -12.66
C ASP A 598 11.04 1.83 -13.38
N PRO A 599 10.91 3.06 -12.88
CA PRO A 599 11.42 4.21 -13.64
C PRO A 599 12.92 4.12 -13.88
N TYR A 600 13.67 3.66 -12.88
CA TYR A 600 15.12 3.59 -12.95
C TYR A 600 15.63 2.34 -13.64
N GLY A 601 14.77 1.36 -13.90
CA GLY A 601 15.16 0.22 -14.68
C GLY A 601 16.21 -0.67 -14.07
N ASN A 602 16.29 -0.72 -12.73
CA ASN A 602 17.37 -1.43 -12.06
C ASN A 602 16.86 -2.40 -10.99
N SER A 603 15.55 -2.61 -10.91
CA SER A 603 14.99 -3.45 -9.85
C SER A 603 15.61 -4.84 -9.85
N THR A 604 15.89 -5.34 -8.65
CA THR A 604 16.33 -6.71 -8.50
C THR A 604 15.17 -7.65 -8.78
N LYS A 605 15.51 -8.86 -9.25
CA LYS A 605 14.52 -9.89 -9.52
C LYS A 605 13.63 -10.15 -8.32
N SER A 606 12.45 -10.73 -8.56
CA SER A 606 11.55 -11.12 -7.48
C SER A 606 12.16 -12.20 -6.61
N SER A 607 12.34 -11.89 -5.33
CA SER A 607 12.82 -12.87 -4.36
C SER A 607 11.71 -13.82 -3.95
N ASP A 608 12.11 -14.90 -3.27
CA ASP A 608 11.17 -15.86 -2.72
C ASP A 608 10.68 -15.45 -1.33
N ASP A 609 10.94 -14.22 -0.92
CA ASP A 609 10.27 -13.63 0.22
C ASP A 609 8.77 -13.56 -0.03
N PRO A 610 7.94 -13.89 0.97
CA PRO A 610 6.50 -13.95 0.72
C PRO A 610 5.84 -12.61 0.50
N CYS A 611 6.49 -11.50 0.83
CA CYS A 611 5.86 -10.19 0.72
C CYS A 611 6.72 -9.20 -0.06
N ASP A 612 7.85 -9.61 -0.62
CA ASP A 612 8.45 -8.98 -1.79
C ASP A 612 7.56 -9.20 -3.01
N ASP A 613 6.54 -8.33 -3.15
CA ASP A 613 5.62 -8.41 -4.27
C ASP A 613 5.72 -7.16 -5.14
N ARG A 614 6.92 -6.59 -5.22
CA ARG A 614 7.15 -5.49 -6.13
C ARG A 614 6.70 -5.82 -7.54
N TRP A 615 6.85 -7.09 -7.94
CA TRP A 615 6.55 -7.54 -9.28
C TRP A 615 5.12 -7.99 -9.44
N LYS A 616 4.44 -7.48 -10.46
CA LYS A 616 3.30 -8.17 -11.04
C LYS A 616 3.79 -9.46 -11.71
N VAL A 617 2.99 -10.51 -11.62
CA VAL A 617 3.39 -11.80 -12.17
C VAL A 617 2.21 -12.39 -12.93
N SER A 618 2.48 -12.87 -14.15
CA SER A 618 1.48 -13.54 -14.95
C SER A 618 1.21 -14.94 -14.41
N SER A 619 0.24 -15.60 -15.02
CA SER A 619 0.10 -17.04 -14.97
C SER A 619 0.93 -17.68 -16.08
N PRO A 620 1.14 -18.99 -16.01
CA PRO A 620 2.02 -19.63 -16.99
C PRO A 620 1.45 -19.54 -18.39
N GLU A 621 2.34 -19.42 -19.38
CA GLU A 621 1.91 -19.33 -20.78
C GLU A 621 2.84 -20.19 -21.61
N LYS A 622 2.38 -21.39 -21.96
CA LYS A 622 3.25 -22.39 -22.57
C LYS A 622 3.81 -21.96 -23.92
N SER A 623 3.10 -21.09 -24.64
CA SER A 623 3.63 -20.59 -25.91
C SER A 623 4.80 -19.65 -25.72
N GLY A 624 4.98 -19.09 -24.54
CA GLY A 624 6.05 -18.12 -24.36
C GLY A 624 5.84 -16.80 -25.06
N VAL A 625 4.60 -16.42 -25.33
CA VAL A 625 4.28 -15.07 -25.78
C VAL A 625 3.14 -14.56 -24.90
N MET A 626 3.24 -13.32 -24.47
CA MET A 626 2.26 -12.75 -23.56
C MET A 626 2.04 -11.30 -23.94
N VAL A 627 0.79 -10.88 -23.95
CA VAL A 627 0.43 -9.48 -24.16
C VAL A 627 0.06 -8.87 -22.81
N LEU A 628 0.84 -7.89 -22.40
CA LEU A 628 0.56 -7.15 -21.19
C LEU A 628 -0.60 -6.18 -21.42
N SER A 629 -1.33 -5.88 -20.36
CA SER A 629 -2.43 -4.92 -20.42
C SER A 629 -2.43 -4.07 -19.16
N ASN A 630 -3.22 -3.01 -19.20
CA ASN A 630 -3.31 -2.05 -18.10
C ASN A 630 -1.97 -1.40 -17.79
N LEU A 631 -1.08 -1.33 -18.75
CA LEU A 631 0.14 -0.54 -18.57
C LEU A 631 -0.20 0.95 -18.56
N ILE A 632 0.58 1.70 -17.80
CA ILE A 632 0.48 3.15 -17.79
C ILE A 632 1.31 3.70 -18.95
N PRO A 633 0.82 4.67 -19.72
CA PRO A 633 1.60 5.18 -20.85
C PRO A 633 2.87 5.89 -20.42
N TYR A 634 3.77 6.03 -21.40
CA TYR A 634 5.04 6.72 -21.26
C TYR A 634 5.82 6.29 -20.02
N THR A 635 5.59 5.10 -19.51
CA THR A 635 6.14 4.67 -18.24
C THR A 635 7.16 3.58 -18.50
N ASN A 636 8.32 3.67 -17.86
CA ASN A 636 9.29 2.59 -17.95
C ASN A 636 8.79 1.39 -17.16
N TYR A 637 8.56 0.28 -17.86
CA TYR A 637 8.24 -1.00 -17.24
C TYR A 637 9.45 -1.91 -17.36
N SER A 638 9.89 -2.45 -16.24
CA SER A 638 10.81 -3.57 -16.23
C SER A 638 10.06 -4.89 -16.28
N TYR A 639 10.67 -5.87 -16.94
CA TYR A 639 10.07 -7.19 -17.09
C TYR A 639 11.16 -8.25 -17.13
N TYR A 640 10.78 -9.49 -16.84
CA TYR A 640 11.67 -10.63 -17.04
C TYR A 640 10.82 -11.89 -17.11
N VAL A 641 11.45 -13.00 -17.48
CA VAL A 641 10.78 -14.28 -17.63
C VAL A 641 11.55 -15.38 -16.91
N ARG A 642 10.81 -16.36 -16.39
CA ARG A 642 11.40 -17.61 -15.94
C ARG A 642 10.53 -18.79 -16.38
N THR A 643 11.18 -19.93 -16.58
CA THR A 643 10.46 -21.19 -16.76
C THR A 643 9.90 -21.69 -15.44
N MET A 644 8.67 -22.16 -15.47
CA MET A 644 8.07 -22.86 -14.35
C MET A 644 8.00 -24.34 -14.67
N ALA A 645 8.47 -25.18 -13.75
CA ALA A 645 8.35 -26.62 -13.87
C ALA A 645 7.87 -27.18 -12.55
N ILE A 646 7.33 -28.40 -12.59
CA ILE A 646 6.93 -29.04 -11.34
C ILE A 646 8.16 -29.34 -10.49
N SER A 647 7.93 -29.47 -9.18
CA SER A 647 9.02 -29.57 -8.23
C SER A 647 9.92 -30.77 -8.47
N SER A 648 9.49 -31.75 -9.25
CA SER A 648 10.39 -32.84 -9.62
C SER A 648 11.49 -32.41 -10.55
N GLU A 649 11.34 -31.27 -11.21
CA GLU A 649 12.27 -30.84 -12.25
C GLU A 649 13.15 -29.73 -11.68
N LEU A 650 14.47 -29.94 -11.70
CA LEU A 650 15.42 -28.94 -11.23
C LEU A 650 15.82 -27.95 -12.32
N THR A 651 15.50 -28.22 -13.58
CA THR A 651 15.88 -27.34 -14.68
C THR A 651 15.24 -25.96 -14.53
N ASN A 652 16.05 -24.97 -14.17
CA ASN A 652 15.65 -23.57 -14.20
C ASN A 652 16.08 -22.93 -15.51
N ALA A 653 15.43 -21.82 -15.84
CA ALA A 653 15.93 -20.91 -16.84
C ALA A 653 15.24 -19.57 -16.66
N GLU A 654 16.02 -18.50 -16.60
CA GLU A 654 15.46 -17.16 -16.40
C GLU A 654 16.13 -16.22 -17.38
N SER A 655 15.38 -15.23 -17.83
CA SER A 655 15.98 -14.13 -18.55
C SER A 655 16.71 -13.19 -17.61
N ASP A 656 17.50 -12.30 -18.20
CA ASP A 656 17.87 -11.08 -17.53
C ASP A 656 16.65 -10.20 -17.30
N VAL A 657 16.78 -9.27 -16.36
CA VAL A 657 15.86 -8.14 -16.33
C VAL A 657 16.12 -7.26 -17.55
N LYS A 658 15.05 -6.87 -18.23
CA LYS A 658 15.10 -5.96 -19.36
C LYS A 658 14.02 -4.93 -19.17
N ASN A 659 14.03 -3.89 -19.99
CA ASN A 659 13.14 -2.77 -19.76
C ASN A 659 12.67 -2.15 -21.07
N PHE A 660 11.45 -1.62 -21.04
CA PHE A 660 10.88 -0.89 -22.16
C PHE A 660 10.01 0.23 -21.63
N ARG A 661 9.86 1.29 -22.42
CA ARG A 661 8.95 2.38 -22.11
C ARG A 661 7.70 2.29 -22.97
N THR A 662 6.53 2.34 -22.34
CA THR A 662 5.28 2.42 -23.08
C THR A 662 5.22 3.71 -23.91
N ASN A 663 4.37 3.69 -24.93
CA ASN A 663 4.16 4.84 -25.79
C ASN A 663 3.34 5.93 -25.10
N PRO A 664 3.46 7.18 -25.58
CA PRO A 664 2.91 8.32 -24.81
C PRO A 664 1.42 8.30 -24.56
N GLY A 665 0.61 7.81 -25.48
CA GLY A 665 -0.82 7.83 -25.26
C GLY A 665 -1.38 9.24 -25.12
N ARG A 666 -2.20 9.48 -24.09
CA ARG A 666 -3.01 10.68 -24.03
C ARG A 666 -2.86 11.52 -22.76
N PRO A 667 -2.58 12.81 -22.88
CA PRO A 667 -2.33 13.64 -21.68
C PRO A 667 -3.58 13.84 -20.83
N SER A 668 -3.36 13.91 -19.51
CA SER A 668 -4.45 14.17 -18.58
C SER A 668 -4.94 15.60 -18.69
N LYS A 669 -6.13 15.84 -18.13
CA LYS A 669 -6.74 17.17 -18.15
C LYS A 669 -5.82 18.21 -17.53
N VAL A 670 -5.94 19.44 -18.04
CA VAL A 670 -5.23 20.57 -17.43
C VAL A 670 -5.66 20.76 -15.97
N THR A 671 -4.86 21.52 -15.22
CA THR A 671 -5.12 21.79 -13.81
C THR A 671 -5.07 23.28 -13.51
N GLU A 672 -5.76 23.66 -12.43
CA GLU A 672 -5.83 25.06 -11.96
C GLU A 672 -6.37 26.02 -13.01
N VAL A 673 -7.21 25.56 -13.93
CA VAL A 673 -7.81 26.43 -14.93
C VAL A 673 -8.97 27.19 -14.30
N VAL A 674 -8.76 28.49 -14.06
CA VAL A 674 -9.80 29.37 -13.52
C VAL A 674 -9.76 30.65 -14.33
N ALA A 675 -10.94 31.17 -14.66
CA ALA A 675 -11.10 32.36 -15.49
C ALA A 675 -11.66 33.51 -14.67
N THR A 676 -10.95 34.63 -14.67
CA THR A 676 -11.32 35.82 -13.91
C THR A 676 -11.40 36.99 -14.87
N ALA A 677 -12.54 37.67 -14.88
CA ALA A 677 -12.70 38.87 -15.70
C ALA A 677 -11.84 40.00 -15.18
N ILE A 678 -10.97 40.55 -16.04
CA ILE A 678 -10.22 41.75 -15.70
C ILE A 678 -10.97 43.00 -16.15
N SER A 679 -11.70 42.91 -17.26
CA SER A 679 -12.35 44.07 -17.85
C SER A 679 -13.57 43.58 -18.62
N ASP A 680 -14.44 44.51 -18.98
CA ASP A 680 -15.65 44.14 -19.70
C ASP A 680 -15.37 43.35 -20.96
N SER A 681 -14.19 43.49 -21.57
CA SER A 681 -13.85 42.74 -22.77
C SER A 681 -12.64 41.81 -22.60
N LYS A 682 -12.10 41.66 -21.40
CA LYS A 682 -10.86 40.93 -21.22
C LYS A 682 -10.95 39.97 -20.04
N ILE A 683 -10.52 38.73 -20.27
CA ILE A 683 -10.43 37.70 -19.25
C ILE A 683 -8.99 37.22 -19.20
N ASN A 684 -8.39 37.26 -18.02
CA ASN A 684 -7.20 36.47 -17.77
C ASN A 684 -7.62 35.06 -17.37
N VAL A 685 -6.99 34.06 -17.99
CA VAL A 685 -7.22 32.66 -17.67
C VAL A 685 -5.93 32.07 -17.11
N THR A 686 -6.00 31.59 -15.87
CA THR A 686 -4.91 30.80 -15.32
C THR A 686 -5.01 29.37 -15.84
N TRP A 687 -3.89 28.67 -15.89
CA TRP A 687 -3.94 27.22 -15.77
C TRP A 687 -2.57 26.70 -15.32
N SER A 688 -2.52 25.39 -15.09
CA SER A 688 -1.30 24.69 -14.75
C SER A 688 -1.44 23.28 -15.28
N TYR A 689 -0.33 22.55 -15.34
CA TYR A 689 -0.34 21.16 -15.78
C TYR A 689 0.42 20.28 -14.81
N LEU A 690 -0.20 20.06 -13.66
CA LEU A 690 0.43 19.35 -12.55
C LEU A 690 0.14 17.86 -12.57
N ASP A 691 -0.93 17.43 -13.24
CA ASP A 691 -1.08 16.02 -13.58
C ASP A 691 -0.13 15.61 -14.70
N LYS A 692 0.13 14.31 -14.76
CA LYS A 692 1.23 13.77 -15.57
C LYS A 692 0.90 13.81 -17.06
N PRO A 693 1.88 14.16 -17.90
CA PRO A 693 1.59 14.44 -19.32
C PRO A 693 1.52 13.21 -20.21
N TYR A 694 2.12 12.09 -19.82
CA TYR A 694 2.20 10.89 -20.64
C TYR A 694 2.84 11.19 -22.00
N GLY A 695 4.03 11.76 -21.94
CA GLY A 695 4.76 12.16 -23.13
C GLY A 695 5.30 13.58 -23.05
N VAL A 696 5.51 14.21 -24.20
CA VAL A 696 5.94 15.60 -24.26
C VAL A 696 4.77 16.44 -24.75
N LEU A 697 4.36 17.42 -23.94
CA LEU A 697 3.40 18.42 -24.39
C LEU A 697 4.07 19.34 -25.40
N THR A 698 3.50 19.45 -26.59
CA THR A 698 4.05 20.40 -27.55
C THR A 698 3.44 21.79 -27.39
N ARG A 699 2.11 21.87 -27.32
CA ARG A 699 1.44 23.14 -27.13
C ARG A 699 0.09 22.93 -26.47
N TYR A 700 -0.34 23.93 -25.71
CA TYR A 700 -1.73 24.01 -25.29
C TYR A 700 -2.57 24.62 -26.40
N PHE A 701 -3.86 24.30 -26.39
CA PHE A 701 -4.85 24.98 -27.20
C PHE A 701 -5.89 25.59 -26.27
N ILE A 702 -6.04 26.91 -26.33
CA ILE A 702 -6.98 27.66 -25.51
C ILE A 702 -8.07 28.24 -26.40
N LYS A 703 -9.33 27.95 -26.06
CA LYS A 703 -10.47 28.40 -26.83
C LYS A 703 -11.50 29.03 -25.91
N ALA A 704 -12.21 30.01 -26.44
CA ALA A 704 -13.37 30.60 -25.79
C ALA A 704 -14.54 30.66 -26.75
N LYS A 705 -15.71 30.28 -26.26
CA LYS A 705 -16.97 30.33 -27.00
C LYS A 705 -17.91 31.31 -26.32
N LEU A 706 -18.36 32.31 -27.07
CA LEU A 706 -19.41 33.18 -26.56
C LEU A 706 -20.70 32.40 -26.34
N ILE A 707 -21.43 32.75 -25.28
CA ILE A 707 -22.73 32.17 -24.98
C ILE A 707 -23.80 33.26 -24.93
N ASN A 708 -25.02 32.88 -25.28
CA ASN A 708 -26.13 33.82 -25.37
C ASN A 708 -26.43 34.48 -24.02
N ARG A 709 -26.71 35.77 -24.07
CA ARG A 709 -27.08 36.52 -22.87
C ARG A 709 -28.36 35.98 -22.24
N PRO A 710 -28.48 36.08 -20.91
CA PRO A 710 -29.61 35.48 -20.20
C PRO A 710 -30.95 36.10 -20.60
N THR A 711 -32.01 35.34 -20.40
CA THR A 711 -33.38 35.73 -20.75
C THR A 711 -34.17 36.08 -19.49
N ARG A 712 -34.81 37.25 -19.50
CA ARG A 712 -35.64 37.74 -18.38
C ARG A 712 -36.97 37.00 -18.37
N ASN A 713 -37.09 36.01 -17.49
CA ASN A 713 -38.24 35.11 -17.51
C ASN A 713 -39.52 35.83 -17.11
N ASN A 714 -40.63 35.35 -17.66
CA ASN A 714 -41.97 35.80 -17.29
C ASN A 714 -42.33 35.44 -15.85
N ASN A 715 -41.57 34.53 -15.23
CA ASN A 715 -41.81 34.14 -13.84
C ASN A 715 -41.31 35.14 -12.82
N ARG A 716 -40.47 36.09 -13.20
CA ARG A 716 -39.92 37.08 -12.27
C ARG A 716 -40.58 38.43 -12.50
N ASP A 717 -41.12 39.01 -11.43
CA ASP A 717 -41.77 40.31 -11.51
C ASP A 717 -40.72 41.41 -11.67
N TYR A 718 -40.84 42.14 -12.78
CA TYR A 718 -39.78 43.05 -13.19
C TYR A 718 -39.51 44.14 -12.16
N CYS A 719 -40.57 44.79 -11.66
CA CYS A 719 -40.43 45.84 -10.66
C CYS A 719 -40.58 45.36 -9.23
N THR A 720 -41.23 44.21 -9.00
CA THR A 720 -41.36 43.68 -7.65
C THR A 720 -40.10 42.94 -7.20
N GLU A 721 -39.37 42.31 -8.11
CA GLU A 721 -38.17 41.55 -7.79
C GLU A 721 -37.02 42.08 -8.64
N PRO A 722 -36.59 43.32 -8.38
CA PRO A 722 -35.58 43.95 -9.24
C PRO A 722 -34.21 43.30 -9.04
N LEU A 723 -33.30 43.67 -9.95
CA LEU A 723 -31.91 43.24 -9.87
C LEU A 723 -31.21 43.82 -8.63
N GLY A 770 -28.71 -11.36 -1.91
CA GLY A 770 -27.73 -10.53 -2.60
C GLY A 770 -26.57 -11.33 -3.16
N MET A 771 -25.37 -10.74 -3.04
CA MET A 771 -24.16 -11.41 -3.51
C MET A 771 -23.94 -12.74 -2.81
N GLU A 772 -24.44 -12.89 -1.58
CA GLU A 772 -24.38 -14.18 -0.91
C GLU A 772 -25.07 -15.28 -1.71
N PHE A 773 -26.15 -14.96 -2.41
CA PHE A 773 -26.78 -15.96 -3.25
C PHE A 773 -25.99 -16.24 -4.51
N GLU A 774 -25.41 -15.21 -5.12
CA GLU A 774 -24.52 -15.42 -6.25
C GLU A 774 -23.32 -16.29 -5.88
N ASN A 775 -22.69 -16.02 -4.74
CA ASN A 775 -21.60 -16.89 -4.29
C ASN A 775 -22.08 -18.33 -4.09
N ALA A 776 -23.21 -18.50 -3.41
CA ALA A 776 -23.74 -19.85 -3.21
C ALA A 776 -24.03 -20.54 -4.53
N LEU A 777 -24.62 -19.82 -5.47
CA LEU A 777 -25.00 -20.44 -6.74
C LEU A 777 -23.80 -20.83 -7.59
N GLN A 778 -22.76 -20.00 -7.65
CA GLN A 778 -21.54 -20.41 -8.33
C GLN A 778 -20.88 -21.64 -7.69
N ASN A 779 -20.81 -21.70 -6.37
CA ASN A 779 -20.23 -22.88 -5.72
C ASN A 779 -20.93 -24.15 -6.11
N PHE A 780 -22.25 -24.11 -6.22
CA PHE A 780 -23.00 -25.30 -6.62
C PHE A 780 -22.78 -25.70 -8.07
N ILE A 781 -22.49 -24.74 -8.95
CA ILE A 781 -22.39 -25.05 -10.38
C ILE A 781 -21.01 -25.57 -10.77
N PHE A 782 -19.95 -24.87 -10.38
CA PHE A 782 -18.61 -25.18 -10.87
C PHE A 782 -17.98 -26.36 -10.13
N VAL A 783 -18.45 -27.55 -10.47
CA VAL A 783 -17.85 -28.80 -10.00
C VAL A 783 -16.44 -28.97 -10.54
N PRO A 784 -15.43 -29.15 -9.69
CA PRO A 784 -14.07 -29.35 -10.20
C PRO A 784 -13.94 -30.69 -10.87
N ASN A 785 -13.08 -30.73 -11.88
CA ASN A 785 -12.99 -31.90 -12.76
C ASN A 785 -11.79 -32.77 -12.40
N LYS A 856 -18.40 20.29 -25.33
CA LYS A 856 -17.60 19.08 -25.43
C LYS A 856 -17.56 18.64 -26.89
N ASP A 857 -16.41 18.80 -27.53
CA ASP A 857 -16.22 18.32 -28.89
C ASP A 857 -14.76 17.94 -29.07
N ASP A 858 -14.52 17.05 -30.03
CA ASP A 858 -13.26 16.33 -30.07
C ASP A 858 -12.25 17.04 -30.99
N GLU A 859 -11.04 16.48 -31.03
CA GLU A 859 -9.90 17.15 -31.66
C GLU A 859 -10.13 17.45 -33.13
N ASN A 860 -11.11 16.81 -33.77
CA ASN A 860 -11.48 17.20 -35.12
C ASN A 860 -11.97 18.64 -35.19
N THR A 861 -12.32 19.26 -34.06
CA THR A 861 -12.71 20.65 -34.02
C THR A 861 -11.57 21.60 -33.65
N TYR A 862 -10.40 21.10 -33.28
CA TYR A 862 -9.35 21.96 -32.73
C TYR A 862 -8.46 22.49 -33.84
N LYS A 863 -8.40 23.81 -33.95
CA LYS A 863 -7.55 24.49 -34.92
C LYS A 863 -7.44 25.93 -34.45
N ASP A 864 -6.38 26.62 -34.87
CA ASP A 864 -6.38 28.06 -34.77
C ASP A 864 -7.60 28.64 -35.47
N GLU A 865 -8.34 29.47 -34.76
CA GLU A 865 -9.63 29.92 -35.27
C GLU A 865 -9.95 31.30 -34.73
N GLU A 866 -10.65 32.08 -35.55
CA GLU A 866 -11.07 33.44 -35.17
C GLU A 866 -12.37 33.74 -35.90
N ASP A 867 -13.38 34.20 -35.17
CA ASP A 867 -14.66 34.52 -35.80
C ASP A 867 -15.32 35.67 -35.04
N LEU A 868 -15.52 36.79 -35.74
CA LEU A 868 -16.05 38.01 -35.15
C LEU A 868 -17.57 38.07 -35.28
N SER A 869 -18.18 38.87 -34.40
CA SER A 869 -19.59 39.21 -34.47
C SER A 869 -19.99 39.72 -35.86
N SER A 870 -21.29 39.61 -36.18
CA SER A 870 -21.78 40.20 -37.42
C SER A 870 -21.46 41.69 -37.48
N ASN A 871 -21.46 42.38 -36.34
CA ASN A 871 -21.06 43.77 -36.28
C ASN A 871 -19.55 43.94 -36.13
N LYS A 872 -18.81 42.84 -36.13
CA LYS A 872 -17.35 42.80 -35.99
C LYS A 872 -16.84 43.36 -34.67
N GLN A 873 -17.71 43.67 -33.71
CA GLN A 873 -17.28 44.33 -32.49
C GLN A 873 -16.71 43.38 -31.44
N PHE A 874 -16.99 42.09 -31.53
CA PHE A 874 -16.50 41.17 -30.52
C PHE A 874 -16.30 39.80 -31.14
N TYR A 875 -15.43 39.01 -30.54
CA TYR A 875 -15.26 37.61 -30.90
C TYR A 875 -16.42 36.78 -30.36
N GLU A 876 -17.11 36.06 -31.25
CA GLU A 876 -17.98 34.97 -30.85
C GLU A 876 -17.18 33.71 -30.54
N VAL A 877 -16.08 33.49 -31.26
CA VAL A 877 -15.16 32.39 -30.98
C VAL A 877 -13.75 32.93 -31.11
N PHE A 878 -12.87 32.52 -30.19
CA PHE A 878 -11.45 32.78 -30.29
C PHE A 878 -10.70 31.55 -29.80
N ALA A 879 -9.62 31.19 -30.49
CA ALA A 879 -8.82 30.05 -30.09
C ALA A 879 -7.37 30.23 -30.53
N LYS A 880 -6.43 29.84 -29.67
CA LYS A 880 -5.02 30.11 -29.90
C LYS A 880 -4.16 28.97 -29.39
N GLU A 881 -3.10 28.66 -30.14
CA GLU A 881 -2.14 27.63 -29.79
C GLU A 881 -0.86 28.25 -29.27
N LEU A 882 -0.36 27.76 -28.14
CA LEU A 882 0.58 28.50 -27.32
C LEU A 882 1.84 27.69 -27.06
N PRO A 883 2.99 28.34 -26.92
CA PRO A 883 4.21 27.64 -26.52
C PRO A 883 4.03 26.87 -25.23
N PRO A 884 4.73 25.76 -25.06
CA PRO A 884 4.45 24.87 -23.92
C PRO A 884 4.81 25.46 -22.58
N ASN A 885 5.64 26.51 -22.55
CA ASN A 885 5.94 27.22 -21.31
C ASN A 885 4.88 28.25 -20.95
N GLN A 886 4.00 28.60 -21.88
CA GLN A 886 2.98 29.61 -21.62
C GLN A 886 1.86 29.01 -20.80
N THR A 887 1.63 29.56 -19.61
CA THR A 887 0.59 29.07 -18.70
C THR A 887 -0.35 30.19 -18.26
N HIS A 888 -0.47 31.25 -19.05
CA HIS A 888 -1.58 32.18 -18.88
C HIS A 888 -1.94 32.75 -20.24
N PHE A 889 -3.17 33.23 -20.35
CA PHE A 889 -3.58 33.93 -21.55
C PHE A 889 -4.62 34.98 -21.19
N VAL A 890 -4.59 36.10 -21.89
CA VAL A 890 -5.59 37.15 -21.75
C VAL A 890 -6.34 37.27 -23.07
N PHE A 891 -7.62 36.90 -23.06
CA PHE A 891 -8.49 37.21 -24.18
C PHE A 891 -8.71 38.71 -24.25
N GLU A 892 -8.93 39.21 -25.47
CA GLU A 892 -9.23 40.62 -25.66
C GLU A 892 -10.38 40.77 -26.66
N LYS A 893 -10.97 41.96 -26.67
CA LYS A 893 -12.07 42.27 -27.57
C LYS A 893 -13.22 41.27 -27.42
N LEU A 894 -13.37 40.75 -26.21
CA LEU A 894 -14.56 39.98 -25.84
C LEU A 894 -15.78 40.90 -25.74
N ARG A 895 -16.94 40.28 -25.84
CA ARG A 895 -18.20 40.97 -25.58
C ARG A 895 -18.34 41.26 -24.09
N HIS A 896 -19.02 42.36 -23.78
CA HIS A 896 -19.27 42.73 -22.40
C HIS A 896 -20.41 41.93 -21.77
N PHE A 897 -20.35 41.82 -20.44
CA PHE A 897 -21.30 41.06 -19.63
C PHE A 897 -21.90 39.86 -20.32
N THR A 898 -21.08 38.98 -20.88
CA THR A 898 -21.62 37.83 -21.59
C THR A 898 -20.80 36.60 -21.22
N ARG A 899 -21.50 35.48 -21.11
CA ARG A 899 -20.87 34.25 -20.64
C ARG A 899 -20.00 33.66 -21.73
N TYR A 900 -18.85 33.15 -21.35
CA TYR A 900 -18.02 32.34 -22.23
C TYR A 900 -17.83 30.97 -21.61
N ALA A 901 -17.87 29.93 -22.44
CA ALA A 901 -17.17 28.70 -22.12
C ALA A 901 -15.71 28.86 -22.46
N ILE A 902 -14.84 28.31 -21.62
CA ILE A 902 -13.40 28.33 -21.85
C ILE A 902 -12.86 26.94 -21.55
N PHE A 903 -11.89 26.50 -22.33
CA PHE A 903 -11.15 25.29 -21.98
C PHE A 903 -9.70 25.44 -22.42
N VAL A 904 -8.79 24.86 -21.65
CA VAL A 904 -7.42 24.67 -22.08
C VAL A 904 -7.23 23.19 -22.32
N VAL A 905 -6.82 22.83 -23.53
CA VAL A 905 -6.54 21.44 -23.87
C VAL A 905 -5.10 21.33 -24.33
N ALA A 906 -4.32 20.54 -23.60
CA ALA A 906 -2.94 20.23 -23.96
C ALA A 906 -2.88 19.19 -25.06
N CYS A 907 -1.88 19.31 -25.94
CA CYS A 907 -1.63 18.29 -26.94
C CYS A 907 -0.18 17.86 -26.84
N ARG A 908 0.08 16.56 -27.07
CA ARG A 908 1.42 16.01 -26.95
C ARG A 908 2.09 15.74 -28.30
N GLU A 909 3.40 15.53 -28.23
CA GLU A 909 4.24 15.17 -29.36
C GLU A 909 3.72 13.94 -30.08
N GLU A 910 3.42 14.09 -31.37
CA GLU A 910 3.02 12.99 -32.22
C GLU A 910 4.21 12.15 -32.64
N ILE A 911 4.00 10.84 -32.73
CA ILE A 911 5.06 9.86 -32.94
C ILE A 911 4.75 9.07 -34.21
N PRO A 912 5.74 8.68 -35.01
CA PRO A 912 5.43 8.22 -36.37
C PRO A 912 4.52 7.01 -36.41
N SER A 913 4.89 5.94 -35.70
CA SER A 913 4.04 4.77 -35.67
C SER A 913 2.67 5.09 -35.08
N GLU A 914 2.63 5.96 -34.07
CA GLU A 914 1.34 6.35 -33.51
C GLU A 914 0.47 7.05 -34.54
N LYS A 915 1.04 7.98 -35.31
CA LYS A 915 0.24 8.64 -36.34
C LYS A 915 -0.07 7.74 -37.52
N LEU A 916 0.75 6.72 -37.78
CA LEU A 916 0.38 5.71 -38.77
C LEU A 916 -0.65 4.73 -38.21
N ARG A 917 -0.42 4.27 -36.98
CA ARG A 917 -1.40 3.44 -36.28
C ARG A 917 -2.75 4.14 -36.17
N ASP A 918 -2.73 5.43 -35.80
CA ASP A 918 -3.94 6.23 -35.68
C ASP A 918 -4.82 6.18 -36.92
N THR A 919 -4.21 6.07 -38.10
CA THR A 919 -4.97 5.93 -39.34
C THR A 919 -5.94 4.76 -39.32
N SER A 920 -5.72 3.76 -38.48
CA SER A 920 -6.63 2.62 -38.38
C SER A 920 -7.62 2.69 -37.23
N PHE A 921 -7.41 3.58 -36.25
CA PHE A 921 -8.29 3.56 -35.08
C PHE A 921 -8.54 4.94 -34.47
N LYS A 922 -8.13 6.04 -35.12
CA LYS A 922 -8.64 7.38 -34.80
C LYS A 922 -8.50 7.73 -33.32
N LYS A 923 -7.27 7.63 -32.81
CA LYS A 923 -7.00 8.10 -31.45
C LYS A 923 -6.84 9.62 -31.48
N SER A 924 -6.77 10.22 -30.30
CA SER A 924 -6.60 11.66 -30.18
C SER A 924 -5.44 12.01 -29.26
N LEU A 925 -4.74 13.09 -29.62
CA LEU A 925 -3.53 13.54 -28.96
C LEU A 925 -3.76 14.47 -27.78
N CYS A 926 -4.98 14.89 -27.51
CA CYS A 926 -5.20 16.05 -26.66
C CYS A 926 -6.21 15.78 -25.57
N SER A 927 -6.01 16.43 -24.42
CA SER A 927 -6.76 16.17 -23.20
C SER A 927 -8.23 16.54 -23.34
N ASP A 928 -9.03 16.06 -22.39
CA ASP A 928 -10.44 16.43 -22.22
C ASP A 928 -10.64 17.90 -21.82
N TYR A 929 -11.84 18.40 -22.10
CA TYR A 929 -12.34 19.66 -21.58
C TYR A 929 -12.64 19.61 -20.09
N ASP A 930 -12.81 20.79 -19.52
CA ASP A 930 -13.45 21.02 -18.23
C ASP A 930 -14.05 22.43 -18.21
N THR A 931 -14.98 22.69 -19.13
CA THR A 931 -15.35 24.05 -19.52
C THR A 931 -15.60 24.98 -18.33
N VAL A 932 -14.85 26.08 -18.32
CA VAL A 932 -14.86 27.04 -17.18
C VAL A 932 -15.86 28.15 -17.52
N PHE A 933 -17.14 27.84 -17.37
CA PHE A 933 -18.19 28.83 -17.64
C PHE A 933 -18.12 30.01 -16.68
N GLN A 934 -17.99 31.22 -17.22
CA GLN A 934 -18.14 32.43 -16.41
C GLN A 934 -18.33 33.62 -17.35
N THR A 935 -18.71 34.76 -16.77
CA THR A 935 -19.07 35.96 -17.51
C THR A 935 -17.97 37.01 -17.48
N THR A 936 -17.79 37.69 -18.63
CA THR A 936 -17.06 38.94 -18.65
C THR A 936 -17.74 40.02 -17.81
N LYS A 937 -16.95 41.02 -17.44
CA LYS A 937 -17.41 42.11 -16.58
C LYS A 937 -18.46 42.96 -17.28
N ARG A 938 -19.16 43.76 -16.48
CA ARG A 938 -20.12 44.74 -16.99
C ARG A 938 -19.43 45.90 -17.70
N LYS A 939 -19.91 46.23 -18.90
CA LYS A 939 -19.51 47.47 -19.58
C LYS A 939 -20.28 48.64 -18.97
N LYS A 940 -19.57 49.50 -18.25
CA LYS A 940 -20.14 50.73 -17.71
C LYS A 940 -20.78 51.60 -18.79
N PHE A 941 -21.74 52.42 -18.37
CA PHE A 941 -22.42 53.38 -19.23
C PHE A 941 -23.31 52.78 -20.31
N ALA A 942 -23.13 51.51 -20.65
CA ALA A 942 -23.80 50.97 -21.84
C ALA A 942 -25.31 51.02 -21.70
N ASP A 943 -25.83 50.79 -20.50
CA ASP A 943 -27.27 50.84 -20.25
C ASP A 943 -27.81 52.26 -20.14
N ILE A 944 -27.02 53.29 -20.42
CA ILE A 944 -27.54 54.66 -20.34
C ILE A 944 -28.67 54.85 -21.34
N VAL A 945 -29.87 55.11 -20.84
CA VAL A 945 -30.93 55.69 -21.66
C VAL A 945 -30.45 56.99 -22.29
N MET A 946 -30.74 57.16 -23.58
CA MET A 946 -30.19 58.26 -24.36
C MET A 946 -31.30 58.89 -25.19
N ASP A 947 -31.03 60.10 -25.69
CA ASP A 947 -32.06 60.92 -26.33
C ASP A 947 -33.28 61.09 -25.44
N LEU A 948 -33.03 61.18 -24.14
CA LEU A 948 -34.10 61.43 -23.18
C LEU A 948 -34.79 62.75 -23.48
N LYS A 949 -36.10 62.72 -23.61
CA LYS A 949 -36.88 63.93 -23.83
C LYS A 949 -38.12 63.87 -22.95
N VAL A 950 -38.48 65.02 -22.37
CA VAL A 950 -39.76 65.21 -21.70
C VAL A 950 -40.48 66.39 -22.30
N ASP A 951 -41.79 66.22 -22.53
CA ASP A 951 -42.63 67.24 -23.13
C ASP A 951 -43.91 67.29 -22.32
N LEU A 952 -44.67 68.37 -22.49
CA LEU A 952 -46.03 68.46 -21.97
C LEU A 952 -47.04 68.51 -23.11
N GLU A 953 -47.99 67.58 -23.09
CA GLU A 953 -49.12 67.62 -24.00
C GLU A 953 -50.07 68.75 -23.61
N HIS A 954 -50.70 69.36 -24.61
CA HIS A 954 -51.62 70.47 -24.41
C HIS A 954 -53.05 70.03 -24.12
N ALA A 955 -53.29 68.75 -23.88
CA ALA A 955 -54.58 68.32 -23.37
C ALA A 955 -54.87 69.00 -22.03
N ASN A 956 -56.02 69.68 -21.95
CA ASN A 956 -56.34 70.59 -20.86
C ASN A 956 -56.84 69.85 -19.61
N ASN A 957 -55.99 68.98 -19.08
CA ASN A 957 -56.26 68.33 -17.82
C ASN A 957 -56.00 69.27 -16.65
N THR A 958 -56.68 69.02 -15.54
CA THR A 958 -56.47 69.81 -14.32
C THR A 958 -55.12 69.52 -13.68
N GLU A 959 -54.46 68.43 -14.06
CA GLU A 959 -53.06 68.20 -13.73
C GLU A 959 -52.30 67.82 -14.99
N SER A 960 -51.07 68.28 -15.08
CA SER A 960 -50.35 68.35 -16.36
C SER A 960 -49.93 66.96 -16.84
N PRO A 961 -50.32 66.54 -18.06
CA PRO A 961 -49.88 65.25 -18.64
C PRO A 961 -48.46 65.32 -19.20
N VAL A 962 -47.49 65.13 -18.30
CA VAL A 962 -46.10 65.17 -18.68
C VAL A 962 -45.72 63.93 -19.48
N ARG A 963 -45.13 64.16 -20.66
CA ARG A 963 -44.71 63.11 -21.58
C ARG A 963 -43.21 62.90 -21.46
N VAL A 964 -42.79 61.65 -21.31
CA VAL A 964 -41.38 61.28 -21.27
C VAL A 964 -41.06 60.35 -22.43
N ARG A 965 -39.89 60.55 -23.04
CA ARG A 965 -39.44 59.79 -24.20
C ARG A 965 -37.94 59.60 -24.12
N TRP A 966 -37.44 58.51 -24.71
CA TRP A 966 -36.00 58.31 -24.85
C TRP A 966 -35.71 57.27 -25.92
N THR A 967 -34.45 57.26 -26.36
CA THR A 967 -33.90 56.15 -27.14
C THR A 967 -33.46 54.99 -26.24
N PRO A 968 -33.98 53.78 -26.43
CA PRO A 968 -33.44 52.63 -25.72
C PRO A 968 -31.96 52.48 -25.97
N PRO A 969 -31.23 51.93 -25.00
CA PRO A 969 -29.75 51.94 -25.07
C PRO A 969 -29.19 51.24 -26.29
N VAL A 970 -28.06 51.78 -26.77
CA VAL A 970 -27.42 51.29 -28.00
C VAL A 970 -27.07 49.82 -27.89
N ASP A 971 -26.35 49.44 -26.84
CA ASP A 971 -25.98 48.03 -26.61
C ASP A 971 -25.82 47.78 -25.12
N PRO A 972 -26.93 47.55 -24.41
CA PRO A 972 -26.86 47.41 -22.96
C PRO A 972 -26.09 46.17 -22.54
N ASN A 973 -25.83 46.10 -21.25
CA ASN A 973 -25.26 44.91 -20.61
C ASN A 973 -26.38 43.91 -20.41
N GLY A 974 -26.61 43.09 -21.43
CA GLY A 974 -27.75 42.19 -21.45
C GLY A 974 -29.08 42.89 -21.63
N GLU A 975 -30.14 42.10 -21.43
CA GLU A 975 -31.49 42.57 -21.68
C GLU A 975 -31.88 43.69 -20.73
N ILE A 976 -32.66 44.64 -21.25
CA ILE A 976 -33.35 45.62 -20.41
C ILE A 976 -34.55 44.95 -19.75
N VAL A 977 -34.57 44.94 -18.42
CA VAL A 977 -35.72 44.40 -17.71
C VAL A 977 -36.79 45.45 -17.52
N THR A 978 -36.44 46.58 -16.93
CA THR A 978 -37.39 47.67 -16.70
C THR A 978 -36.70 49.01 -16.90
N TYR A 979 -37.51 50.03 -17.15
CA TYR A 979 -37.07 51.41 -17.04
C TYR A 979 -37.60 52.01 -15.75
N GLU A 980 -36.74 52.75 -15.06
CA GLU A 980 -37.11 53.51 -13.87
C GLU A 980 -37.04 54.99 -14.22
N VAL A 981 -38.17 55.68 -14.09
CA VAL A 981 -38.24 57.12 -14.26
C VAL A 981 -38.20 57.78 -12.89
N ALA A 982 -37.41 58.86 -12.78
CA ALA A 982 -37.23 59.58 -11.54
C ALA A 982 -37.46 61.06 -11.76
N TYR A 983 -38.11 61.70 -10.80
CA TYR A 983 -38.41 63.14 -10.85
C TYR A 983 -38.27 63.75 -9.47
N LYS A 984 -37.91 65.03 -9.43
CA LYS A 984 -37.54 65.69 -8.18
C LYS A 984 -37.91 67.17 -8.28
N LEU A 985 -38.89 67.58 -7.47
CA LEU A 985 -39.24 68.99 -7.39
C LEU A 985 -38.09 69.78 -6.82
N GLN A 986 -37.61 70.76 -7.59
CA GLN A 986 -36.34 71.43 -7.27
C GLN A 986 -36.45 72.41 -6.12
N LYS A 987 -37.54 72.42 -5.38
CA LYS A 987 -37.50 73.08 -4.09
C LYS A 987 -36.57 72.32 -3.15
N PRO A 988 -36.07 72.97 -2.12
CA PRO A 988 -35.74 72.25 -0.89
C PRO A 988 -37.00 71.59 -0.35
N ASP A 989 -36.89 70.82 0.74
CA ASP A 989 -38.02 70.12 1.33
C ASP A 989 -38.60 69.04 0.41
N GLN A 990 -37.84 68.61 -0.61
CA GLN A 990 -38.29 67.59 -1.54
C GLN A 990 -37.19 66.55 -1.71
N VAL A 991 -37.58 65.39 -2.24
CA VAL A 991 -36.67 64.31 -2.55
C VAL A 991 -37.11 63.65 -3.85
N GLU A 992 -36.17 62.95 -4.48
CA GLU A 992 -36.44 62.28 -5.73
C GLU A 992 -37.37 61.08 -5.53
N GLU A 993 -38.33 60.94 -6.42
CA GLU A 993 -39.33 59.88 -6.39
C GLU A 993 -39.27 59.07 -7.67
N LYS A 994 -39.59 57.79 -7.58
CA LYS A 994 -39.18 56.82 -8.58
C LYS A 994 -40.37 56.00 -9.04
N LYS A 995 -40.51 55.87 -10.36
CA LYS A 995 -41.52 55.05 -11.00
C LYS A 995 -40.83 54.01 -11.87
N CYS A 996 -41.22 52.75 -11.70
CA CYS A 996 -40.67 51.65 -12.48
C CYS A 996 -41.69 51.23 -13.53
N ILE A 997 -41.23 51.05 -14.77
CA ILE A 997 -42.09 50.70 -15.88
C ILE A 997 -41.47 49.50 -16.59
N PRO A 998 -42.23 48.47 -16.95
CA PRO A 998 -41.66 47.39 -17.75
C PRO A 998 -41.10 47.89 -19.08
N ALA A 999 -40.02 47.25 -19.50
CA ALA A 999 -39.29 47.68 -20.70
C ALA A 999 -40.16 47.59 -21.94
N ALA A 1000 -40.89 46.49 -22.09
CA ALA A 1000 -41.73 46.27 -23.27
C ALA A 1000 -42.89 47.26 -23.33
N ASP A 1001 -43.39 47.70 -22.19
CA ASP A 1001 -44.44 48.71 -22.19
C ASP A 1001 -43.97 50.06 -22.72
N PHE A 1002 -42.70 50.42 -22.49
CA PHE A 1002 -42.14 51.61 -23.14
C PHE A 1002 -41.71 51.39 -24.58
N ASN A 1003 -40.87 50.38 -24.83
CA ASN A 1003 -40.19 50.28 -26.12
C ASN A 1003 -41.17 50.42 -27.29
N GLN A 1004 -42.24 49.63 -27.30
CA GLN A 1004 -43.21 49.73 -28.37
C GLN A 1004 -44.04 51.00 -28.29
N THR A 1005 -44.00 51.71 -27.16
CA THR A 1005 -44.73 52.96 -27.02
C THR A 1005 -43.89 54.17 -27.35
N ALA A 1006 -42.58 54.12 -27.06
CA ALA A 1006 -41.68 55.26 -27.24
C ALA A 1006 -42.19 56.51 -26.52
N GLY A 1007 -42.93 56.33 -25.44
CA GLY A 1007 -43.37 57.46 -24.63
C GLY A 1007 -44.21 57.02 -23.46
N TYR A 1008 -44.30 57.91 -22.47
CA TYR A 1008 -45.10 57.64 -21.27
C TYR A 1008 -45.59 58.95 -20.70
N LEU A 1009 -46.74 58.90 -20.01
CA LEU A 1009 -47.41 60.08 -19.48
C LEU A 1009 -47.42 60.03 -17.95
N ILE A 1010 -46.85 61.05 -17.32
CA ILE A 1010 -46.82 61.18 -15.87
C ILE A 1010 -47.57 62.44 -15.50
N LYS A 1011 -48.33 62.41 -14.42
CA LYS A 1011 -49.17 63.52 -14.03
C LYS A 1011 -48.55 64.20 -12.82
N LEU A 1012 -48.30 65.51 -12.94
CA LEU A 1012 -47.63 66.31 -11.91
C LEU A 1012 -48.37 67.61 -11.73
N ASN A 1013 -48.23 68.19 -10.53
CA ASN A 1013 -48.69 69.54 -10.26
C ASN A 1013 -47.57 70.54 -10.47
N GLU A 1014 -47.87 71.81 -10.23
CA GLU A 1014 -47.00 72.90 -10.60
C GLU A 1014 -45.66 72.85 -9.87
N GLY A 1015 -44.63 73.40 -10.51
CA GLY A 1015 -43.29 73.48 -9.97
C GLY A 1015 -42.19 73.14 -10.97
N LEU A 1016 -40.94 73.45 -10.63
CA LEU A 1016 -39.78 72.98 -11.38
C LEU A 1016 -39.42 71.57 -10.95
N TYR A 1017 -39.57 70.62 -11.87
CA TYR A 1017 -39.16 69.24 -11.66
C TYR A 1017 -37.89 68.95 -12.44
N SER A 1018 -36.87 68.46 -11.76
CA SER A 1018 -35.84 67.67 -12.42
C SER A 1018 -36.40 66.33 -12.87
N PHE A 1019 -35.94 65.86 -14.01
CA PHE A 1019 -36.27 64.54 -14.50
C PHE A 1019 -34.99 63.79 -14.84
N ARG A 1020 -34.99 62.50 -14.55
CA ARG A 1020 -33.92 61.61 -14.96
C ARG A 1020 -34.56 60.28 -15.33
N VAL A 1021 -33.86 59.51 -16.14
CA VAL A 1021 -34.23 58.14 -16.42
C VAL A 1021 -32.97 57.29 -16.45
N ARG A 1022 -33.11 56.03 -16.03
CA ARG A 1022 -32.10 55.02 -16.28
C ARG A 1022 -32.79 53.71 -16.62
N ALA A 1023 -32.07 52.85 -17.31
CA ALA A 1023 -32.50 51.47 -17.45
C ALA A 1023 -32.09 50.67 -16.24
N ASN A 1024 -32.79 49.58 -16.00
CA ASN A 1024 -32.32 48.49 -15.15
C ASN A 1024 -32.27 47.22 -15.99
N SER A 1025 -31.11 46.94 -16.56
CA SER A 1025 -30.91 45.68 -17.25
C SER A 1025 -30.62 44.56 -16.26
N ILE A 1026 -30.54 43.34 -16.77
CA ILE A 1026 -30.19 42.19 -15.94
C ILE A 1026 -28.81 42.37 -15.33
N ALA A 1027 -27.95 43.17 -15.97
CA ALA A 1027 -26.67 43.55 -15.38
C ALA A 1027 -26.80 44.48 -14.19
N GLY A 1028 -28.00 44.98 -13.91
CA GLY A 1028 -28.24 45.90 -12.81
C GLY A 1028 -28.53 47.31 -13.29
N TYR A 1029 -28.75 48.18 -12.31
CA TYR A 1029 -29.04 49.58 -12.63
C TYR A 1029 -27.92 50.21 -13.46
N GLY A 1030 -28.31 50.85 -14.57
CA GLY A 1030 -27.40 51.70 -15.30
C GLY A 1030 -27.25 53.06 -14.64
N ASP A 1031 -26.39 53.88 -15.23
CA ASP A 1031 -26.29 55.28 -14.81
C ASP A 1031 -27.61 55.99 -15.04
N PHE A 1032 -27.96 56.91 -14.14
CA PHE A 1032 -28.95 57.91 -14.48
C PHE A 1032 -28.46 58.78 -15.63
N THR A 1033 -29.40 59.11 -16.52
CA THR A 1033 -29.22 60.17 -17.49
C THR A 1033 -28.77 61.49 -16.88
N GLU A 1034 -28.22 62.36 -17.71
CA GLU A 1034 -28.16 63.78 -17.38
C GLU A 1034 -29.55 64.27 -17.00
N VAL A 1035 -29.60 65.22 -16.05
CA VAL A 1035 -30.86 65.67 -15.48
C VAL A 1035 -31.64 66.45 -16.52
N GLU A 1036 -32.80 65.92 -16.92
CA GLU A 1036 -33.79 66.63 -17.71
C GLU A 1036 -34.64 67.49 -16.78
N HIS A 1037 -35.38 68.45 -17.37
CA HIS A 1037 -36.16 69.39 -16.58
C HIS A 1037 -37.55 69.56 -17.20
N ILE A 1038 -38.49 70.03 -16.36
CA ILE A 1038 -39.76 70.58 -16.82
C ILE A 1038 -40.19 71.67 -15.85
N LYS A 1039 -40.70 72.78 -16.38
CA LYS A 1039 -41.20 73.89 -15.58
C LYS A 1039 -42.74 73.93 -15.62
N VAL A 1040 -43.37 73.06 -14.85
CA VAL A 1040 -44.82 72.93 -14.84
C VAL A 1040 -45.47 74.13 -14.17
N GLU A 1041 -46.63 74.56 -14.68
CA GLU A 1041 -47.33 75.76 -14.25
C GLU A 1041 -48.73 75.42 -13.71
N PRO A 1042 -49.25 76.22 -12.78
CA PRO A 1042 -50.49 75.84 -12.10
C PRO A 1042 -51.69 75.90 -13.04
N PRO A 1043 -52.69 75.04 -12.83
CA PRO A 1043 -53.96 75.20 -13.54
C PRO A 1043 -54.64 76.49 -13.14
N PRO A 1044 -55.47 77.04 -14.03
CA PRO A 1044 -56.15 78.31 -13.73
C PRO A 1044 -57.12 78.20 -12.56
N SER A 1045 -57.31 79.32 -11.87
CA SER A 1045 -58.46 79.52 -10.99
C SER A 1045 -59.34 80.61 -11.60
N TYR A 1046 -60.60 80.25 -11.85
CA TYR A 1046 -61.50 81.05 -12.66
C TYR A 1046 -62.06 82.27 -11.95
N ALA A 1047 -61.68 82.51 -10.70
CA ALA A 1047 -61.92 83.80 -10.07
C ALA A 1047 -60.94 84.86 -10.54
N LYS A 1048 -59.81 84.44 -11.12
CA LYS A 1048 -58.79 85.37 -11.60
C LYS A 1048 -59.18 85.97 -12.94
N ASN B 73 -45.75 -44.14 -19.45
CA ASN B 73 -46.63 -43.31 -18.59
C ASN B 73 -45.85 -42.26 -17.82
N VAL B 74 -45.01 -42.71 -16.88
CA VAL B 74 -44.36 -41.83 -15.93
C VAL B 74 -42.88 -42.17 -15.83
N LYS B 75 -42.28 -42.48 -16.97
CA LYS B 75 -40.87 -42.83 -16.98
C LYS B 75 -40.05 -41.67 -16.43
N PRO B 76 -39.09 -41.93 -15.52
CA PRO B 76 -38.32 -40.85 -14.91
C PRO B 76 -36.93 -40.63 -15.50
N CYS B 77 -36.31 -39.51 -15.15
CA CYS B 77 -34.87 -39.30 -15.26
C CYS B 77 -34.31 -38.99 -13.88
N LYS B 78 -33.06 -39.37 -13.65
CA LYS B 78 -32.28 -38.84 -12.53
C LYS B 78 -32.08 -37.35 -12.71
N SER B 79 -31.35 -36.72 -11.80
CA SER B 79 -30.98 -35.32 -11.95
C SER B 79 -30.30 -35.07 -13.29
N MET B 80 -30.42 -33.84 -13.77
CA MET B 80 -29.86 -33.44 -15.06
C MET B 80 -28.92 -32.25 -14.87
N ASP B 81 -27.86 -32.23 -15.67
CA ASP B 81 -26.86 -31.16 -15.64
C ASP B 81 -26.65 -30.72 -17.08
N ILE B 82 -27.51 -29.85 -17.56
CA ILE B 82 -27.51 -29.44 -18.96
C ILE B 82 -26.41 -28.42 -19.22
N ARG B 83 -25.85 -28.49 -20.41
CA ARG B 83 -24.59 -27.86 -20.77
C ARG B 83 -24.70 -27.28 -22.17
N ASN B 84 -23.74 -26.41 -22.51
CA ASN B 84 -23.86 -25.59 -23.70
C ASN B 84 -23.85 -26.41 -24.98
N MET B 85 -23.16 -27.54 -25.00
CA MET B 85 -23.34 -28.44 -26.13
C MET B 85 -24.77 -28.97 -26.07
N VAL B 86 -25.61 -28.42 -26.95
CA VAL B 86 -27.05 -28.60 -26.80
C VAL B 86 -27.44 -30.05 -27.03
N SER B 87 -26.55 -30.86 -27.62
CA SER B 87 -26.71 -32.31 -27.61
C SER B 87 -26.84 -32.87 -26.19
N HIS B 88 -26.31 -32.17 -25.19
CA HIS B 88 -26.64 -32.53 -23.81
C HIS B 88 -28.09 -32.24 -23.47
N PHE B 89 -28.71 -31.27 -24.15
CA PHE B 89 -30.11 -30.97 -23.87
C PHE B 89 -31.02 -32.15 -24.18
N ASN B 90 -30.61 -33.01 -25.12
CA ASN B 90 -31.36 -34.21 -25.47
C ASN B 90 -31.51 -35.22 -24.33
N GLN B 91 -30.75 -35.08 -23.25
CA GLN B 91 -30.95 -35.93 -22.07
C GLN B 91 -32.37 -35.85 -21.51
N LEU B 92 -33.04 -34.72 -21.66
CA LEU B 92 -34.38 -34.53 -21.10
C LEU B 92 -35.46 -35.39 -21.75
N GLU B 93 -35.20 -35.99 -22.91
CA GLU B 93 -36.26 -36.62 -23.68
C GLU B 93 -36.80 -37.90 -23.05
N ASN B 94 -38.09 -38.14 -23.30
CA ASN B 94 -38.80 -39.36 -22.90
C ASN B 94 -38.76 -39.64 -21.39
N CYS B 95 -38.64 -38.61 -20.56
CA CYS B 95 -38.94 -38.76 -19.15
C CYS B 95 -39.77 -37.57 -18.69
N THR B 96 -40.87 -37.86 -18.00
CA THR B 96 -41.79 -36.81 -17.54
C THR B 96 -41.45 -36.30 -16.14
N VAL B 97 -40.77 -37.10 -15.34
CA VAL B 97 -40.30 -36.69 -14.02
C VAL B 97 -38.78 -36.64 -14.04
N ILE B 98 -38.23 -35.51 -13.62
CA ILE B 98 -36.84 -35.50 -13.16
C ILE B 98 -36.82 -35.96 -11.72
N GLU B 99 -36.16 -37.09 -11.47
CA GLU B 99 -36.13 -37.70 -10.16
C GLU B 99 -35.25 -36.92 -9.20
N GLY B 100 -34.67 -35.82 -9.66
CA GLY B 100 -33.81 -34.98 -8.84
C GLY B 100 -34.02 -33.52 -9.20
N PHE B 101 -32.96 -32.79 -9.52
CA PHE B 101 -33.07 -31.39 -9.88
C PHE B 101 -32.70 -31.18 -11.34
N LEU B 102 -33.11 -30.04 -11.88
CA LEU B 102 -32.63 -29.56 -13.17
C LEU B 102 -31.66 -28.41 -12.98
N LEU B 103 -30.43 -28.59 -13.45
CA LEU B 103 -29.54 -27.49 -13.75
C LEU B 103 -29.46 -27.32 -15.27
N ILE B 104 -29.68 -26.11 -15.74
CA ILE B 104 -29.31 -25.67 -17.09
C ILE B 104 -28.29 -24.55 -16.96
N ASP B 105 -27.10 -24.77 -17.50
CA ASP B 105 -25.93 -23.99 -17.13
C ASP B 105 -25.13 -23.52 -18.33
N LEU B 106 -24.92 -22.20 -18.40
CA LEU B 106 -23.91 -21.62 -19.26
C LEU B 106 -24.01 -22.10 -20.71
N ILE B 107 -25.21 -22.39 -21.18
CA ILE B 107 -25.41 -22.55 -22.61
C ILE B 107 -25.06 -21.20 -23.24
N ASN B 108 -23.92 -21.13 -23.93
CA ASN B 108 -23.49 -19.89 -24.54
C ASN B 108 -24.42 -19.46 -25.67
N ASP B 109 -24.92 -20.41 -26.47
CA ASP B 109 -25.96 -20.11 -27.45
C ASP B 109 -26.91 -21.30 -27.57
N ALA B 110 -28.09 -21.17 -26.95
CA ALA B 110 -29.15 -22.17 -27.04
C ALA B 110 -29.96 -22.10 -28.34
N SER B 111 -29.65 -21.18 -29.24
CA SER B 111 -30.45 -21.06 -30.46
C SER B 111 -30.55 -22.33 -31.30
N PRO B 112 -29.54 -23.20 -31.36
CA PRO B 112 -29.69 -24.48 -32.07
C PRO B 112 -30.69 -25.44 -31.45
N LEU B 113 -31.34 -25.09 -30.34
CA LEU B 113 -32.40 -25.96 -29.84
C LEU B 113 -33.65 -25.92 -30.72
N ASN B 114 -33.69 -26.81 -31.71
CA ASN B 114 -34.90 -27.01 -32.50
C ASN B 114 -35.95 -27.78 -31.72
N ARG B 115 -35.53 -28.63 -30.79
CA ARG B 115 -36.45 -29.46 -30.02
C ARG B 115 -37.32 -28.62 -29.09
N SER B 116 -38.29 -29.30 -28.48
CA SER B 116 -38.85 -28.87 -27.22
C SER B 116 -39.23 -30.11 -26.43
N PHE B 117 -39.35 -29.96 -25.12
CA PHE B 117 -39.64 -31.07 -24.21
C PHE B 117 -40.96 -30.87 -23.49
N PRO B 118 -42.09 -30.94 -24.20
CA PRO B 118 -43.39 -30.92 -23.52
C PRO B 118 -43.69 -32.19 -22.76
N LYS B 119 -42.93 -33.26 -22.97
CA LYS B 119 -43.05 -34.45 -22.14
C LYS B 119 -42.71 -34.16 -20.67
N LEU B 120 -41.80 -33.23 -20.41
CA LEU B 120 -41.41 -32.89 -19.05
C LEU B 120 -42.52 -32.15 -18.33
N THR B 121 -43.15 -32.79 -17.36
CA THR B 121 -44.19 -32.15 -16.58
C THR B 121 -43.75 -31.79 -15.17
N GLU B 122 -42.84 -32.57 -14.58
CA GLU B 122 -42.57 -32.49 -13.15
C GLU B 122 -41.09 -32.61 -12.87
N VAL B 123 -40.64 -31.90 -11.85
CA VAL B 123 -39.33 -32.07 -11.25
C VAL B 123 -39.55 -32.24 -9.76
N THR B 124 -38.89 -33.24 -9.17
CA THR B 124 -39.03 -33.47 -7.75
C THR B 124 -38.34 -32.40 -6.94
N ASP B 125 -37.13 -32.03 -7.34
CA ASP B 125 -36.30 -31.16 -6.50
C ASP B 125 -36.47 -29.69 -6.87
N TYR B 126 -35.58 -29.17 -7.71
CA TYR B 126 -35.63 -27.75 -8.00
C TYR B 126 -35.12 -27.49 -9.41
N ILE B 127 -35.44 -26.31 -9.92
CA ILE B 127 -34.92 -25.80 -11.18
C ILE B 127 -33.88 -24.75 -10.89
N ILE B 128 -32.72 -24.86 -11.52
CA ILE B 128 -31.83 -23.74 -11.72
C ILE B 128 -31.72 -23.48 -13.21
N ILE B 129 -32.05 -22.26 -13.62
CA ILE B 129 -31.69 -21.71 -14.92
C ILE B 129 -30.68 -20.61 -14.68
N TYR B 130 -29.42 -20.83 -15.08
CA TYR B 130 -28.36 -19.89 -14.74
C TYR B 130 -27.59 -19.51 -16.00
N ARG B 131 -27.48 -18.21 -16.26
CA ARG B 131 -26.73 -17.67 -17.38
C ARG B 131 -26.90 -18.42 -18.70
N VAL B 132 -28.11 -18.88 -18.98
CA VAL B 132 -28.40 -19.45 -20.28
C VAL B 132 -28.48 -18.29 -21.26
N THR B 133 -27.83 -18.43 -22.41
CA THR B 133 -27.94 -17.42 -23.45
C THR B 133 -28.14 -18.11 -24.79
N GLY B 134 -28.65 -17.33 -25.75
CA GLY B 134 -29.29 -17.93 -26.90
C GLY B 134 -30.61 -18.59 -26.59
N LEU B 135 -31.17 -18.35 -25.41
CA LEU B 135 -32.47 -18.89 -25.02
C LEU B 135 -33.44 -17.75 -24.76
N HIS B 136 -34.62 -17.82 -25.37
CA HIS B 136 -35.64 -16.78 -25.23
C HIS B 136 -36.83 -17.14 -24.35
N SER B 137 -37.26 -18.40 -24.33
CA SER B 137 -38.43 -18.79 -23.55
C SER B 137 -38.23 -20.15 -22.90
N LEU B 138 -38.65 -20.27 -21.64
CA LEU B 138 -38.67 -21.56 -20.98
C LEU B 138 -39.72 -22.49 -21.58
N SER B 139 -40.73 -21.94 -22.25
CA SER B 139 -41.63 -22.78 -23.02
C SER B 139 -40.87 -23.50 -24.12
N LYS B 140 -39.76 -22.92 -24.57
CA LYS B 140 -38.91 -23.56 -25.57
C LYS B 140 -38.36 -24.89 -25.06
N ILE B 141 -37.95 -24.92 -23.80
CA ILE B 141 -37.30 -26.10 -23.21
C ILE B 141 -38.33 -27.09 -22.71
N PHE B 142 -39.10 -26.70 -21.70
CA PHE B 142 -39.89 -27.64 -20.90
C PHE B 142 -41.25 -27.04 -20.57
N PRO B 143 -42.05 -26.77 -21.61
CA PRO B 143 -43.23 -25.89 -21.45
C PRO B 143 -44.30 -26.47 -20.56
N ASN B 144 -44.42 -27.79 -20.49
CA ASN B 144 -45.45 -28.46 -19.71
C ASN B 144 -45.12 -28.57 -18.23
N LEU B 145 -44.11 -27.85 -17.75
CA LEU B 145 -43.80 -27.86 -16.33
C LEU B 145 -45.04 -27.55 -15.50
N SER B 146 -45.43 -28.49 -14.66
CA SER B 146 -46.67 -28.37 -13.91
C SER B 146 -46.46 -28.36 -12.40
N VAL B 147 -45.45 -29.08 -11.90
CA VAL B 147 -45.16 -29.11 -10.47
C VAL B 147 -43.65 -29.08 -10.28
N ILE B 148 -43.16 -28.22 -9.40
CA ILE B 148 -41.88 -28.38 -8.74
C ILE B 148 -42.15 -28.66 -7.28
N ARG B 149 -41.82 -29.86 -6.82
CA ARG B 149 -42.22 -30.26 -5.48
C ARG B 149 -41.35 -29.62 -4.40
N GLY B 150 -40.09 -29.33 -4.68
CA GLY B 150 -39.18 -28.85 -3.66
C GLY B 150 -38.74 -29.89 -2.65
N ASN B 151 -38.71 -31.17 -3.05
CA ASN B 151 -38.21 -32.22 -2.15
C ASN B 151 -36.77 -31.96 -1.73
N LYS B 152 -36.10 -31.07 -2.44
CA LYS B 152 -34.99 -30.28 -1.91
C LYS B 152 -35.25 -28.83 -2.27
N LEU B 153 -34.58 -27.93 -1.56
CA LEU B 153 -34.45 -26.56 -2.02
C LEU B 153 -32.98 -26.26 -2.26
N PHE B 154 -32.70 -25.42 -3.23
CA PHE B 154 -31.40 -24.76 -3.30
C PHE B 154 -31.43 -23.54 -2.40
N ASP B 155 -30.76 -23.61 -1.26
CA ASP B 155 -30.67 -22.48 -0.34
C ASP B 155 -32.04 -21.92 0.03
N GLY B 156 -33.05 -22.79 0.12
CA GLY B 156 -34.41 -22.38 0.38
C GLY B 156 -35.29 -22.14 -0.83
N TYR B 157 -34.72 -22.06 -2.04
CA TYR B 157 -35.48 -21.80 -3.25
C TYR B 157 -35.70 -23.09 -4.04
N ALA B 158 -36.91 -23.24 -4.57
CA ALA B 158 -37.20 -24.33 -5.50
C ALA B 158 -37.01 -23.93 -6.96
N LEU B 159 -37.01 -22.64 -7.27
CA LEU B 159 -36.91 -22.18 -8.65
C LEU B 159 -36.00 -20.97 -8.72
N VAL B 160 -34.79 -21.16 -9.22
CA VAL B 160 -33.83 -20.08 -9.42
C VAL B 160 -33.70 -19.87 -10.92
N VAL B 161 -33.88 -18.62 -11.36
CA VAL B 161 -33.70 -18.22 -12.75
C VAL B 161 -32.83 -16.98 -12.72
N TYR B 162 -31.52 -17.15 -12.89
CA TYR B 162 -30.55 -16.14 -12.51
C TYR B 162 -29.71 -15.70 -13.71
N SER B 163 -29.66 -14.39 -13.94
CA SER B 163 -28.77 -13.75 -14.91
C SER B 163 -28.91 -14.27 -16.34
N ASN B 164 -30.07 -14.80 -16.70
CA ASN B 164 -30.30 -15.23 -18.09
C ASN B 164 -30.56 -13.99 -18.94
N PHE B 165 -29.50 -13.35 -19.42
CA PHE B 165 -29.69 -12.06 -20.10
C PHE B 165 -30.66 -12.17 -21.27
N ASP B 166 -30.64 -13.28 -22.00
CA ASP B 166 -31.56 -13.44 -23.12
C ASP B 166 -32.95 -13.91 -22.73
N LEU B 167 -33.15 -14.40 -21.51
CA LEU B 167 -34.47 -14.92 -21.18
C LEU B 167 -35.46 -13.78 -21.15
N MET B 168 -36.58 -13.96 -21.84
CA MET B 168 -37.52 -12.87 -22.08
C MET B 168 -38.98 -13.28 -21.94
N ASP B 169 -39.31 -14.56 -22.14
CA ASP B 169 -40.57 -15.14 -21.69
C ASP B 169 -40.28 -16.17 -20.62
N LEU B 170 -40.76 -15.94 -19.41
CA LEU B 170 -40.90 -16.99 -18.40
C LEU B 170 -42.12 -17.87 -18.70
N GLY B 171 -42.10 -18.48 -19.88
CA GLY B 171 -43.27 -19.19 -20.39
C GLY B 171 -43.60 -20.50 -19.69
N LEU B 172 -43.44 -20.55 -18.36
CA LEU B 172 -43.85 -21.70 -17.56
C LEU B 172 -45.36 -21.77 -17.34
N HIS B 173 -46.14 -21.46 -18.38
CA HIS B 173 -47.54 -21.06 -18.19
C HIS B 173 -48.36 -22.13 -17.47
N LYS B 174 -48.04 -23.40 -17.68
CA LYS B 174 -48.76 -24.50 -17.04
C LYS B 174 -48.31 -24.75 -15.60
N LEU B 175 -47.30 -24.04 -15.12
CA LEU B 175 -46.80 -24.23 -13.77
C LEU B 175 -47.90 -23.92 -12.76
N ARG B 176 -48.21 -24.89 -11.90
CA ARG B 176 -49.26 -24.72 -10.90
C ARG B 176 -48.73 -24.71 -9.48
N SER B 177 -48.04 -25.75 -9.03
CA SER B 177 -47.58 -25.85 -7.66
C SER B 177 -46.06 -25.81 -7.61
N ILE B 178 -45.52 -24.91 -6.79
CA ILE B 178 -44.18 -25.05 -6.23
C ILE B 178 -44.35 -25.47 -4.77
N THR B 179 -44.29 -26.77 -4.51
CA THR B 179 -44.90 -27.29 -3.30
C THR B 179 -44.10 -26.96 -2.05
N ARG B 180 -42.84 -26.55 -2.19
CA ARG B 180 -42.06 -26.13 -1.04
C ARG B 180 -41.05 -25.07 -1.46
N GLY B 181 -40.64 -24.28 -0.48
CA GLY B 181 -39.60 -23.28 -0.66
C GLY B 181 -39.98 -22.15 -1.58
N GLY B 182 -39.00 -21.28 -1.83
CA GLY B 182 -39.23 -20.02 -2.50
C GLY B 182 -38.96 -20.05 -3.99
N VAL B 183 -39.03 -18.86 -4.58
CA VAL B 183 -38.76 -18.61 -5.99
C VAL B 183 -37.87 -17.39 -6.08
N ARG B 184 -36.87 -17.44 -6.97
CA ARG B 184 -35.93 -16.32 -7.13
C ARG B 184 -35.60 -16.14 -8.60
N ILE B 185 -36.34 -15.27 -9.27
CA ILE B 185 -36.18 -15.01 -10.70
C ILE B 185 -35.59 -13.62 -10.82
N GLU B 186 -34.26 -13.52 -10.94
CA GLU B 186 -33.65 -12.21 -10.84
C GLU B 186 -32.43 -12.09 -11.75
N LYS B 187 -32.06 -10.83 -11.96
CA LYS B 187 -31.01 -10.36 -12.86
C LYS B 187 -31.24 -10.72 -14.33
N ASN B 188 -32.41 -11.25 -14.68
CA ASN B 188 -32.75 -11.51 -16.08
C ASN B 188 -33.15 -10.20 -16.75
N HIS B 189 -32.16 -9.48 -17.26
CA HIS B 189 -32.38 -8.13 -17.75
C HIS B 189 -33.44 -8.03 -18.83
N LYS B 190 -33.61 -9.06 -19.64
CA LYS B 190 -34.68 -9.05 -20.64
C LYS B 190 -36.00 -9.63 -20.17
N LEU B 191 -36.05 -10.24 -18.98
CA LEU B 191 -37.30 -10.84 -18.51
C LEU B 191 -38.17 -9.77 -17.86
N CYS B 192 -38.89 -9.04 -18.70
CA CYS B 192 -40.15 -8.45 -18.27
C CYS B 192 -41.14 -9.55 -17.90
N TYR B 193 -42.24 -9.15 -17.27
CA TYR B 193 -43.27 -10.11 -16.89
C TYR B 193 -42.79 -11.08 -15.81
N ASP B 194 -42.37 -10.53 -14.68
CA ASP B 194 -41.96 -11.31 -13.51
C ASP B 194 -42.90 -11.06 -12.34
N ARG B 195 -43.03 -9.81 -11.87
CA ARG B 195 -44.06 -9.47 -10.89
C ARG B 195 -45.46 -9.65 -11.46
N THR B 196 -45.56 -9.71 -12.79
CA THR B 196 -46.83 -9.89 -13.47
C THR B 196 -47.48 -11.24 -13.21
N ILE B 197 -46.79 -12.15 -12.52
CA ILE B 197 -47.38 -13.39 -12.00
C ILE B 197 -47.55 -13.27 -10.49
N ASP B 198 -48.73 -13.67 -10.00
CA ASP B 198 -48.97 -13.79 -8.56
C ASP B 198 -48.40 -15.14 -8.11
N TRP B 199 -47.08 -15.12 -7.89
CA TRP B 199 -46.37 -16.32 -7.43
C TRP B 199 -46.97 -16.90 -6.15
N LEU B 200 -47.62 -16.06 -5.34
CA LEU B 200 -48.19 -16.54 -4.08
C LEU B 200 -49.30 -17.57 -4.26
N GLU B 201 -49.98 -17.59 -5.41
CA GLU B 201 -50.88 -18.71 -5.69
C GLU B 201 -50.10 -20.00 -5.89
N ILE B 202 -48.91 -19.92 -6.50
CA ILE B 202 -48.18 -21.11 -6.90
C ILE B 202 -47.54 -21.78 -5.70
N LEU B 203 -47.06 -20.99 -4.74
CA LEU B 203 -46.39 -21.55 -3.57
C LEU B 203 -47.40 -22.20 -2.62
N ALA B 204 -46.86 -22.93 -1.65
CA ALA B 204 -47.54 -23.13 -0.38
C ALA B 204 -47.56 -21.84 0.43
N GLU B 205 -48.66 -21.66 1.17
CA GLU B 205 -48.98 -20.36 1.75
C GLU B 205 -47.95 -19.92 2.79
N ASN B 206 -47.38 -20.89 3.52
CA ASN B 206 -46.36 -20.58 4.52
C ASN B 206 -45.10 -19.99 3.91
N GLU B 207 -44.86 -20.24 2.64
CA GLU B 207 -43.62 -19.87 1.96
C GLU B 207 -43.69 -18.49 1.34
N THR B 208 -44.80 -17.78 1.50
CA THR B 208 -45.08 -16.54 0.77
C THR B 208 -44.16 -15.39 1.16
N GLN B 209 -43.23 -15.59 2.09
CA GLN B 209 -42.14 -14.64 2.32
C GLN B 209 -40.93 -14.85 1.41
N LEU B 210 -40.92 -15.94 0.63
CA LEU B 210 -39.72 -16.40 -0.06
C LEU B 210 -39.77 -16.16 -1.56
N VAL B 211 -40.51 -15.16 -2.03
CA VAL B 211 -40.49 -14.76 -3.44
C VAL B 211 -39.61 -13.52 -3.59
N VAL B 212 -38.61 -13.62 -4.46
CA VAL B 212 -37.63 -12.56 -4.66
C VAL B 212 -37.48 -12.31 -6.15
N LEU B 213 -37.52 -11.04 -6.55
CA LEU B 213 -37.49 -10.65 -7.96
C LEU B 213 -36.79 -9.30 -8.07
N THR B 214 -35.61 -9.25 -8.68
CA THR B 214 -34.86 -8.00 -8.77
C THR B 214 -34.14 -7.87 -10.11
N GLU B 215 -33.81 -6.62 -10.45
CA GLU B 215 -32.97 -6.29 -11.60
C GLU B 215 -33.53 -6.86 -12.90
N ASN B 216 -34.84 -7.05 -12.95
CA ASN B 216 -35.57 -7.57 -14.09
C ASN B 216 -35.58 -6.64 -15.32
N GLY B 217 -35.01 -5.45 -15.25
CA GLY B 217 -35.29 -4.42 -16.25
C GLY B 217 -34.65 -3.09 -15.92
N LYS B 218 -33.32 -3.09 -15.89
CA LYS B 218 -32.54 -1.91 -15.50
C LYS B 218 -32.80 -0.74 -16.44
N GLU B 219 -32.77 -0.99 -17.75
CA GLU B 219 -32.84 0.05 -18.76
C GLU B 219 -33.80 -0.28 -19.90
N LYS B 220 -34.35 -1.50 -19.94
CA LYS B 220 -35.10 -1.96 -21.11
C LYS B 220 -36.38 -1.14 -21.32
N GLU B 221 -37.06 -0.76 -20.25
CA GLU B 221 -38.30 -0.02 -20.42
C GLU B 221 -38.60 0.85 -19.22
N CYS B 222 -39.52 1.79 -19.43
CA CYS B 222 -40.04 2.69 -18.41
C CYS B 222 -41.54 2.48 -18.29
N ARG B 223 -41.93 1.23 -18.03
CA ARG B 223 -43.33 0.77 -18.12
C ARG B 223 -43.90 0.96 -19.53
N LEU B 224 -43.32 0.22 -20.48
CA LEU B 224 -43.72 0.30 -21.88
C LEU B 224 -44.33 -0.99 -22.40
N SER B 225 -44.06 -2.13 -21.75
CA SER B 225 -44.67 -3.41 -22.03
C SER B 225 -46.05 -3.51 -21.37
N LYS B 226 -46.88 -4.40 -21.89
CA LYS B 226 -48.27 -4.47 -21.46
C LYS B 226 -48.77 -5.90 -21.48
N CYS B 227 -49.81 -6.14 -20.68
CA CYS B 227 -50.45 -7.43 -20.56
C CYS B 227 -51.44 -7.69 -21.70
N PRO B 228 -51.92 -8.92 -21.82
CA PRO B 228 -53.08 -9.19 -22.68
C PRO B 228 -54.36 -8.50 -22.20
N GLY B 229 -55.15 -8.01 -23.14
CA GLY B 229 -56.41 -7.36 -22.88
C GLY B 229 -56.33 -5.98 -22.25
N GLU B 230 -55.42 -5.78 -21.29
CA GLU B 230 -55.32 -4.50 -20.62
C GLU B 230 -54.79 -3.44 -21.58
N ILE B 231 -55.23 -2.20 -21.35
CA ILE B 231 -54.79 -1.04 -22.13
C ILE B 231 -53.83 -0.24 -21.26
N ARG B 232 -52.63 0.01 -21.78
CA ARG B 232 -51.61 0.76 -21.06
C ARG B 232 -52.00 2.23 -20.99
N SER B 249 -57.56 -14.46 -22.47
CA SER B 249 -57.57 -13.23 -21.69
C SER B 249 -58.21 -13.45 -20.31
N CYS B 250 -58.12 -12.42 -19.48
CA CYS B 250 -58.48 -12.52 -18.08
C CYS B 250 -59.11 -11.20 -17.63
N GLN B 251 -59.82 -11.26 -16.51
CA GLN B 251 -60.29 -10.06 -15.82
C GLN B 251 -59.12 -9.26 -15.24
N LEU B 252 -59.48 -8.12 -14.64
CA LEU B 252 -58.55 -7.40 -13.78
C LEU B 252 -58.27 -8.19 -12.51
N HIS B 253 -57.00 -8.25 -12.12
CA HIS B 253 -56.59 -8.98 -10.94
C HIS B 253 -55.56 -8.17 -10.16
N ASN B 254 -55.69 -8.16 -8.84
CA ASN B 254 -54.92 -7.26 -7.98
C ASN B 254 -55.00 -5.81 -8.45
N ASN B 255 -56.11 -5.45 -9.08
CA ASN B 255 -56.27 -4.17 -9.77
C ASN B 255 -55.22 -3.95 -10.84
N ARG B 256 -54.63 -5.02 -11.36
CA ARG B 256 -53.84 -4.96 -12.58
C ARG B 256 -54.26 -6.13 -13.44
N ARG B 257 -53.29 -6.89 -13.96
CA ARG B 257 -53.58 -8.20 -14.54
C ARG B 257 -52.38 -9.08 -14.27
N LEU B 258 -52.59 -10.40 -14.33
CA LEU B 258 -51.56 -11.37 -14.04
C LEU B 258 -51.14 -12.07 -15.33
N CYS B 259 -49.86 -11.96 -15.67
CA CYS B 259 -49.41 -12.02 -17.06
C CYS B 259 -48.08 -12.74 -17.14
N TRP B 260 -48.00 -13.79 -17.98
CA TRP B 260 -46.73 -14.44 -18.24
C TRP B 260 -45.92 -13.68 -19.27
N ASN B 261 -46.60 -13.01 -20.19
CA ASN B 261 -45.97 -12.24 -21.26
C ASN B 261 -47.05 -11.32 -21.83
N SER B 262 -46.79 -10.76 -23.00
CA SER B 262 -47.82 -9.97 -23.66
C SER B 262 -48.97 -10.82 -24.18
N LYS B 263 -48.83 -12.15 -24.16
CA LYS B 263 -49.82 -13.04 -24.75
C LYS B 263 -50.69 -13.79 -23.74
N LEU B 264 -50.16 -14.13 -22.56
CA LEU B 264 -50.78 -15.12 -21.68
C LEU B 264 -50.98 -14.58 -20.27
N CYS B 265 -52.10 -14.95 -19.66
CA CYS B 265 -52.44 -14.53 -18.31
C CYS B 265 -52.47 -15.75 -17.38
N GLN B 266 -52.27 -15.48 -16.09
CA GLN B 266 -52.10 -16.52 -15.09
C GLN B 266 -53.34 -17.40 -14.95
N THR B 267 -53.20 -18.68 -15.27
CA THR B 267 -54.23 -19.66 -15.02
C THR B 267 -54.64 -19.67 -13.56
N LYS B 268 -55.94 -19.86 -13.31
CA LYS B 268 -56.52 -19.99 -11.98
C LYS B 268 -56.96 -21.44 -11.70
N CYS B 269 -57.22 -21.70 -10.43
CA CYS B 269 -58.16 -22.74 -9.99
C CYS B 269 -58.94 -22.21 -8.80
N PRO B 270 -60.19 -22.68 -8.60
CA PRO B 270 -61.04 -22.05 -7.59
C PRO B 270 -60.40 -21.95 -6.21
N GLU B 271 -60.99 -21.09 -5.37
CA GLU B 271 -60.43 -20.84 -4.05
C GLU B 271 -60.39 -22.11 -3.20
N LYS B 272 -61.31 -23.05 -3.46
CA LYS B 272 -61.27 -24.35 -2.83
C LYS B 272 -60.48 -25.38 -3.64
N CYS B 273 -59.99 -25.00 -4.81
CA CYS B 273 -58.83 -25.63 -5.40
C CYS B 273 -57.53 -25.16 -4.77
N ARG B 274 -56.44 -25.82 -5.13
CA ARG B 274 -55.13 -25.48 -4.59
C ARG B 274 -54.01 -25.81 -5.59
N ASN B 275 -54.11 -25.25 -6.79
CA ASN B 275 -53.15 -25.49 -7.87
C ASN B 275 -52.89 -26.98 -8.12
N ASN B 276 -53.99 -27.75 -8.18
CA ASN B 276 -53.97 -29.14 -8.61
C ASN B 276 -54.86 -29.35 -9.83
N CYS B 277 -55.24 -28.27 -10.52
CA CYS B 277 -56.29 -28.26 -11.53
C CYS B 277 -56.10 -27.10 -12.49
N ILE B 278 -56.72 -27.25 -13.68
CA ILE B 278 -56.23 -26.61 -14.89
C ILE B 278 -57.36 -25.98 -15.70
N ASP B 279 -58.46 -25.63 -15.05
CA ASP B 279 -59.35 -24.61 -15.59
C ASP B 279 -59.85 -23.72 -14.47
N GLU B 280 -60.32 -22.54 -14.87
CA GLU B 280 -60.63 -21.49 -13.90
C GLU B 280 -61.86 -21.81 -13.07
N HIS B 281 -62.62 -22.83 -13.45
CA HIS B 281 -63.99 -23.01 -12.97
C HIS B 281 -64.19 -24.31 -12.22
N THR B 282 -63.48 -25.38 -12.57
CA THR B 282 -63.82 -26.71 -12.10
C THR B 282 -62.53 -27.47 -11.87
N CYS B 283 -62.13 -27.59 -10.60
CA CYS B 283 -60.85 -28.20 -10.27
C CYS B 283 -60.97 -29.72 -10.39
N CYS B 284 -59.82 -30.38 -10.37
CA CYS B 284 -59.72 -31.84 -10.33
C CYS B 284 -60.10 -32.35 -8.94
N SER B 285 -60.24 -33.68 -8.85
CA SER B 285 -60.33 -34.34 -7.55
C SER B 285 -59.09 -34.06 -6.70
N GLN B 286 -59.30 -33.95 -5.39
CA GLN B 286 -58.30 -33.49 -4.44
C GLN B 286 -57.20 -34.51 -4.14
N ASP B 287 -57.17 -35.67 -4.80
CA ASP B 287 -55.99 -36.53 -4.70
C ASP B 287 -54.86 -36.10 -5.63
N CYS B 288 -55.14 -35.21 -6.57
CA CYS B 288 -54.21 -34.82 -7.61
C CYS B 288 -53.29 -33.68 -7.16
N LEU B 289 -52.19 -33.50 -7.89
CA LEU B 289 -51.25 -32.43 -7.66
C LEU B 289 -50.89 -31.81 -9.00
N GLY B 290 -50.81 -30.49 -9.04
CA GLY B 290 -50.58 -29.79 -10.29
C GLY B 290 -51.82 -29.75 -11.15
N GLY B 291 -52.10 -30.83 -11.88
CA GLY B 291 -53.29 -30.83 -12.72
C GLY B 291 -53.69 -32.25 -13.09
N CYS B 292 -54.85 -32.34 -13.72
CA CYS B 292 -55.33 -33.59 -14.28
C CYS B 292 -55.67 -33.38 -15.75
N VAL B 293 -55.68 -34.48 -16.48
CA VAL B 293 -56.09 -34.52 -17.88
C VAL B 293 -57.28 -35.48 -17.98
N ILE B 294 -58.30 -35.07 -18.74
CA ILE B 294 -59.52 -35.84 -18.88
C ILE B 294 -59.50 -36.51 -20.24
N ASP B 295 -59.81 -37.80 -20.26
CA ASP B 295 -59.79 -38.56 -21.49
C ASP B 295 -60.91 -38.11 -22.43
N LYS B 296 -60.97 -38.74 -23.60
CA LYS B 296 -61.99 -38.45 -24.60
C LYS B 296 -63.41 -38.73 -24.13
N ASN B 297 -63.59 -39.14 -22.88
CA ASN B 297 -64.90 -39.47 -22.34
C ASN B 297 -65.23 -38.67 -21.09
N GLY B 298 -64.35 -38.70 -20.08
CA GLY B 298 -64.68 -38.24 -18.76
C GLY B 298 -63.96 -38.99 -17.66
N ASN B 299 -63.13 -39.97 -18.04
CA ASN B 299 -62.20 -40.54 -17.09
C ASN B 299 -61.07 -39.54 -16.85
N GLU B 300 -60.84 -39.20 -15.59
CA GLU B 300 -59.86 -38.18 -15.23
C GLU B 300 -58.61 -38.84 -14.66
N SER B 301 -57.46 -38.39 -15.14
CA SER B 301 -56.16 -38.89 -14.70
C SER B 301 -55.28 -37.72 -14.28
N CYS B 302 -54.42 -37.98 -13.28
CA CYS B 302 -53.47 -36.96 -12.85
C CYS B 302 -52.40 -36.70 -13.90
N ILE B 303 -51.92 -35.45 -13.92
CA ILE B 303 -50.60 -35.17 -14.44
C ILE B 303 -49.56 -35.59 -13.42
N SER B 304 -49.71 -35.08 -12.21
CA SER B 304 -48.99 -35.52 -11.04
C SER B 304 -50.02 -35.68 -9.94
N CYS B 305 -49.81 -36.63 -9.06
CA CYS B 305 -50.74 -36.89 -7.98
C CYS B 305 -50.00 -36.83 -6.65
N ARG B 306 -50.69 -36.31 -5.63
CA ARG B 306 -50.03 -35.63 -4.52
C ARG B 306 -49.20 -36.53 -3.63
N ASN B 307 -49.83 -37.41 -2.84
CA ASN B 307 -49.09 -38.03 -1.75
C ASN B 307 -48.00 -38.96 -2.27
N VAL B 308 -48.35 -39.87 -3.18
CA VAL B 308 -47.33 -40.63 -3.89
C VAL B 308 -47.94 -41.28 -5.12
N SER B 309 -47.11 -41.81 -6.00
CA SER B 309 -47.57 -42.57 -7.17
C SER B 309 -46.80 -43.88 -7.26
N PHE B 310 -47.50 -44.93 -7.69
CA PHE B 310 -46.85 -46.18 -8.07
C PHE B 310 -47.73 -46.86 -9.11
N ASN B 311 -47.11 -47.42 -10.14
CA ASN B 311 -47.83 -47.91 -11.31
C ASN B 311 -48.74 -46.83 -11.89
N ASN B 312 -48.37 -45.57 -11.70
CA ASN B 312 -49.22 -44.41 -11.94
C ASN B 312 -50.51 -44.44 -11.12
N ILE B 313 -50.59 -45.25 -10.08
CA ILE B 313 -51.74 -45.20 -9.18
C ILE B 313 -51.57 -44.04 -8.21
N CYS B 314 -52.54 -43.12 -8.23
CA CYS B 314 -52.59 -42.05 -7.24
C CYS B 314 -52.85 -42.66 -5.86
N MET B 315 -51.93 -42.46 -4.94
CA MET B 315 -51.88 -43.28 -3.73
C MET B 315 -51.66 -42.39 -2.51
N ASP B 316 -52.12 -42.89 -1.36
CA ASP B 316 -51.85 -42.24 -0.08
C ASP B 316 -50.44 -42.51 0.41
N SER B 317 -49.99 -43.77 0.32
CA SER B 317 -48.66 -44.15 0.77
C SER B 317 -48.29 -45.47 0.12
N CYS B 318 -46.98 -45.69 -0.03
CA CYS B 318 -46.50 -46.87 -0.74
C CYS B 318 -46.89 -48.13 0.02
N PRO B 319 -47.24 -49.21 -0.68
CA PRO B 319 -47.49 -50.48 0.00
C PRO B 319 -46.23 -51.06 0.62
N LYS B 320 -46.46 -52.03 1.51
CA LYS B 320 -45.35 -52.75 2.12
C LYS B 320 -44.41 -53.30 1.06
N GLY B 321 -43.12 -53.02 1.23
CA GLY B 321 -42.11 -53.43 0.28
C GLY B 321 -41.94 -52.49 -0.89
N TYR B 322 -42.72 -51.43 -0.96
CA TYR B 322 -42.49 -50.34 -1.89
C TYR B 322 -41.98 -49.15 -1.10
N TYR B 323 -40.87 -48.57 -1.55
CA TYR B 323 -40.18 -47.52 -0.80
C TYR B 323 -40.41 -46.19 -1.48
N GLN B 324 -40.84 -45.20 -0.71
CA GLN B 324 -41.13 -43.89 -1.24
C GLN B 324 -39.82 -43.22 -1.65
N PHE B 325 -39.84 -42.53 -2.79
CA PHE B 325 -38.71 -41.69 -3.21
C PHE B 325 -39.23 -40.43 -3.90
N ASP B 326 -39.56 -39.43 -3.09
CA ASP B 326 -39.91 -38.09 -3.53
C ASP B 326 -41.21 -38.00 -4.34
N SER B 327 -41.47 -38.97 -5.21
CA SER B 327 -42.72 -38.93 -5.95
C SER B 327 -43.31 -40.29 -6.24
N ARG B 328 -42.49 -41.20 -6.75
CA ARG B 328 -42.91 -42.57 -6.97
C ARG B 328 -42.43 -43.50 -5.86
N CYS B 329 -42.94 -44.72 -5.89
CA CYS B 329 -42.44 -45.81 -5.07
C CYS B 329 -41.53 -46.71 -5.89
N VAL B 330 -40.62 -47.40 -5.20
CA VAL B 330 -39.67 -48.32 -5.83
C VAL B 330 -39.62 -49.62 -5.03
N THR B 331 -39.12 -50.67 -5.67
CA THR B 331 -38.84 -51.90 -4.95
C THR B 331 -37.62 -51.69 -4.06
N ALA B 332 -37.43 -52.62 -3.12
CA ALA B 332 -36.29 -52.56 -2.22
C ALA B 332 -34.97 -52.45 -2.97
N ASN B 333 -34.69 -53.41 -3.86
CA ASN B 333 -33.43 -53.39 -4.60
C ASN B 333 -33.35 -52.24 -5.59
N GLU B 334 -34.48 -51.81 -6.14
CA GLU B 334 -34.45 -50.66 -7.04
C GLU B 334 -33.93 -49.42 -6.31
N CYS B 335 -34.22 -49.28 -5.02
CA CYS B 335 -33.73 -48.14 -4.26
C CYS B 335 -32.22 -47.97 -4.39
N ILE B 336 -31.47 -49.08 -4.39
CA ILE B 336 -30.02 -48.99 -4.49
C ILE B 336 -29.57 -48.56 -5.87
N THR B 337 -30.40 -48.75 -6.89
CA THR B 337 -30.06 -48.24 -8.21
C THR B 337 -30.17 -46.73 -8.29
N LEU B 338 -30.97 -46.12 -7.41
CA LEU B 338 -31.20 -44.69 -7.43
C LEU B 338 -30.03 -43.96 -6.82
N THR B 339 -29.92 -42.68 -7.16
CA THR B 339 -28.99 -41.79 -6.48
C THR B 339 -29.67 -40.46 -6.21
N LYS B 340 -29.05 -39.70 -5.31
CA LYS B 340 -29.27 -38.27 -5.20
C LYS B 340 -27.90 -37.62 -5.05
N PHE B 341 -27.76 -36.42 -5.58
CA PHE B 341 -26.48 -35.73 -5.61
C PHE B 341 -26.49 -34.58 -4.63
N GLU B 342 -25.51 -34.56 -3.72
CA GLU B 342 -25.44 -33.51 -2.70
C GLU B 342 -23.99 -33.07 -2.50
N THR B 343 -23.83 -31.80 -2.11
CA THR B 343 -22.51 -31.23 -1.83
C THR B 343 -21.48 -31.60 -2.89
N ASN B 344 -21.87 -31.49 -4.15
CA ASN B 344 -21.00 -31.86 -5.26
C ASN B 344 -20.52 -33.31 -5.15
N SER B 345 -21.30 -34.18 -4.51
CA SER B 345 -20.88 -35.55 -4.26
C SER B 345 -22.08 -36.48 -4.34
N VAL B 346 -21.83 -37.70 -4.78
CA VAL B 346 -22.88 -38.69 -4.99
C VAL B 346 -23.25 -39.37 -3.68
N TYR B 347 -24.54 -39.65 -3.53
CA TYR B 347 -25.06 -40.52 -2.50
C TYR B 347 -25.97 -41.54 -3.16
N SER B 348 -25.87 -42.81 -2.75
CA SER B 348 -26.86 -43.79 -3.15
C SER B 348 -28.10 -43.69 -2.29
N GLY B 349 -29.20 -44.24 -2.82
CA GLY B 349 -30.40 -44.43 -2.03
C GLY B 349 -30.28 -45.69 -1.17
N ILE B 350 -30.66 -45.56 0.10
CA ILE B 350 -30.68 -46.68 1.03
C ILE B 350 -32.11 -46.88 1.52
N PRO B 351 -32.70 -48.09 1.38
CA PRO B 351 -34.10 -48.32 1.74
C PRO B 351 -34.27 -48.55 3.23
N TYR B 352 -34.89 -47.59 3.91
CA TYR B 352 -35.04 -47.66 5.35
C TYR B 352 -36.33 -46.97 5.79
N ASN B 353 -36.92 -47.49 6.86
CA ASN B 353 -38.19 -46.98 7.39
C ASN B 353 -39.29 -46.93 6.34
N GLY B 354 -39.19 -47.78 5.32
CA GLY B 354 -40.09 -47.71 4.20
C GLY B 354 -39.86 -46.55 3.26
N GLN B 355 -38.72 -45.87 3.37
CA GLN B 355 -38.32 -44.81 2.45
C GLN B 355 -36.96 -45.13 1.90
N CYS B 356 -36.67 -44.64 0.70
CA CYS B 356 -35.29 -44.38 0.33
C CYS B 356 -34.83 -43.11 1.03
N ILE B 357 -33.66 -43.16 1.64
CA ILE B 357 -33.03 -42.01 2.26
C ILE B 357 -31.59 -41.94 1.80
N THR B 358 -31.08 -40.73 1.60
CA THR B 358 -29.72 -40.56 1.10
C THR B 358 -28.70 -40.82 2.19
N HIS B 359 -29.04 -40.47 3.42
CA HIS B 359 -28.22 -40.77 4.59
C HIS B 359 -29.03 -41.64 5.53
N CYS B 360 -28.37 -42.59 6.18
CA CYS B 360 -28.98 -43.18 7.36
C CYS B 360 -29.12 -42.11 8.44
N PRO B 361 -30.10 -42.26 9.33
CA PRO B 361 -30.34 -41.22 10.33
C PRO B 361 -29.17 -41.10 11.30
N THR B 362 -29.07 -39.93 11.92
CA THR B 362 -27.95 -39.62 12.79
C THR B 362 -27.79 -40.70 13.85
N GLY B 363 -26.60 -41.27 13.93
CA GLY B 363 -26.37 -42.42 14.78
C GLY B 363 -26.49 -43.77 14.10
N TYR B 364 -26.71 -43.78 12.79
CA TYR B 364 -26.71 -45.01 12.00
C TYR B 364 -25.77 -44.84 10.82
N GLN B 365 -25.37 -45.96 10.24
CA GLN B 365 -24.49 -45.94 9.09
C GLN B 365 -24.98 -46.94 8.04
N LYS B 366 -24.45 -46.76 6.83
CA LYS B 366 -24.75 -47.66 5.72
C LYS B 366 -24.20 -49.05 6.02
N SER B 367 -25.01 -50.06 5.77
CA SER B 367 -24.60 -51.44 5.99
C SER B 367 -23.51 -51.85 5.01
N GLU B 368 -22.80 -52.93 5.35
CA GLU B 368 -21.73 -53.44 4.50
C GLU B 368 -22.24 -53.87 3.14
N ASN B 369 -23.41 -54.50 3.10
CA ASN B 369 -24.03 -54.85 1.82
C ASN B 369 -24.68 -53.66 1.15
N LYS B 370 -24.41 -52.45 1.63
CA LYS B 370 -24.75 -51.21 0.92
C LYS B 370 -26.22 -51.11 0.60
N ARG B 371 -27.08 -51.67 1.44
CA ARG B 371 -28.50 -51.70 1.13
C ARG B 371 -29.36 -51.57 2.38
N MET B 372 -28.78 -51.23 3.53
CA MET B 372 -29.50 -51.24 4.79
C MET B 372 -28.74 -50.34 5.74
N CYS B 373 -29.43 -49.89 6.78
CA CYS B 373 -28.83 -49.05 7.81
C CYS B 373 -28.69 -49.83 9.11
N GLU B 374 -27.63 -49.54 9.84
CA GLU B 374 -27.37 -50.14 11.14
C GLU B 374 -26.86 -49.07 12.10
N PRO B 375 -27.00 -49.30 13.40
CA PRO B 375 -26.44 -48.35 14.37
C PRO B 375 -24.93 -48.21 14.21
N CYS B 376 -24.41 -47.05 14.58
CA CYS B 376 -22.97 -46.88 14.62
C CYS B 376 -22.39 -47.91 15.59
N PRO B 377 -21.41 -48.71 15.17
CA PRO B 377 -20.94 -49.80 16.06
C PRO B 377 -20.30 -49.29 17.34
N GLY B 378 -19.72 -48.10 17.33
CA GLY B 378 -19.22 -47.46 18.53
C GLY B 378 -20.15 -46.49 19.18
N GLY B 379 -21.37 -46.32 18.67
CA GLY B 379 -22.23 -45.24 19.07
C GLY B 379 -21.90 -43.92 18.40
N LYS B 380 -20.78 -43.84 17.69
CA LYS B 380 -20.42 -42.67 16.88
C LYS B 380 -20.05 -43.15 15.48
N CYS B 381 -20.49 -42.40 14.47
CA CYS B 381 -20.28 -42.76 13.07
C CYS B 381 -19.17 -41.93 12.44
N ASP B 382 -18.35 -42.61 11.64
CA ASP B 382 -16.97 -42.19 11.37
C ASP B 382 -16.60 -42.52 9.92
N LYS B 383 -16.71 -41.51 9.05
CA LYS B 383 -16.41 -41.69 7.63
C LYS B 383 -14.94 -42.06 7.42
N GLU B 384 -14.73 -43.14 6.68
CA GLU B 384 -13.42 -43.75 6.49
C GLU B 384 -12.93 -43.48 5.08
N CYS B 385 -11.70 -42.97 4.97
CA CYS B 385 -11.17 -42.38 3.74
C CYS B 385 -9.82 -42.99 3.45
N SER B 386 -9.33 -42.75 2.24
CA SER B 386 -8.10 -43.34 1.75
C SER B 386 -6.93 -42.35 1.77
N SER B 387 -5.79 -42.84 2.23
CA SER B 387 -4.58 -42.04 2.34
C SER B 387 -3.95 -41.78 0.99
N GLY B 388 -3.34 -40.62 0.84
CA GLY B 388 -2.64 -40.28 -0.38
C GLY B 388 -1.97 -38.94 -0.24
N LEU B 389 -1.37 -38.50 -1.35
CA LEU B 389 -0.70 -37.20 -1.38
C LEU B 389 -1.71 -36.07 -1.25
N ILE B 390 -1.31 -35.01 -0.55
CA ILE B 390 -2.07 -33.77 -0.52
C ILE B 390 -1.20 -32.64 -1.03
N ASP B 391 -1.14 -32.48 -2.35
CA ASP B 391 -0.22 -31.51 -2.93
C ASP B 391 -0.78 -30.10 -2.98
N SER B 392 -2.07 -29.93 -2.78
CA SER B 392 -2.69 -28.64 -3.01
C SER B 392 -3.94 -28.54 -2.17
N LEU B 393 -4.38 -27.30 -1.94
CA LEU B 393 -5.59 -27.10 -1.16
C LEU B 393 -6.79 -27.69 -1.88
N GLU B 394 -6.83 -27.55 -3.20
CA GLU B 394 -7.91 -28.13 -4.00
C GLU B 394 -7.94 -29.64 -3.90
N ARG B 395 -6.80 -30.28 -3.60
CA ARG B 395 -6.78 -31.69 -3.24
C ARG B 395 -7.17 -31.92 -1.78
N ALA B 396 -6.68 -31.09 -0.88
CA ALA B 396 -6.97 -31.28 0.54
C ALA B 396 -8.47 -31.30 0.81
N ARG B 397 -9.23 -30.49 0.07
CA ARG B 397 -10.68 -30.45 0.24
C ARG B 397 -11.34 -31.82 0.16
N GLU B 398 -10.78 -32.76 -0.58
CA GLU B 398 -11.42 -34.07 -0.72
C GLU B 398 -11.57 -34.83 0.58
N PHE B 399 -10.80 -34.47 1.60
CA PHE B 399 -10.91 -35.13 2.90
C PHE B 399 -11.98 -34.56 3.81
N HIS B 400 -12.69 -33.53 3.39
CA HIS B 400 -13.67 -32.88 4.27
C HIS B 400 -14.66 -33.89 4.82
N GLY B 401 -14.84 -33.87 6.13
CA GLY B 401 -15.69 -34.81 6.84
C GLY B 401 -15.10 -36.19 7.04
N CYS B 402 -13.90 -36.45 6.52
CA CYS B 402 -13.20 -37.69 6.86
C CYS B 402 -12.84 -37.73 8.34
N THR B 403 -12.81 -38.95 8.88
CA THR B 403 -12.47 -39.16 10.28
C THR B 403 -11.39 -40.21 10.50
N ILE B 404 -11.18 -41.12 9.56
CA ILE B 404 -10.14 -42.13 9.64
C ILE B 404 -9.46 -42.18 8.29
N ILE B 405 -8.12 -42.16 8.29
CA ILE B 405 -7.36 -42.10 7.06
C ILE B 405 -6.57 -43.38 6.95
N THR B 406 -6.75 -44.12 5.85
CA THR B 406 -6.38 -45.53 5.81
C THR B 406 -5.75 -45.87 4.47
N GLY B 407 -4.89 -46.89 4.49
CA GLY B 407 -4.13 -47.34 3.33
C GLY B 407 -2.67 -47.54 3.66
N THR B 408 -1.98 -48.35 2.85
CA THR B 408 -0.60 -48.72 3.15
C THR B 408 0.40 -47.60 2.90
N GLU B 409 -0.03 -46.45 2.42
CA GLU B 409 0.90 -45.39 2.05
C GLU B 409 0.59 -44.10 2.80
N PRO B 410 1.62 -43.32 3.14
CA PRO B 410 1.43 -42.26 4.12
C PRO B 410 0.60 -41.10 3.60
N LEU B 411 -0.26 -40.59 4.47
CA LEU B 411 -0.86 -39.29 4.27
C LEU B 411 0.24 -38.25 4.24
N THR B 412 0.37 -37.51 3.14
CA THR B 412 1.60 -36.76 2.87
C THR B 412 1.32 -35.28 2.64
N ILE B 413 1.35 -34.49 3.71
CA ILE B 413 1.01 -33.07 3.63
C ILE B 413 2.19 -32.34 2.99
N SER B 414 2.07 -31.98 1.74
CA SER B 414 3.19 -31.52 0.94
C SER B 414 2.78 -30.29 0.16
N ILE B 415 2.16 -29.36 0.86
CA ILE B 415 1.74 -28.08 0.29
C ILE B 415 2.98 -27.30 -0.11
N LYS B 416 3.61 -27.69 -1.21
CA LYS B 416 4.83 -27.02 -1.65
C LYS B 416 4.56 -25.58 -2.03
N ARG B 417 3.34 -25.25 -2.43
CA ARG B 417 3.02 -23.87 -2.71
C ARG B 417 3.18 -23.02 -1.46
N GLU B 418 3.90 -21.90 -1.62
CA GLU B 418 4.13 -20.95 -0.54
C GLU B 418 2.86 -20.14 -0.30
N SER B 419 1.75 -20.84 -0.08
CA SER B 419 0.45 -20.20 -0.22
C SER B 419 0.25 -19.09 0.81
N GLY B 420 0.81 -19.24 2.00
CA GLY B 420 0.50 -18.32 3.09
C GLY B 420 -0.70 -18.73 3.91
N ALA B 421 -1.21 -17.76 4.68
CA ALA B 421 -2.06 -18.04 5.83
C ALA B 421 -3.35 -18.79 5.52
N HIS B 422 -3.86 -18.73 4.29
CA HIS B 422 -5.06 -19.50 3.97
C HIS B 422 -4.79 -21.00 3.86
N VAL B 423 -3.53 -21.41 3.78
CA VAL B 423 -3.20 -22.84 3.79
C VAL B 423 -3.81 -23.52 5.00
N MET B 424 -3.70 -22.90 6.17
CA MET B 424 -4.29 -23.49 7.36
C MET B 424 -5.80 -23.54 7.28
N ASP B 425 -6.42 -22.62 6.56
CA ASP B 425 -7.88 -22.60 6.53
C ASP B 425 -8.43 -23.78 5.72
N GLU B 426 -7.89 -24.00 4.53
CA GLU B 426 -8.35 -25.12 3.72
C GLU B 426 -7.85 -26.46 4.28
N LEU B 427 -6.67 -26.49 4.91
CA LEU B 427 -6.24 -27.73 5.55
C LEU B 427 -7.09 -28.06 6.76
N LYS B 428 -7.47 -27.06 7.55
CA LYS B 428 -8.38 -27.32 8.66
C LYS B 428 -9.71 -27.86 8.16
N TYR B 429 -10.25 -27.23 7.11
CA TYR B 429 -11.42 -27.77 6.44
C TYR B 429 -11.24 -29.22 6.01
N GLY B 430 -10.13 -29.52 5.36
CA GLY B 430 -9.90 -30.87 4.84
C GLY B 430 -9.73 -31.94 5.90
N LEU B 431 -8.97 -31.66 6.95
CA LEU B 431 -8.44 -32.70 7.81
C LEU B 431 -8.81 -32.58 9.28
N ALA B 432 -9.43 -31.48 9.70
CA ALA B 432 -9.67 -31.27 11.12
C ALA B 432 -10.51 -32.35 11.76
N ALA B 433 -11.29 -33.11 11.01
CA ALA B 433 -12.14 -34.15 11.58
C ALA B 433 -11.45 -35.50 11.74
N VAL B 434 -10.17 -35.64 11.36
CA VAL B 434 -9.50 -36.93 11.45
C VAL B 434 -9.30 -37.34 12.90
N HIS B 435 -9.68 -38.58 13.22
CA HIS B 435 -9.30 -39.21 14.49
C HIS B 435 -8.01 -40.01 14.39
N LYS B 436 -7.78 -40.72 13.30
CA LYS B 436 -6.78 -41.80 13.29
C LYS B 436 -6.14 -41.87 11.92
N ILE B 437 -4.86 -41.56 11.82
CA ILE B 437 -4.10 -41.83 10.60
C ILE B 437 -3.51 -43.23 10.74
N GLN B 438 -4.14 -44.22 10.12
CA GLN B 438 -3.59 -45.56 10.17
C GLN B 438 -2.28 -45.66 9.39
N SER B 439 -2.12 -44.84 8.37
CA SER B 439 -1.04 -45.02 7.39
C SER B 439 0.32 -44.52 7.87
N SER B 440 0.41 -43.82 8.99
CA SER B 440 1.52 -42.91 9.28
C SER B 440 1.48 -41.62 8.47
N LEU B 441 2.07 -40.55 9.02
CA LEU B 441 1.96 -39.19 8.53
C LEU B 441 3.30 -38.67 8.06
N MET B 442 3.31 -38.05 6.88
CA MET B 442 4.48 -37.39 6.33
C MET B 442 4.16 -35.93 6.12
N VAL B 443 5.14 -35.06 6.35
CA VAL B 443 4.99 -33.62 6.14
C VAL B 443 6.26 -33.09 5.48
N HIS B 444 6.18 -32.77 4.20
CA HIS B 444 7.38 -32.72 3.36
C HIS B 444 7.34 -31.52 2.43
N LEU B 445 8.44 -30.77 2.40
CA LEU B 445 8.64 -29.55 1.62
C LEU B 445 7.61 -28.45 1.84
N THR B 446 6.68 -28.57 2.78
CA THR B 446 5.59 -27.62 2.81
C THR B 446 6.08 -26.26 3.29
N TYR B 447 5.74 -25.22 2.52
CA TYR B 447 6.20 -23.87 2.79
C TYR B 447 5.24 -23.11 3.71
N GLY B 448 3.98 -22.98 3.30
CA GLY B 448 3.08 -22.10 4.01
C GLY B 448 2.78 -22.57 5.41
N LEU B 449 2.93 -23.85 5.68
CA LEU B 449 2.35 -24.48 6.85
C LEU B 449 3.09 -24.06 8.11
N LYS B 450 2.37 -23.41 9.04
CA LYS B 450 2.98 -23.00 10.28
C LYS B 450 3.04 -24.14 11.30
N SER B 451 2.03 -25.01 11.32
CA SER B 451 1.92 -25.97 12.40
C SER B 451 1.04 -27.11 11.94
N LEU B 452 1.01 -28.17 12.75
CA LEU B 452 0.03 -29.23 12.62
C LEU B 452 -1.21 -29.01 13.48
N LYS B 453 -1.49 -27.77 13.88
CA LYS B 453 -2.74 -27.51 14.60
C LYS B 453 -3.96 -27.93 13.80
N PHE B 454 -3.86 -27.95 12.47
CA PHE B 454 -5.02 -28.27 11.66
C PHE B 454 -5.55 -29.68 11.91
N PHE B 455 -4.73 -30.59 12.42
CA PHE B 455 -5.25 -31.89 12.85
C PHE B 455 -5.99 -31.77 14.17
N GLN B 456 -6.95 -30.85 14.24
CA GLN B 456 -7.59 -30.47 15.49
C GLN B 456 -8.23 -31.62 16.25
N SER B 457 -8.47 -32.77 15.64
CA SER B 457 -8.96 -33.93 16.39
C SER B 457 -8.10 -35.17 16.25
N LEU B 458 -6.88 -35.07 15.74
CA LEU B 458 -6.04 -36.25 15.60
C LEU B 458 -5.58 -36.73 16.96
N THR B 459 -5.76 -38.03 17.23
CA THR B 459 -5.37 -38.62 18.51
C THR B 459 -4.62 -39.93 18.38
N GLU B 460 -4.50 -40.50 17.19
CA GLU B 460 -3.67 -41.69 17.01
C GLU B 460 -3.03 -41.68 15.64
N ILE B 461 -1.80 -42.15 15.57
CA ILE B 461 -1.16 -42.49 14.30
C ILE B 461 -0.80 -43.97 14.40
N SER B 462 -1.68 -44.86 13.94
CA SER B 462 -1.51 -46.26 14.28
C SER B 462 -0.28 -46.85 13.62
N GLY B 463 0.24 -46.23 12.57
CA GLY B 463 1.44 -46.73 11.94
C GLY B 463 1.40 -48.20 11.56
N ASP B 464 0.28 -48.67 11.05
CA ASP B 464 0.22 -50.09 10.65
C ASP B 464 1.20 -50.41 9.53
N PRO B 465 1.55 -49.50 8.63
CA PRO B 465 2.60 -49.75 7.68
C PRO B 465 3.51 -48.55 7.56
N PRO B 466 4.33 -48.28 8.57
CA PRO B 466 5.07 -47.02 8.63
C PRO B 466 6.06 -46.88 7.49
N MET B 467 6.43 -45.63 7.25
CA MET B 467 7.34 -45.27 6.17
C MET B 467 8.76 -45.77 6.42
N ASP B 468 9.49 -45.92 5.33
CA ASP B 468 10.88 -46.34 5.31
C ASP B 468 11.09 -47.60 6.15
N ALA B 469 10.62 -48.71 5.58
CA ALA B 469 10.73 -50.04 6.15
C ALA B 469 10.16 -50.11 7.57
N ASP B 470 8.97 -49.57 7.76
CA ASP B 470 8.35 -49.46 9.08
C ASP B 470 9.15 -48.60 10.05
N LYS B 471 10.19 -47.90 9.60
CA LYS B 471 11.06 -47.23 10.55
C LYS B 471 10.41 -46.01 11.18
N TYR B 472 9.63 -45.23 10.42
CA TYR B 472 9.12 -43.94 10.90
C TYR B 472 7.61 -43.88 10.77
N ALA B 473 6.95 -43.49 11.87
CA ALA B 473 5.52 -43.24 11.90
C ALA B 473 5.16 -41.79 11.64
N LEU B 474 6.08 -40.87 11.85
CA LEU B 474 5.82 -39.44 11.70
C LEU B 474 7.08 -38.82 11.13
N TYR B 475 7.01 -38.41 9.87
CA TYR B 475 8.17 -38.02 9.08
C TYR B 475 7.95 -36.59 8.65
N VAL B 476 8.84 -35.70 9.09
CA VAL B 476 8.63 -34.25 8.99
C VAL B 476 9.92 -33.64 8.47
N LEU B 477 9.95 -33.31 7.19
CA LEU B 477 11.19 -33.02 6.49
C LEU B 477 11.08 -31.74 5.68
N ASP B 478 12.13 -30.92 5.72
CA ASP B 478 12.30 -29.74 4.88
C ASP B 478 11.23 -28.66 5.04
N ASN B 479 10.41 -28.71 6.07
CA ASN B 479 9.27 -27.79 6.16
C ASN B 479 9.74 -26.40 6.57
N ARG B 480 9.97 -25.53 5.59
CA ARG B 480 10.67 -24.28 5.87
C ARG B 480 10.06 -23.51 7.02
N ASP B 481 8.73 -23.38 7.04
CA ASP B 481 8.08 -22.50 7.99
C ASP B 481 7.40 -23.22 9.14
N LEU B 482 7.47 -24.54 9.18
CA LEU B 482 6.85 -25.28 10.26
C LEU B 482 7.58 -24.98 11.56
N ASP B 483 6.83 -24.58 12.60
CA ASP B 483 7.46 -24.31 13.89
C ASP B 483 6.67 -24.77 15.10
N GLU B 484 5.50 -25.36 14.93
CA GLU B 484 4.79 -25.95 16.05
C GLU B 484 4.20 -27.28 15.59
N LEU B 485 4.16 -28.25 16.50
CA LEU B 485 3.44 -29.46 16.17
C LEU B 485 2.01 -29.36 16.65
N TRP B 486 1.57 -30.26 17.52
CA TRP B 486 0.15 -30.35 17.78
C TRP B 486 -0.35 -29.17 18.60
N GLY B 487 -1.67 -29.12 18.76
CA GLY B 487 -2.30 -28.14 19.62
C GLY B 487 -1.89 -28.26 21.07
N PRO B 488 -2.13 -27.19 21.83
CA PRO B 488 -1.98 -27.28 23.28
C PRO B 488 -2.89 -28.33 23.92
N ASN B 489 -2.34 -29.07 24.87
CA ASN B 489 -3.04 -30.19 25.49
C ASN B 489 -3.57 -31.19 24.47
N GLN B 490 -2.92 -31.30 23.30
CA GLN B 490 -3.27 -32.33 22.34
C GLN B 490 -2.34 -33.51 22.48
N THR B 491 -2.93 -34.71 22.58
CA THR B 491 -2.21 -35.97 22.71
C THR B 491 -2.43 -36.82 21.47
N VAL B 492 -1.36 -37.42 20.95
CA VAL B 492 -1.49 -38.27 19.78
C VAL B 492 -0.64 -39.53 19.86
N PHE B 493 -1.25 -40.63 20.27
CA PHE B 493 -0.51 -41.85 20.54
C PHE B 493 -0.01 -42.48 19.26
N ILE B 494 1.29 -42.69 19.16
CA ILE B 494 1.94 -43.26 17.98
C ILE B 494 2.31 -44.71 18.31
N ARG B 495 1.75 -45.67 17.60
CA ARG B 495 1.88 -47.06 18.02
C ARG B 495 3.16 -47.74 17.52
N LYS B 496 3.59 -47.48 16.30
CA LYS B 496 4.66 -48.27 15.72
C LYS B 496 5.58 -47.41 14.89
N GLY B 497 6.89 -47.62 15.05
CA GLY B 497 7.91 -46.78 14.48
C GLY B 497 8.13 -45.47 15.24
N GLY B 498 9.27 -44.87 14.96
CA GLY B 498 9.67 -43.61 15.56
C GLY B 498 9.19 -42.39 14.81
N VAL B 499 9.83 -41.26 15.09
CA VAL B 499 9.54 -40.00 14.45
C VAL B 499 10.84 -39.40 13.91
N PHE B 500 10.77 -38.86 12.70
CA PHE B 500 11.95 -38.42 11.95
C PHE B 500 11.75 -36.94 11.63
N PHE B 501 12.65 -36.09 12.12
CA PHE B 501 12.55 -34.65 11.95
C PHE B 501 13.86 -34.09 11.45
N HIS B 502 13.87 -33.53 10.25
CA HIS B 502 15.08 -32.88 9.75
C HIS B 502 14.77 -31.67 8.88
N PHE B 503 15.71 -30.73 8.87
CA PHE B 503 15.66 -29.53 8.05
C PHE B 503 14.36 -28.75 8.19
N ASN B 504 13.83 -28.74 9.39
CA ASN B 504 12.71 -27.86 9.72
C ASN B 504 13.28 -26.64 10.42
N PRO B 505 13.86 -25.68 9.71
CA PRO B 505 14.72 -24.71 10.38
C PRO B 505 14.04 -23.93 11.48
N LYS B 506 12.71 -23.84 11.51
CA LYS B 506 12.05 -23.11 12.58
C LYS B 506 11.42 -24.00 13.64
N LEU B 507 11.44 -25.32 13.47
CA LEU B 507 10.86 -26.22 14.47
C LEU B 507 11.86 -26.46 15.59
N CYS B 508 11.61 -25.87 16.76
CA CYS B 508 12.54 -25.98 17.88
C CYS B 508 12.64 -27.40 18.40
N VAL B 509 13.87 -27.81 18.72
CA VAL B 509 14.08 -29.16 19.24
C VAL B 509 13.28 -29.39 20.52
N SER B 510 13.19 -28.36 21.36
CA SER B 510 12.40 -28.47 22.57
C SER B 510 10.91 -28.64 22.31
N THR B 511 10.41 -28.28 21.13
CA THR B 511 9.04 -28.64 20.78
C THR B 511 8.93 -30.09 20.32
N ILE B 512 9.89 -30.58 19.55
CA ILE B 512 9.88 -31.99 19.17
C ILE B 512 9.92 -32.88 20.41
N ASN B 513 10.69 -32.48 21.40
CA ASN B 513 10.74 -33.16 22.69
C ASN B 513 9.46 -33.07 23.48
N GLN B 514 8.36 -32.55 22.94
CA GLN B 514 7.04 -32.79 23.53
C GLN B 514 6.40 -34.08 23.03
N LEU B 515 6.91 -34.68 21.96
CA LEU B 515 6.40 -35.95 21.47
C LEU B 515 6.90 -37.15 22.26
N LEU B 516 7.96 -36.99 23.05
CA LEU B 516 8.51 -38.09 23.83
C LEU B 516 7.47 -38.84 24.67
N PRO B 517 6.58 -38.18 25.40
CA PRO B 517 5.51 -38.92 26.09
C PRO B 517 4.52 -39.61 25.17
N MET B 518 4.58 -39.40 23.85
CA MET B 518 3.53 -39.86 22.95
C MET B 518 3.86 -41.14 22.19
N LEU B 519 5.13 -41.55 22.10
CA LEU B 519 5.46 -42.80 21.44
C LEU B 519 5.19 -43.99 22.36
N ALA B 520 4.77 -45.10 21.75
CA ALA B 520 4.54 -46.32 22.53
C ALA B 520 5.81 -46.82 23.22
N SER B 521 6.97 -46.64 22.59
CA SER B 521 8.22 -46.97 23.27
C SER B 521 8.54 -46.00 24.39
N LYS B 522 7.81 -44.91 24.49
CA LYS B 522 7.97 -43.92 25.54
C LYS B 522 9.44 -43.55 25.70
N PRO B 523 10.17 -43.39 24.61
CA PRO B 523 11.62 -43.46 24.70
C PRO B 523 12.20 -42.30 25.49
N LYS B 524 13.41 -42.51 25.99
CA LYS B 524 14.08 -41.49 26.81
C LYS B 524 14.47 -40.28 26.00
N PHE B 525 14.86 -40.48 24.74
CA PHE B 525 15.33 -39.39 23.90
C PHE B 525 15.30 -39.86 22.45
N PHE B 526 15.44 -38.92 21.53
CA PHE B 526 15.58 -39.24 20.12
C PHE B 526 17.04 -39.17 19.70
N GLU B 527 17.50 -40.21 19.00
CA GLU B 527 18.87 -40.25 18.53
C GLU B 527 19.14 -39.12 17.55
N LYS B 528 20.42 -38.81 17.39
CA LYS B 528 20.85 -37.94 16.30
C LYS B 528 20.31 -38.40 14.96
N SER B 529 20.16 -39.71 14.78
CA SER B 529 19.65 -40.28 13.53
C SER B 529 18.15 -40.11 13.35
N ASP B 530 17.39 -39.79 14.40
CA ASP B 530 15.98 -39.51 14.26
C ASP B 530 15.64 -38.03 14.27
N VAL B 531 16.21 -37.26 15.19
CA VAL B 531 15.88 -35.84 15.33
C VAL B 531 17.18 -35.07 15.26
N GLY B 532 17.48 -34.52 14.09
CA GLY B 532 18.74 -33.84 13.87
C GLY B 532 18.81 -32.57 14.69
N ALA B 533 19.78 -32.50 15.61
CA ALA B 533 19.82 -31.37 16.53
C ALA B 533 20.22 -30.08 15.86
N ASP B 534 21.11 -30.15 14.87
CA ASP B 534 21.44 -28.96 14.09
C ASP B 534 20.49 -28.72 12.94
N SER B 535 19.76 -29.74 12.51
CA SER B 535 18.81 -29.65 11.43
C SER B 535 17.46 -29.08 11.83
N ASN B 536 17.22 -28.86 13.11
CA ASN B 536 15.93 -28.35 13.57
C ASN B 536 16.13 -27.10 14.40
N GLY B 537 15.30 -26.10 14.16
CA GLY B 537 15.26 -24.95 15.01
C GLY B 537 16.46 -24.04 14.94
N ASN B 538 17.36 -24.24 13.97
CA ASN B 538 18.51 -23.35 13.93
C ASN B 538 18.14 -21.94 13.53
N ARG B 539 16.87 -21.64 13.28
CA ARG B 539 16.39 -20.28 13.24
C ARG B 539 15.11 -20.05 14.03
N GLY B 540 14.69 -21.01 14.84
CA GLY B 540 13.57 -20.75 15.71
C GLY B 540 13.97 -19.85 16.86
N SER B 541 13.00 -19.06 17.32
CA SER B 541 13.09 -18.36 18.60
C SER B 541 12.85 -19.38 19.71
N CYS B 542 13.85 -20.23 19.91
CA CYS B 542 13.78 -21.32 20.89
C CYS B 542 14.30 -20.85 22.24
N GLY B 543 13.74 -21.43 23.30
CA GLY B 543 14.17 -21.11 24.65
C GLY B 543 13.95 -19.68 25.10
N THR B 544 12.89 -19.05 24.58
CA THR B 544 12.62 -17.64 24.87
C THR B 544 12.30 -17.43 26.35
N ALA B 545 13.04 -16.56 27.02
CA ALA B 545 12.72 -16.11 28.36
C ALA B 545 11.71 -14.96 28.31
N VAL B 546 11.16 -14.61 29.47
CA VAL B 546 10.09 -13.61 29.58
C VAL B 546 10.64 -12.33 30.21
N LEU B 547 10.53 -11.22 29.48
CA LEU B 547 10.84 -9.89 29.98
C LEU B 547 9.61 -9.26 30.64
N ASN B 548 9.84 -8.41 31.64
CA ASN B 548 8.80 -7.55 32.20
C ASN B 548 9.09 -6.09 31.85
N VAL B 549 8.15 -5.47 31.14
CA VAL B 549 8.27 -4.07 30.72
C VAL B 549 7.19 -3.25 31.42
N THR B 550 7.54 -2.04 31.83
CA THR B 550 6.60 -1.17 32.54
C THR B 550 6.56 0.21 31.92
N LEU B 551 5.36 0.79 31.90
CA LEU B 551 5.07 2.12 31.39
C LEU B 551 5.43 3.17 32.43
N GLN B 552 6.67 3.67 32.39
CA GLN B 552 7.14 4.57 33.43
C GLN B 552 6.69 6.00 33.28
N SER B 553 6.19 6.41 32.11
CA SER B 553 5.48 7.69 32.06
C SER B 553 4.58 7.72 30.84
N VAL B 554 3.65 8.66 30.84
CA VAL B 554 2.68 8.83 29.77
C VAL B 554 2.50 10.31 29.51
N GLY B 555 2.22 10.65 28.26
CA GLY B 555 1.72 11.96 27.91
C GLY B 555 0.44 11.86 27.11
N ALA B 556 -0.03 12.98 26.59
CA ALA B 556 -1.11 12.93 25.61
C ALA B 556 -0.62 12.34 24.29
N ASN B 557 0.68 12.49 24.01
CA ASN B 557 1.23 12.11 22.72
C ASN B 557 2.56 11.39 22.84
N SER B 558 2.92 10.91 24.03
CA SER B 558 4.17 10.22 24.23
C SER B 558 4.01 9.20 25.35
N ALA B 559 4.97 8.29 25.45
CA ALA B 559 5.04 7.35 26.54
C ALA B 559 6.48 6.93 26.72
N MET B 560 6.82 6.51 27.92
CA MET B 560 8.14 5.99 28.23
C MET B 560 8.00 4.52 28.61
N LEU B 561 8.61 3.64 27.83
CA LEU B 561 8.65 2.23 28.15
C LEU B 561 10.03 1.87 28.66
N ASN B 562 10.09 1.27 29.85
CA ASN B 562 11.33 0.86 30.47
C ASN B 562 11.28 -0.64 30.70
N VAL B 563 12.31 -1.34 30.22
CA VAL B 563 12.44 -2.78 30.42
C VAL B 563 13.02 -3.05 31.80
N THR B 564 12.19 -3.52 32.72
CA THR B 564 12.60 -3.68 34.11
C THR B 564 13.47 -4.91 34.33
N THR B 565 13.47 -5.87 33.41
CA THR B 565 14.19 -7.12 33.63
C THR B 565 15.70 -6.89 33.65
N LYS B 566 16.35 -7.60 34.55
CA LYS B 566 17.80 -7.63 34.66
C LYS B 566 18.40 -8.43 33.52
N VAL B 567 18.37 -7.86 32.32
CA VAL B 567 19.09 -8.42 31.19
C VAL B 567 20.57 -8.09 31.38
N GLU B 568 21.37 -9.13 31.57
CA GLU B 568 22.77 -8.97 31.91
C GLU B 568 23.57 -9.13 30.63
N ILE B 569 24.49 -8.21 30.42
CA ILE B 569 25.23 -8.10 29.17
C ILE B 569 26.69 -8.34 29.51
N GLY B 570 27.26 -9.42 28.98
CA GLY B 570 28.45 -10.01 29.54
C GLY B 570 28.16 -10.93 30.70
N GLU B 571 29.07 -11.89 30.92
CA GLU B 571 28.80 -13.01 31.79
C GLU B 571 28.41 -12.57 33.20
N PRO B 572 27.66 -13.40 33.92
CA PRO B 572 27.08 -13.01 35.20
C PRO B 572 28.10 -13.14 36.33
N GLN B 573 27.72 -12.62 37.49
CA GLN B 573 28.26 -13.13 38.74
C GLN B 573 27.40 -14.32 39.18
N LYS B 574 28.07 -15.37 39.66
CA LYS B 574 27.39 -16.63 39.97
C LYS B 574 26.17 -16.48 40.87
N PRO B 575 26.18 -15.66 41.93
CA PRO B 575 24.99 -15.54 42.78
C PRO B 575 23.89 -14.68 42.17
N SER B 576 24.13 -14.08 41.00
CA SER B 576 23.22 -13.09 40.48
C SER B 576 21.87 -13.69 40.12
N ASN B 577 20.86 -12.85 40.19
CA ASN B 577 19.50 -13.16 39.77
C ASN B 577 19.32 -12.96 38.26
N ALA B 578 20.42 -13.06 37.51
CA ALA B 578 20.38 -12.82 36.08
C ALA B 578 19.35 -13.71 35.40
N THR B 579 18.31 -13.08 34.85
CA THR B 579 17.25 -13.84 34.20
C THR B 579 17.73 -14.39 32.87
N ILE B 580 18.31 -13.54 32.03
CA ILE B 580 19.03 -13.96 30.84
C ILE B 580 20.34 -13.19 30.80
N VAL B 581 21.41 -13.89 30.41
CA VAL B 581 22.72 -13.28 30.25
C VAL B 581 23.20 -13.53 28.83
N PHE B 582 23.47 -12.45 28.10
CA PHE B 582 24.13 -12.52 26.80
C PHE B 582 25.63 -12.67 27.02
N LYS B 583 26.16 -13.84 26.73
CA LYS B 583 27.55 -14.16 27.05
C LYS B 583 28.55 -13.31 26.28
N ASP B 584 28.10 -12.41 25.42
CA ASP B 584 29.00 -11.53 24.71
C ASP B 584 28.35 -10.15 24.59
N PRO B 585 28.97 -9.09 25.10
CA PRO B 585 28.23 -7.83 25.27
C PRO B 585 27.67 -7.28 23.99
N ARG B 586 28.27 -7.64 22.87
CA ARG B 586 27.98 -7.10 21.55
C ARG B 586 27.15 -8.05 20.69
N ALA B 587 26.91 -9.26 21.17
CA ALA B 587 25.94 -10.13 20.51
C ALA B 587 24.53 -9.58 20.64
N PHE B 588 24.27 -8.84 21.71
CA PHE B 588 22.98 -8.21 21.93
C PHE B 588 22.92 -6.87 21.21
N ILE B 589 22.07 -6.77 20.19
CA ILE B 589 21.98 -5.52 19.44
C ILE B 589 21.10 -4.52 20.16
N GLY B 590 19.97 -4.98 20.70
CA GLY B 590 19.15 -4.13 21.54
C GLY B 590 17.78 -4.74 21.74
N PHE B 591 17.01 -4.07 22.58
CA PHE B 591 15.58 -4.31 22.66
C PHE B 591 14.86 -3.67 21.49
N VAL B 592 13.87 -4.36 20.95
CA VAL B 592 13.01 -3.86 19.88
C VAL B 592 11.59 -3.73 20.43
N PHE B 593 11.03 -2.52 20.36
CA PHE B 593 9.71 -2.23 20.91
C PHE B 593 8.69 -2.22 19.80
N TYR B 594 7.65 -3.03 19.96
CA TYR B 594 6.53 -3.08 19.03
C TYR B 594 5.34 -2.40 19.68
N HIS B 595 4.63 -1.57 18.92
CA HIS B 595 3.35 -1.05 19.40
C HIS B 595 2.41 -0.79 18.25
N MET B 596 1.11 -0.82 18.53
CA MET B 596 0.07 -0.56 17.56
C MET B 596 -1.10 0.07 18.30
N ILE B 597 -1.89 0.87 17.58
CA ILE B 597 -3.22 1.20 18.09
C ILE B 597 -4.09 -0.04 17.99
N ASP B 598 -4.68 -0.42 19.12
CA ASP B 598 -5.56 -1.58 19.15
C ASP B 598 -6.61 -1.39 20.22
N PRO B 599 -7.76 -0.80 19.87
CA PRO B 599 -8.72 -0.42 20.91
C PRO B 599 -9.18 -1.59 21.77
N TYR B 600 -9.37 -2.77 21.18
CA TYR B 600 -9.86 -3.91 21.95
C TYR B 600 -8.77 -4.59 22.77
N GLY B 601 -7.50 -4.35 22.45
CA GLY B 601 -6.41 -5.02 23.12
C GLY B 601 -6.33 -6.51 22.92
N ASN B 602 -7.08 -7.07 21.97
CA ASN B 602 -7.09 -8.50 21.74
C ASN B 602 -6.05 -8.93 20.72
N SER B 603 -5.28 -7.99 20.18
CA SER B 603 -4.19 -8.28 19.27
C SER B 603 -3.21 -9.28 19.88
N THR B 604 -2.45 -9.94 19.01
CA THR B 604 -1.38 -10.85 19.42
C THR B 604 -0.13 -10.60 18.59
N LYS B 605 1.00 -11.09 19.11
CA LYS B 605 2.30 -10.78 18.52
C LYS B 605 2.35 -11.12 17.03
N SER B 606 3.19 -10.37 16.32
CA SER B 606 3.41 -10.59 14.90
C SER B 606 4.01 -11.97 14.63
N SER B 607 3.39 -12.69 13.70
CA SER B 607 4.03 -13.83 13.07
C SER B 607 5.20 -13.38 12.19
N ASP B 608 6.00 -14.36 11.76
CA ASP B 608 7.14 -14.15 10.87
C ASP B 608 6.74 -13.80 9.45
N ASP B 609 5.46 -13.79 9.13
CA ASP B 609 4.99 -13.31 7.84
C ASP B 609 5.24 -11.82 7.70
N PRO B 610 6.14 -11.37 6.80
CA PRO B 610 6.33 -9.92 6.62
C PRO B 610 5.08 -9.19 6.17
N CYS B 611 4.01 -9.90 5.82
CA CYS B 611 2.72 -9.30 5.53
C CYS B 611 1.89 -9.10 6.80
N ASP B 612 2.34 -9.59 7.94
CA ASP B 612 1.70 -9.42 9.23
C ASP B 612 2.05 -8.09 9.90
N ASP B 613 2.34 -7.05 9.10
CA ASP B 613 2.95 -5.81 9.59
C ASP B 613 1.99 -4.90 10.33
N ARG B 614 1.18 -5.45 11.24
CA ARG B 614 0.29 -4.66 12.07
C ARG B 614 1.04 -3.71 13.00
N TRP B 615 2.31 -3.99 13.30
CA TRP B 615 3.04 -3.30 14.36
C TRP B 615 3.99 -2.27 13.79
N LYS B 616 3.96 -1.07 14.37
CA LYS B 616 5.14 -0.23 14.32
C LYS B 616 6.26 -0.89 15.10
N VAL B 617 7.49 -0.75 14.61
CA VAL B 617 8.64 -1.39 15.21
C VAL B 617 9.78 -0.38 15.29
N SER B 618 10.37 -0.25 16.47
CA SER B 618 11.47 0.67 16.66
C SER B 618 12.73 0.13 16.00
N SER B 619 13.70 1.02 15.80
CA SER B 619 15.07 0.56 15.73
C SER B 619 15.41 -0.15 17.03
N PRO B 620 16.38 -1.05 17.02
CA PRO B 620 16.84 -1.63 18.28
C PRO B 620 17.45 -0.56 19.17
N GLU B 621 17.01 -0.53 20.42
CA GLU B 621 17.46 0.44 21.40
C GLU B 621 18.11 -0.33 22.53
N LYS B 622 19.41 -0.10 22.74
CA LYS B 622 20.15 -0.92 23.70
C LYS B 622 19.94 -0.48 25.14
N SER B 623 19.51 0.77 25.35
CA SER B 623 19.23 1.24 26.70
C SER B 623 18.03 0.54 27.32
N GLY B 624 17.10 0.08 26.48
CA GLY B 624 15.85 -0.46 26.96
C GLY B 624 14.84 0.55 27.43
N VAL B 625 15.07 1.85 27.24
CA VAL B 625 14.07 2.88 27.49
C VAL B 625 13.72 3.54 26.17
N MET B 626 12.48 3.41 25.74
CA MET B 626 12.01 3.95 24.47
C MET B 626 10.88 4.92 24.77
N VAL B 627 11.06 6.17 24.36
CA VAL B 627 10.01 7.18 24.46
C VAL B 627 9.19 7.10 23.18
N LEU B 628 8.11 6.33 23.23
CA LEU B 628 7.14 6.33 22.14
C LEU B 628 6.60 7.73 21.95
N SER B 629 6.21 8.05 20.72
CA SER B 629 5.89 9.43 20.39
C SER B 629 4.79 9.49 19.33
N ASN B 630 4.23 10.69 19.19
CA ASN B 630 3.14 10.99 18.24
C ASN B 630 1.94 10.07 18.40
N LEU B 631 1.68 9.60 19.61
CA LEU B 631 0.52 8.76 19.85
C LEU B 631 -0.76 9.59 19.74
N ILE B 632 -1.86 8.95 19.43
CA ILE B 632 -3.16 9.62 19.46
C ILE B 632 -3.64 9.70 20.91
N PRO B 633 -4.07 10.87 21.38
CA PRO B 633 -4.62 10.96 22.74
C PRO B 633 -5.79 10.02 23.01
N TYR B 634 -5.93 9.69 24.29
CA TYR B 634 -6.93 8.78 24.83
C TYR B 634 -7.23 7.55 23.98
N THR B 635 -6.21 6.95 23.39
CA THR B 635 -6.36 5.80 22.50
C THR B 635 -5.81 4.57 23.20
N ASN B 636 -6.51 3.45 23.13
CA ASN B 636 -5.97 2.19 23.63
C ASN B 636 -4.87 1.68 22.71
N TYR B 637 -3.65 1.57 23.24
CA TYR B 637 -2.48 1.05 22.54
C TYR B 637 -2.07 -0.29 23.13
N SER B 638 -1.47 -1.15 22.29
CA SER B 638 -0.83 -2.36 22.77
C SER B 638 0.65 -2.35 22.37
N TYR B 639 1.48 -2.94 23.21
CA TYR B 639 2.91 -2.97 22.94
C TYR B 639 3.49 -4.27 23.48
N TYR B 640 4.65 -4.65 22.94
CA TYR B 640 5.42 -5.78 23.44
C TYR B 640 6.88 -5.57 23.05
N VAL B 641 7.77 -6.31 23.71
CA VAL B 641 9.20 -6.23 23.44
C VAL B 641 9.77 -7.60 23.16
N ARG B 642 10.74 -7.67 22.25
CA ARG B 642 11.65 -8.80 22.14
C ARG B 642 13.08 -8.30 22.13
N THR B 643 13.98 -9.13 22.65
CA THR B 643 15.41 -8.92 22.45
C THR B 643 15.80 -9.27 21.03
N MET B 644 16.59 -8.42 20.41
CA MET B 644 17.18 -8.71 19.11
C MET B 644 18.67 -8.95 19.25
N ALA B 645 19.14 -10.11 18.78
CA ALA B 645 20.54 -10.48 18.89
C ALA B 645 21.02 -11.03 17.56
N ILE B 646 22.33 -11.08 17.38
CA ILE B 646 22.92 -11.68 16.19
C ILE B 646 22.42 -13.10 16.05
N SER B 647 22.36 -13.58 14.80
CA SER B 647 21.69 -14.83 14.47
C SER B 647 22.28 -16.05 15.16
N SER B 648 23.52 -16.00 15.62
CA SER B 648 24.16 -17.14 16.26
C SER B 648 24.18 -17.09 17.77
N GLU B 649 23.46 -16.16 18.39
CA GLU B 649 23.30 -16.16 19.84
C GLU B 649 21.91 -16.71 20.14
N LEU B 650 21.86 -17.83 20.87
CA LEU B 650 20.60 -18.50 21.14
C LEU B 650 19.83 -17.92 22.32
N THR B 651 20.47 -17.15 23.18
CA THR B 651 19.76 -16.42 24.23
C THR B 651 18.83 -15.39 23.64
N ASN B 652 17.58 -15.40 24.08
CA ASN B 652 16.62 -14.39 23.65
C ASN B 652 15.50 -14.31 24.69
N ALA B 653 14.80 -13.19 24.71
CA ALA B 653 13.66 -13.02 25.59
C ALA B 653 12.63 -12.12 24.95
N GLU B 654 11.38 -12.26 25.42
CA GLU B 654 10.23 -11.66 24.75
C GLU B 654 9.10 -11.49 25.75
N SER B 655 8.54 -10.29 25.82
CA SER B 655 7.41 -10.03 26.70
C SER B 655 6.12 -10.62 26.13
N ASP B 656 5.08 -10.63 26.97
CA ASP B 656 3.72 -10.63 26.49
C ASP B 656 3.37 -9.27 25.89
N VAL B 657 2.24 -9.22 25.18
CA VAL B 657 1.68 -7.94 24.75
C VAL B 657 1.03 -7.25 25.94
N LYS B 658 1.33 -5.97 26.11
CA LYS B 658 0.81 -5.14 27.19
C LYS B 658 -0.02 -4.00 26.63
N ASN B 659 -1.06 -3.61 27.36
CA ASN B 659 -1.97 -2.55 26.94
C ASN B 659 -1.82 -1.31 27.80
N PHE B 660 -1.97 -0.14 27.18
CA PHE B 660 -1.98 1.12 27.91
C PHE B 660 -2.83 2.13 27.14
N ARG B 661 -3.06 3.31 27.75
CA ARG B 661 -3.78 4.39 27.10
C ARG B 661 -3.10 5.73 27.32
N THR B 662 -3.01 6.50 26.24
CA THR B 662 -2.51 7.88 26.27
C THR B 662 -3.44 8.81 27.04
N ASN B 663 -2.89 9.93 27.50
CA ASN B 663 -3.71 10.97 28.11
C ASN B 663 -4.69 11.58 27.10
N PRO B 664 -5.81 12.13 27.58
CA PRO B 664 -6.81 12.71 26.67
C PRO B 664 -6.44 14.05 26.03
N GLY B 665 -5.48 14.79 26.56
CA GLY B 665 -5.01 15.99 25.87
C GLY B 665 -6.11 16.99 25.57
N ARG B 666 -6.05 17.61 24.37
CA ARG B 666 -7.01 18.65 23.99
C ARG B 666 -8.16 18.14 23.13
N PRO B 667 -9.41 18.25 23.56
CA PRO B 667 -10.52 17.79 22.73
C PRO B 667 -10.68 18.64 21.46
N SER B 668 -11.07 17.98 20.38
CA SER B 668 -11.18 18.60 19.07
C SER B 668 -12.22 19.71 19.07
N LYS B 669 -12.11 20.62 18.11
CA LYS B 669 -13.08 21.72 17.99
C LYS B 669 -14.48 21.20 17.78
N VAL B 670 -15.43 21.83 18.47
CA VAL B 670 -16.85 21.64 18.21
C VAL B 670 -17.20 22.16 16.83
N THR B 671 -18.21 21.54 16.21
CA THR B 671 -18.51 21.66 14.80
C THR B 671 -19.99 22.00 14.60
N GLU B 672 -20.30 22.48 13.40
CA GLU B 672 -21.66 22.81 13.00
C GLU B 672 -22.26 23.98 13.78
N VAL B 673 -21.45 24.82 14.41
CA VAL B 673 -21.98 25.97 15.14
C VAL B 673 -22.63 26.90 14.12
N VAL B 674 -23.95 27.06 14.20
CA VAL B 674 -24.68 28.01 13.36
C VAL B 674 -25.59 28.84 14.25
N ALA B 675 -25.54 30.15 14.07
CA ALA B 675 -26.34 31.10 14.84
C ALA B 675 -27.41 31.75 13.97
N THR B 676 -28.65 31.67 14.43
CA THR B 676 -29.81 32.12 13.69
C THR B 676 -30.54 33.15 14.55
N ALA B 677 -30.86 34.29 13.97
CA ALA B 677 -31.58 35.32 14.71
C ALA B 677 -33.05 34.94 14.84
N ILE B 678 -33.55 34.94 16.06
CA ILE B 678 -34.97 34.72 16.29
C ILE B 678 -35.75 36.03 16.25
N SER B 679 -35.22 37.04 16.93
CA SER B 679 -35.91 38.30 17.12
C SER B 679 -34.86 39.33 17.49
N ASP B 680 -35.31 40.55 17.81
CA ASP B 680 -34.39 41.54 18.33
C ASP B 680 -33.84 41.15 19.70
N SER B 681 -34.36 40.07 20.30
CA SER B 681 -34.02 39.69 21.68
C SER B 681 -33.38 38.32 21.83
N LYS B 682 -33.54 37.41 20.87
CA LYS B 682 -33.24 36.01 21.08
C LYS B 682 -32.44 35.44 19.93
N ILE B 683 -31.56 34.49 20.23
CA ILE B 683 -30.82 33.72 19.22
C ILE B 683 -30.96 32.25 19.55
N ASN B 684 -31.10 31.42 18.52
CA ASN B 684 -30.94 29.96 18.64
C ASN B 684 -29.61 29.59 18.01
N VAL B 685 -28.75 28.93 18.76
CA VAL B 685 -27.47 28.41 18.28
C VAL B 685 -27.52 26.89 18.23
N THR B 686 -27.19 26.32 17.07
CA THR B 686 -27.16 24.88 16.89
C THR B 686 -25.74 24.43 16.59
N TRP B 687 -25.32 23.33 17.20
CA TRP B 687 -24.04 22.71 16.89
C TRP B 687 -24.15 21.22 17.19
N SER B 688 -23.13 20.48 16.74
CA SER B 688 -23.00 19.07 17.13
C SER B 688 -21.53 18.67 17.07
N TYR B 689 -21.10 17.91 18.07
CA TYR B 689 -19.68 17.60 18.26
C TYR B 689 -19.31 16.38 17.44
N LEU B 690 -19.02 16.63 16.17
CA LEU B 690 -18.75 15.55 15.22
C LEU B 690 -17.37 14.94 15.42
N ASP B 691 -16.33 15.76 15.45
CA ASP B 691 -15.00 15.27 15.79
C ASP B 691 -14.98 14.67 17.18
N LYS B 692 -14.13 13.66 17.34
CA LYS B 692 -14.15 12.81 18.53
C LYS B 692 -13.72 13.58 19.77
N PRO B 693 -14.33 13.27 20.92
CA PRO B 693 -13.80 13.76 22.20
C PRO B 693 -12.58 12.94 22.60
N TYR B 694 -11.80 13.50 23.50
CA TYR B 694 -10.77 12.74 24.20
C TYR B 694 -11.11 12.72 25.67
N GLY B 695 -11.18 11.52 26.24
CA GLY B 695 -11.77 11.35 27.55
C GLY B 695 -13.27 11.60 27.50
N VAL B 696 -13.80 12.12 28.59
CA VAL B 696 -15.22 12.43 28.70
C VAL B 696 -15.42 13.93 28.66
N LEU B 697 -16.33 14.37 27.80
CA LEU B 697 -16.73 15.77 27.78
C LEU B 697 -17.51 16.10 29.05
N THR B 698 -17.23 17.27 29.62
CA THR B 698 -17.86 17.65 30.88
C THR B 698 -18.73 18.89 30.78
N ARG B 699 -18.45 19.77 29.82
CA ARG B 699 -19.25 20.97 29.62
C ARG B 699 -19.07 21.46 28.20
N TYR B 700 -20.11 22.06 27.64
CA TYR B 700 -19.97 23.03 26.57
C TYR B 700 -20.05 24.43 27.17
N PHE B 701 -19.06 25.25 26.89
CA PHE B 701 -19.05 26.63 27.36
C PHE B 701 -19.49 27.55 26.22
N ILE B 702 -20.66 28.17 26.38
CA ILE B 702 -21.21 29.10 25.41
C ILE B 702 -20.94 30.52 25.89
N LYS B 703 -20.36 31.35 25.05
CA LYS B 703 -20.13 32.74 25.41
C LYS B 703 -20.51 33.64 24.25
N ALA B 704 -21.35 34.62 24.54
CA ALA B 704 -21.73 35.67 23.60
C ALA B 704 -21.11 36.98 24.03
N LYS B 705 -20.39 37.64 23.12
CA LYS B 705 -19.86 38.97 23.36
C LYS B 705 -20.53 39.96 22.40
N LEU B 706 -21.14 41.00 22.96
CA LEU B 706 -21.71 42.08 22.16
C LEU B 706 -20.62 42.83 21.43
N ILE B 707 -20.62 42.74 20.10
CA ILE B 707 -19.83 43.66 19.29
C ILE B 707 -20.44 45.06 19.38
N ASN B 708 -19.60 46.08 19.19
CA ASN B 708 -20.11 47.43 19.06
C ASN B 708 -21.16 47.51 17.95
N ARG B 709 -22.13 48.40 18.13
CA ARG B 709 -23.02 48.78 17.05
C ARG B 709 -22.23 49.15 15.80
N PRO B 710 -22.75 48.84 14.60
CA PRO B 710 -22.10 49.31 13.37
C PRO B 710 -22.12 50.84 13.29
N THR B 711 -21.23 51.36 12.44
CA THR B 711 -21.24 52.77 12.08
C THR B 711 -20.81 52.87 10.62
N ARG B 712 -21.31 53.89 9.92
CA ARG B 712 -21.17 53.97 8.48
C ARG B 712 -20.69 55.36 8.07
N ASN B 713 -20.02 55.40 6.91
CA ASN B 713 -19.42 56.64 6.40
C ASN B 713 -20.47 57.63 5.92
N ASN B 714 -20.96 58.47 6.83
CA ASN B 714 -21.93 59.49 6.48
C ASN B 714 -21.34 60.52 5.52
N ASN B 715 -20.02 60.61 5.42
CA ASN B 715 -19.41 61.41 4.36
C ASN B 715 -19.68 60.80 2.99
N ARG B 716 -19.67 59.48 2.90
CA ARG B 716 -20.19 58.77 1.73
C ARG B 716 -21.73 58.72 1.81
N ASP B 717 -22.31 59.92 1.86
CA ASP B 717 -23.68 60.09 2.33
C ASP B 717 -24.62 59.15 1.59
N TYR B 718 -25.60 58.64 2.33
CA TYR B 718 -26.50 57.61 1.84
C TYR B 718 -27.92 57.85 2.34
N CYS B 719 -28.38 59.10 2.29
CA CYS B 719 -29.80 59.34 2.17
C CYS B 719 -30.38 58.56 0.99
N THR B 720 -29.58 58.38 -0.06
CA THR B 720 -30.05 57.66 -1.24
C THR B 720 -30.38 56.20 -0.97
N GLU B 721 -29.74 55.56 0.01
CA GLU B 721 -30.00 54.14 0.11
C GLU B 721 -29.62 53.55 1.46
N PRO B 722 -30.35 53.89 2.52
CA PRO B 722 -30.15 53.19 3.81
C PRO B 722 -30.82 51.82 3.86
N LEU B 723 -31.77 51.56 2.98
CA LEU B 723 -32.67 50.43 3.17
C LEU B 723 -31.89 49.15 3.42
N VAL B 724 -32.53 48.23 4.15
CA VAL B 724 -31.86 47.04 4.67
C VAL B 724 -31.31 46.19 3.53
N GLU B 761 20.79 -10.35 8.58
CA GLU B 761 20.59 -8.90 8.71
C GLU B 761 21.90 -8.17 8.77
N TYR B 762 21.86 -6.89 8.42
CA TYR B 762 23.02 -6.04 8.66
C TYR B 762 23.32 -5.96 10.15
N ASP B 763 22.26 -5.97 10.98
CA ASP B 763 22.40 -6.16 12.43
C ASP B 763 23.00 -7.51 12.76
N ASP B 764 23.24 -8.34 11.75
CA ASP B 764 24.00 -9.56 11.86
C ASP B 764 25.25 -9.56 10.99
N ARG B 765 25.10 -9.25 9.70
CA ARG B 765 26.21 -9.28 8.76
C ARG B 765 27.35 -8.37 9.20
N LYS B 766 27.06 -7.11 9.49
CA LYS B 766 28.09 -6.16 9.91
C LYS B 766 28.47 -6.30 11.37
N VAL B 767 27.55 -6.73 12.23
CA VAL B 767 27.91 -6.94 13.63
C VAL B 767 28.87 -8.12 13.75
N GLN B 768 28.52 -9.25 13.15
CA GLN B 768 29.41 -10.40 13.21
C GLN B 768 30.77 -10.10 12.62
N ALA B 769 30.82 -9.33 11.55
CA ALA B 769 32.10 -8.91 11.01
C ALA B 769 32.88 -8.10 12.02
N GLY B 770 32.20 -7.23 12.76
CA GLY B 770 32.85 -6.52 13.86
C GLY B 770 33.31 -7.42 14.99
N MET B 771 32.50 -8.41 15.37
CA MET B 771 32.91 -9.32 16.42
C MET B 771 34.19 -10.07 16.06
N GLU B 772 34.23 -10.74 14.91
CA GLU B 772 35.42 -11.55 14.63
C GLU B 772 36.64 -10.72 14.30
N PHE B 773 36.49 -9.49 13.80
CA PHE B 773 37.66 -8.64 13.69
C PHE B 773 38.22 -8.23 15.05
N GLU B 774 37.35 -7.74 15.92
CA GLU B 774 37.82 -7.35 17.25
C GLU B 774 38.44 -8.50 18.02
N ASN B 775 37.89 -9.71 17.89
CA ASN B 775 38.56 -10.87 18.45
C ASN B 775 39.95 -11.07 17.86
N ALA B 776 40.08 -10.93 16.54
CA ALA B 776 41.39 -11.09 15.93
C ALA B 776 42.35 -9.99 16.36
N LEU B 777 41.86 -8.76 16.49
CA LEU B 777 42.70 -7.68 17.00
C LEU B 777 43.20 -7.95 18.42
N GLN B 778 42.28 -8.28 19.32
CA GLN B 778 42.64 -8.53 20.70
C GLN B 778 43.57 -9.71 20.86
N ASN B 779 43.39 -10.77 20.07
CA ASN B 779 44.38 -11.84 20.11
C ASN B 779 45.77 -11.36 19.69
N PHE B 780 45.82 -10.33 18.84
CA PHE B 780 47.12 -9.85 18.39
C PHE B 780 47.81 -8.94 19.40
N ILE B 781 47.07 -7.98 19.97
CA ILE B 781 47.71 -6.91 20.74
C ILE B 781 48.34 -7.44 22.02
N PHE B 782 47.62 -8.24 22.80
CA PHE B 782 47.94 -8.40 24.21
C PHE B 782 49.01 -9.45 24.50
N VAL B 783 49.76 -9.89 23.50
CA VAL B 783 50.65 -11.04 23.66
C VAL B 783 51.51 -10.84 24.91
N PRO B 784 51.65 -11.85 25.78
CA PRO B 784 52.28 -11.65 27.09
C PRO B 784 53.64 -11.00 27.02
N LYS B 856 -8.47 37.11 23.18
CA LYS B 856 -8.50 35.75 22.65
C LYS B 856 -9.00 34.78 23.72
N ASP B 857 -9.27 35.32 24.91
CA ASP B 857 -9.98 34.64 25.97
C ASP B 857 -9.37 33.28 26.33
N ASP B 858 -8.36 33.32 27.19
CA ASP B 858 -7.78 32.10 27.72
C ASP B 858 -8.81 31.33 28.55
N GLU B 859 -8.76 29.99 28.46
CA GLU B 859 -9.74 29.16 29.14
C GLU B 859 -9.68 29.28 30.65
N ASN B 860 -8.67 29.96 31.20
CA ASN B 860 -8.78 30.48 32.56
C ASN B 860 -10.12 31.17 32.77
N THR B 861 -10.59 31.88 31.76
CA THR B 861 -11.73 32.78 31.86
C THR B 861 -13.08 32.11 31.67
N TYR B 862 -13.12 30.83 31.32
CA TYR B 862 -14.38 30.20 30.93
C TYR B 862 -15.21 29.92 32.18
N LYS B 863 -16.12 30.83 32.48
CA LYS B 863 -16.94 30.78 33.68
C LYS B 863 -18.31 31.34 33.34
N ASP B 864 -19.34 30.80 33.99
CA ASP B 864 -20.68 31.36 33.87
C ASP B 864 -20.67 32.86 34.17
N GLU B 865 -21.41 33.62 33.36
CA GLU B 865 -21.51 35.05 33.57
C GLU B 865 -22.85 35.58 33.07
N GLU B 866 -23.28 36.68 33.68
CA GLU B 866 -24.19 37.63 33.05
C GLU B 866 -23.58 39.02 33.21
N ASP B 867 -23.56 39.78 32.13
CA ASP B 867 -23.12 41.18 32.16
C ASP B 867 -24.16 42.06 31.47
N LEU B 868 -25.14 42.53 32.23
CA LEU B 868 -26.09 43.48 31.69
C LEU B 868 -25.40 44.82 31.45
N SER B 869 -25.79 45.50 30.38
CA SER B 869 -25.39 46.88 30.17
C SER B 869 -26.00 47.77 31.24
N SER B 870 -25.44 48.97 31.37
CA SER B 870 -25.85 49.90 32.42
C SER B 870 -27.35 50.10 32.47
N ASN B 871 -28.02 50.09 31.32
CA ASN B 871 -29.46 50.28 31.25
C ASN B 871 -30.27 49.09 31.77
N LYS B 872 -29.63 48.01 32.21
CA LYS B 872 -30.36 46.85 32.70
C LYS B 872 -31.27 46.21 31.66
N GLN B 873 -31.22 46.68 30.43
CA GLN B 873 -32.18 46.23 29.43
C GLN B 873 -31.69 45.02 28.65
N PHE B 874 -30.38 44.88 28.45
CA PHE B 874 -29.85 43.81 27.61
C PHE B 874 -28.46 43.42 28.08
N TYR B 875 -28.06 42.20 27.71
CA TYR B 875 -26.71 41.70 27.97
C TYR B 875 -25.70 42.28 27.00
N GLU B 876 -24.51 42.61 27.52
CA GLU B 876 -23.33 42.78 26.69
C GLU B 876 -22.44 41.54 26.66
N VAL B 877 -22.46 40.73 27.71
CA VAL B 877 -21.86 39.39 27.67
C VAL B 877 -22.80 38.44 28.38
N PHE B 878 -22.92 37.23 27.83
CA PHE B 878 -23.64 36.15 28.49
C PHE B 878 -22.87 34.86 28.28
N ALA B 879 -22.72 34.07 29.33
CA ALA B 879 -22.01 32.80 29.21
C ALA B 879 -22.62 31.76 30.14
N LYS B 880 -22.61 30.51 29.67
CA LYS B 880 -23.18 29.40 30.44
C LYS B 880 -22.41 28.13 30.15
N GLU B 881 -22.15 27.35 31.21
CA GLU B 881 -21.44 26.07 31.13
C GLU B 881 -22.46 24.95 31.00
N LEU B 882 -23.02 24.81 29.80
CA LEU B 882 -24.10 23.87 29.61
C LEU B 882 -23.64 22.44 29.87
N PRO B 883 -24.54 21.57 30.33
CA PRO B 883 -24.25 20.14 30.35
C PRO B 883 -23.85 19.62 28.98
N PRO B 884 -22.86 18.72 28.93
CA PRO B 884 -22.40 18.19 27.64
C PRO B 884 -23.42 17.31 26.93
N ASN B 885 -24.59 17.09 27.53
CA ASN B 885 -25.70 16.45 26.84
C ASN B 885 -26.45 17.38 25.89
N GLN B 886 -26.32 18.71 26.07
CA GLN B 886 -27.07 19.69 25.30
C GLN B 886 -26.24 20.18 24.12
N THR B 887 -26.89 20.31 22.96
CA THR B 887 -26.24 20.96 21.82
C THR B 887 -27.11 22.02 21.17
N HIS B 888 -28.10 22.56 21.89
CA HIS B 888 -28.83 23.74 21.45
C HIS B 888 -28.95 24.72 22.60
N PHE B 889 -28.75 26.00 22.32
CA PHE B 889 -28.86 27.05 23.31
C PHE B 889 -29.67 28.21 22.78
N VAL B 890 -30.49 28.79 23.66
CA VAL B 890 -31.38 29.89 23.33
C VAL B 890 -30.95 31.10 24.16
N PHE B 891 -30.51 32.15 23.49
CA PHE B 891 -30.16 33.38 24.20
C PHE B 891 -31.41 34.23 24.44
N GLU B 892 -31.30 35.16 25.38
CA GLU B 892 -32.40 36.06 25.69
C GLU B 892 -31.84 37.42 26.11
N LYS B 893 -32.68 38.43 26.01
CA LYS B 893 -32.31 39.79 26.40
C LYS B 893 -31.06 40.27 25.67
N LEU B 894 -30.94 39.91 24.40
CA LEU B 894 -29.90 40.47 23.56
C LEU B 894 -30.28 41.88 23.08
N ARG B 895 -29.26 42.67 22.77
CA ARG B 895 -29.48 44.02 22.28
C ARG B 895 -30.01 44.00 20.85
N HIS B 896 -31.11 44.70 20.62
CA HIS B 896 -31.73 44.74 19.31
C HIS B 896 -30.78 45.28 18.25
N PHE B 897 -30.83 44.65 17.07
CA PHE B 897 -29.93 44.92 15.96
C PHE B 897 -28.48 45.17 16.38
N THR B 898 -27.77 44.11 16.76
CA THR B 898 -26.34 44.17 16.99
C THR B 898 -25.75 42.81 16.65
N ARG B 899 -24.48 42.78 16.27
CA ARG B 899 -23.78 41.53 16.03
C ARG B 899 -23.18 41.02 17.34
N TYR B 900 -23.38 39.74 17.61
CA TYR B 900 -22.71 39.03 18.71
C TYR B 900 -21.73 38.01 18.16
N ALA B 901 -20.52 38.00 18.69
CA ALA B 901 -19.64 36.85 18.52
C ALA B 901 -20.06 35.71 19.44
N ILE B 902 -20.08 34.49 18.90
CA ILE B 902 -20.48 33.29 19.64
C ILE B 902 -19.32 32.31 19.65
N PHE B 903 -18.90 31.89 20.84
CA PHE B 903 -18.06 30.71 20.97
C PHE B 903 -18.94 29.48 21.18
N VAL B 904 -18.42 28.32 20.81
CA VAL B 904 -18.80 27.07 21.47
C VAL B 904 -17.52 26.33 21.78
N VAL B 905 -17.40 25.82 23.00
CA VAL B 905 -16.21 25.13 23.46
C VAL B 905 -16.63 23.84 24.11
N ALA B 906 -15.96 22.74 23.79
CA ALA B 906 -16.15 21.48 24.49
C ALA B 906 -14.93 21.25 25.37
N CYS B 907 -15.18 20.93 26.65
CA CYS B 907 -14.10 20.68 27.60
C CYS B 907 -14.25 19.29 28.20
N ARG B 908 -13.11 18.70 28.58
CA ARG B 908 -13.08 17.38 29.19
C ARG B 908 -12.52 17.50 30.60
N GLU B 909 -12.82 16.49 31.41
CA GLU B 909 -12.34 16.47 32.79
C GLU B 909 -10.81 16.43 32.85
N GLU B 910 -10.27 17.11 33.86
CA GLU B 910 -8.82 17.14 34.09
C GLU B 910 -8.34 15.84 34.72
N ILE B 911 -7.19 15.36 34.28
CA ILE B 911 -6.60 14.14 34.82
C ILE B 911 -6.00 14.44 36.19
N PRO B 912 -6.05 13.51 37.14
CA PRO B 912 -5.48 13.75 38.47
C PRO B 912 -4.06 14.30 38.51
N SER B 913 -3.17 13.85 37.63
CA SER B 913 -1.84 14.47 37.60
C SER B 913 -1.89 15.91 37.11
N GLU B 914 -2.81 16.25 36.22
CA GLU B 914 -2.92 17.63 35.77
C GLU B 914 -3.40 18.56 36.88
N LYS B 915 -4.50 18.20 37.54
CA LYS B 915 -5.17 19.11 38.46
C LYS B 915 -4.31 19.52 39.65
N LEU B 916 -3.21 18.82 39.91
CA LEU B 916 -2.36 19.17 41.04
C LEU B 916 -0.87 19.03 40.80
N ARG B 917 -0.43 18.20 39.86
CA ARG B 917 1.00 18.06 39.58
C ARG B 917 1.47 19.01 38.47
N ASP B 918 0.67 19.18 37.42
CA ASP B 918 0.87 20.26 36.47
C ASP B 918 0.47 21.63 37.03
N THR B 919 -0.21 21.65 38.17
CA THR B 919 -0.93 22.82 38.69
C THR B 919 -1.97 23.34 37.70
N SER B 920 -2.39 22.50 36.77
CA SER B 920 -3.21 22.85 35.61
C SER B 920 -2.58 23.88 34.67
N PHE B 921 -1.33 24.30 34.90
CA PHE B 921 -0.80 25.44 34.15
C PHE B 921 -0.75 25.19 32.64
N LYS B 922 -0.61 23.92 32.21
CA LYS B 922 -0.75 23.64 30.79
C LYS B 922 -2.19 23.76 30.30
N LYS B 923 -3.16 23.74 31.21
CA LYS B 923 -4.58 23.96 30.89
C LYS B 923 -4.99 22.98 29.81
N SER B 924 -5.37 23.44 28.61
CA SER B 924 -5.69 22.60 27.46
C SER B 924 -6.89 21.71 27.71
N LEU B 925 -7.61 21.93 28.81
CA LEU B 925 -8.82 21.16 29.06
C LEU B 925 -9.92 21.44 28.05
N CYS B 926 -9.83 22.54 27.31
CA CYS B 926 -10.94 23.03 26.49
C CYS B 926 -10.52 23.22 25.05
N SER B 927 -11.47 22.97 24.14
CA SER B 927 -11.22 23.03 22.71
C SER B 927 -10.88 24.45 22.28
N ASP B 928 -10.28 24.54 21.09
CA ASP B 928 -10.33 25.76 20.30
C ASP B 928 -11.76 26.03 19.83
N TYR B 929 -11.98 27.25 19.33
CA TYR B 929 -13.30 27.70 18.90
C TYR B 929 -13.16 28.64 17.72
N ASP B 930 -14.20 28.70 16.90
CA ASP B 930 -14.33 29.68 15.82
C ASP B 930 -15.38 30.72 16.20
N THR B 931 -15.03 31.99 16.06
CA THR B 931 -15.99 33.07 16.29
C THR B 931 -17.07 33.09 15.22
N VAL B 932 -18.23 32.54 15.56
CA VAL B 932 -19.45 32.72 14.77
C VAL B 932 -20.05 34.08 15.08
N PHE B 933 -20.82 34.64 14.13
CA PHE B 933 -21.46 35.93 14.33
C PHE B 933 -22.92 35.85 13.90
N GLN B 934 -23.78 36.63 14.56
CA GLN B 934 -25.12 36.87 14.06
C GLN B 934 -25.61 38.24 14.51
N THR B 935 -26.46 38.87 13.70
CA THR B 935 -26.77 40.29 13.79
C THR B 935 -28.01 40.63 14.61
N THR B 936 -28.59 39.67 15.31
CA THR B 936 -29.87 39.86 16.02
C THR B 936 -30.95 40.28 15.00
N LYS B 937 -31.88 41.16 15.38
CA LYS B 937 -32.87 41.70 14.45
C LYS B 937 -33.27 43.11 14.87
N ARG B 938 -33.90 43.84 13.93
CA ARG B 938 -34.41 45.18 14.23
C ARG B 938 -35.57 45.13 15.22
N LYS B 939 -35.52 45.97 16.24
CA LYS B 939 -36.66 46.16 17.13
C LYS B 939 -37.75 46.98 16.45
N LYS B 940 -38.96 46.44 16.40
CA LYS B 940 -40.05 47.09 15.70
C LYS B 940 -40.39 48.46 16.30
N PHE B 941 -40.56 49.45 15.42
CA PHE B 941 -40.89 50.83 15.78
C PHE B 941 -39.82 51.54 16.60
N ALA B 942 -38.66 50.92 16.81
CA ALA B 942 -37.65 51.58 17.65
C ALA B 942 -37.14 52.87 17.05
N ASP B 943 -37.22 53.01 15.73
CA ASP B 943 -36.85 54.23 15.02
C ASP B 943 -37.97 55.25 14.93
N ILE B 944 -39.06 55.11 15.68
CA ILE B 944 -40.06 56.16 15.69
C ILE B 944 -39.51 57.42 16.33
N VAL B 945 -39.59 58.52 15.58
CA VAL B 945 -39.37 59.87 16.10
C VAL B 945 -40.52 60.26 17.02
N MET B 946 -40.20 60.66 18.25
CA MET B 946 -41.20 60.99 19.25
C MET B 946 -41.38 62.50 19.36
N ASP B 947 -42.42 62.90 20.07
CA ASP B 947 -42.69 64.31 20.37
C ASP B 947 -42.86 65.18 19.13
N LEU B 948 -43.37 64.60 18.04
CA LEU B 948 -43.55 65.36 16.80
C LEU B 948 -44.56 66.50 16.96
N LYS B 949 -44.11 67.73 16.72
CA LYS B 949 -44.96 68.90 16.81
C LYS B 949 -44.65 69.83 15.64
N VAL B 950 -45.67 70.55 15.17
CA VAL B 950 -45.53 71.47 14.04
C VAL B 950 -46.26 72.77 14.34
N ASP B 951 -45.59 73.90 14.09
CA ASP B 951 -46.18 75.22 14.35
C ASP B 951 -45.64 76.20 13.32
N LEU B 952 -46.37 77.30 13.14
CA LEU B 952 -45.80 78.47 12.47
C LEU B 952 -44.97 79.33 13.41
N GLU B 953 -43.88 79.88 12.89
CA GLU B 953 -43.23 81.03 13.49
C GLU B 953 -43.99 82.32 13.16
N HIS B 954 -43.92 83.27 14.10
CA HIS B 954 -44.69 84.51 14.02
C HIS B 954 -43.94 85.64 13.34
N ALA B 955 -42.68 85.44 12.98
CA ALA B 955 -41.92 86.50 12.31
C ALA B 955 -42.62 86.91 11.02
N ASN B 956 -42.60 88.21 10.75
CA ASN B 956 -43.30 88.74 9.59
C ASN B 956 -42.71 88.13 8.32
N ASN B 957 -43.58 87.65 7.44
CA ASN B 957 -43.18 86.79 6.34
C ASN B 957 -44.18 86.96 5.21
N THR B 958 -43.74 86.59 4.00
CA THR B 958 -44.62 86.45 2.86
C THR B 958 -44.89 84.99 2.51
N GLU B 959 -43.89 84.13 2.68
CA GLU B 959 -44.04 82.69 2.55
C GLU B 959 -43.94 82.08 3.94
N SER B 960 -44.95 81.29 4.31
CA SER B 960 -45.18 80.98 5.71
C SER B 960 -44.09 80.06 6.28
N PRO B 961 -43.43 80.45 7.38
CA PRO B 961 -42.32 79.65 7.91
C PRO B 961 -42.82 78.55 8.83
N VAL B 962 -43.11 77.38 8.29
CA VAL B 962 -43.53 76.24 9.09
C VAL B 962 -42.31 75.58 9.73
N ARG B 963 -42.33 75.49 11.06
CA ARG B 963 -41.32 74.79 11.85
C ARG B 963 -41.87 73.46 12.34
N VAL B 964 -41.15 72.38 12.04
CA VAL B 964 -41.44 71.05 12.57
C VAL B 964 -40.39 70.68 13.60
N ARG B 965 -40.84 70.21 14.77
CA ARG B 965 -39.98 69.87 15.89
C ARG B 965 -40.21 68.41 16.28
N TRP B 966 -39.17 67.79 16.82
CA TRP B 966 -39.28 66.46 17.41
C TRP B 966 -38.09 66.22 18.32
N THR B 967 -38.17 65.14 19.09
CA THR B 967 -36.98 64.59 19.75
C THR B 967 -36.44 63.40 18.99
N PRO B 968 -35.12 63.32 18.77
CA PRO B 968 -34.53 62.13 18.16
C PRO B 968 -34.97 60.87 18.88
N PRO B 969 -35.03 59.75 18.15
CA PRO B 969 -35.49 58.49 18.75
C PRO B 969 -34.63 58.09 19.93
N VAL B 970 -35.29 57.73 21.04
CA VAL B 970 -34.60 57.54 22.30
C VAL B 970 -33.73 56.30 22.29
N ASP B 971 -34.08 55.31 21.45
CA ASP B 971 -33.42 53.99 21.48
C ASP B 971 -33.51 53.36 20.10
N PRO B 972 -32.85 53.95 19.11
CA PRO B 972 -33.02 53.52 17.72
C PRO B 972 -32.27 52.22 17.43
N ASN B 973 -32.62 51.63 16.29
CA ASN B 973 -31.88 50.51 15.72
C ASN B 973 -30.52 50.94 15.20
N GLY B 974 -29.76 51.68 16.00
CA GLY B 974 -28.49 52.21 15.57
C GLY B 974 -28.60 53.64 15.09
N GLU B 975 -27.45 54.18 14.70
CA GLU B 975 -27.33 55.61 14.46
C GLU B 975 -28.31 56.06 13.38
N ILE B 976 -28.92 57.22 13.60
CA ILE B 976 -29.87 57.79 12.65
C ILE B 976 -29.10 58.40 11.49
N VAL B 977 -29.39 57.93 10.28
CA VAL B 977 -28.90 58.57 9.07
C VAL B 977 -29.61 59.90 8.84
N THR B 978 -30.92 59.83 8.61
CA THR B 978 -31.70 61.00 8.26
C THR B 978 -33.09 60.84 8.84
N TYR B 979 -33.78 61.96 9.02
CA TYR B 979 -35.23 61.96 9.19
C TYR B 979 -35.89 62.31 7.87
N GLU B 980 -36.92 61.54 7.52
CA GLU B 980 -37.74 61.76 6.34
C GLU B 980 -39.08 62.30 6.80
N VAL B 981 -39.41 63.52 6.40
CA VAL B 981 -40.70 64.14 6.72
C VAL B 981 -41.58 64.13 5.49
N ALA B 982 -42.77 63.55 5.62
CA ALA B 982 -43.75 63.45 4.55
C ALA B 982 -44.97 64.31 4.89
N TYR B 983 -45.42 65.12 3.93
CA TYR B 983 -46.49 66.07 4.16
C TYR B 983 -47.32 66.23 2.89
N LYS B 984 -48.62 66.42 3.07
CA LYS B 984 -49.57 66.39 1.95
C LYS B 984 -50.72 67.34 2.23
N LEU B 985 -50.97 68.25 1.28
CA LEU B 985 -52.18 69.06 1.29
C LEU B 985 -53.41 68.18 1.21
N GLN B 986 -54.34 68.36 2.14
CA GLN B 986 -55.44 67.43 2.34
C GLN B 986 -56.60 67.65 1.36
N LYS B 987 -56.30 67.41 0.09
CA LYS B 987 -57.30 67.23 -0.95
C LYS B 987 -56.83 66.10 -1.86
N PRO B 988 -57.74 65.52 -2.64
CA PRO B 988 -57.32 64.63 -3.73
C PRO B 988 -56.42 65.33 -4.72
N ASP B 989 -55.88 64.54 -5.66
CA ASP B 989 -54.92 64.96 -6.68
C ASP B 989 -53.67 65.62 -6.11
N GLN B 990 -53.36 65.40 -4.83
CA GLN B 990 -52.09 65.81 -4.24
C GLN B 990 -51.24 64.58 -3.95
N VAL B 991 -49.98 64.63 -4.37
CA VAL B 991 -48.96 63.68 -3.94
C VAL B 991 -48.39 64.14 -2.60
N GLU B 992 -48.06 63.18 -1.73
CA GLU B 992 -47.34 63.48 -0.50
C GLU B 992 -45.87 63.74 -0.79
N GLU B 993 -45.44 64.98 -0.56
CA GLU B 993 -44.04 65.37 -0.62
C GLU B 993 -43.22 64.68 0.47
N LYS B 994 -41.91 64.59 0.24
CA LYS B 994 -40.98 64.06 1.22
C LYS B 994 -39.75 64.93 1.22
N LYS B 995 -39.19 65.20 2.39
CA LYS B 995 -37.84 65.74 2.53
C LYS B 995 -36.95 64.82 3.34
N CYS B 996 -35.71 64.66 2.88
CA CYS B 996 -34.67 63.96 3.62
C CYS B 996 -33.82 64.96 4.37
N ILE B 997 -33.81 64.89 5.69
CA ILE B 997 -33.07 65.81 6.55
C ILE B 997 -32.00 65.01 7.27
N PRO B 998 -30.70 65.29 7.06
CA PRO B 998 -29.66 64.59 7.81
C PRO B 998 -29.77 64.84 9.31
N ALA B 999 -29.48 63.79 10.09
CA ALA B 999 -29.47 63.92 11.55
C ALA B 999 -28.43 64.92 12.03
N ALA B 1000 -27.41 65.19 11.21
CA ALA B 1000 -26.44 66.25 11.48
C ALA B 1000 -27.05 67.64 11.52
N ASP B 1001 -28.28 67.83 11.06
CA ASP B 1001 -28.91 69.14 11.04
C ASP B 1001 -29.86 69.41 12.21
N PHE B 1002 -30.61 68.40 12.64
CA PHE B 1002 -31.83 68.66 13.39
C PHE B 1002 -31.57 69.21 14.79
N ASN B 1003 -30.53 68.72 15.47
CA ASN B 1003 -30.23 69.24 16.81
C ASN B 1003 -29.82 70.70 16.76
N GLN B 1004 -28.93 71.06 15.83
CA GLN B 1004 -28.47 72.45 15.75
C GLN B 1004 -29.57 73.37 15.25
N THR B 1005 -30.49 72.84 14.43
CA THR B 1005 -31.68 73.61 14.09
C THR B 1005 -32.73 73.57 15.19
N ALA B 1006 -32.73 72.53 16.03
CA ALA B 1006 -33.71 72.40 17.11
C ALA B 1006 -35.13 72.47 16.57
N GLY B 1007 -35.32 72.07 15.32
CA GLY B 1007 -36.59 72.19 14.63
C GLY B 1007 -36.39 72.58 13.18
N TYR B 1008 -36.76 71.69 12.26
CA TYR B 1008 -36.60 71.96 10.84
C TYR B 1008 -37.67 72.93 10.38
N LEU B 1009 -37.32 73.79 9.42
CA LEU B 1009 -38.21 74.87 9.00
C LEU B 1009 -38.54 74.71 7.53
N ILE B 1010 -39.84 74.65 7.23
CA ILE B 1010 -40.39 74.39 5.90
C ILE B 1010 -41.25 75.58 5.50
N LYS B 1011 -41.26 75.89 4.21
CA LYS B 1011 -42.08 76.97 3.68
C LYS B 1011 -43.31 76.40 2.97
N LEU B 1012 -44.49 76.93 3.34
CA LEU B 1012 -45.75 76.49 2.76
C LEU B 1012 -46.64 77.70 2.52
N ASN B 1013 -47.73 77.47 1.79
CA ASN B 1013 -48.74 78.49 1.58
C ASN B 1013 -50.13 77.84 1.69
N GLU B 1014 -51.13 78.71 1.67
CA GLU B 1014 -52.52 78.40 2.02
C GLU B 1014 -52.94 76.95 1.79
N GLY B 1015 -53.26 76.26 2.88
CA GLY B 1015 -53.76 74.90 2.82
C GLY B 1015 -53.63 74.20 4.16
N LEU B 1016 -54.37 73.10 4.28
CA LEU B 1016 -54.33 72.20 5.43
C LEU B 1016 -53.56 70.93 5.09
N TYR B 1017 -52.45 70.69 5.79
CA TYR B 1017 -51.49 69.66 5.42
C TYR B 1017 -51.46 68.55 6.45
N SER B 1018 -51.47 67.31 5.96
CA SER B 1018 -50.89 66.17 6.65
C SER B 1018 -49.42 66.38 6.95
N PHE B 1019 -48.96 65.93 8.12
CA PHE B 1019 -47.55 65.73 8.35
C PHE B 1019 -47.32 64.41 9.08
N ARG B 1020 -46.30 63.67 8.66
CA ARG B 1020 -45.79 62.54 9.41
C ARG B 1020 -44.32 62.35 9.10
N VAL B 1021 -43.60 61.70 10.01
CA VAL B 1021 -42.14 61.62 9.96
C VAL B 1021 -41.72 60.20 10.30
N ARG B 1022 -40.58 59.79 9.75
CA ARG B 1022 -39.87 58.61 10.22
C ARG B 1022 -38.39 58.92 10.19
N ALA B 1023 -37.64 58.25 11.07
CA ALA B 1023 -36.20 58.19 10.94
C ALA B 1023 -35.77 57.04 10.05
N ASN B 1024 -34.59 57.19 9.46
CA ASN B 1024 -33.89 56.11 8.79
C ASN B 1024 -32.62 55.81 9.57
N SER B 1025 -32.54 54.61 10.12
CA SER B 1025 -31.26 54.12 10.62
C SER B 1025 -30.43 53.58 9.48
N ILE B 1026 -29.13 53.46 9.73
CA ILE B 1026 -28.30 52.58 8.93
C ILE B 1026 -28.82 51.16 8.94
N ALA B 1027 -29.75 50.83 9.82
CA ALA B 1027 -30.46 49.56 9.72
C ALA B 1027 -31.55 49.56 8.67
N GLY B 1028 -32.12 50.70 8.33
CA GLY B 1028 -33.17 50.74 7.33
C GLY B 1028 -34.11 51.90 7.55
N TYR B 1029 -35.05 52.04 6.63
CA TYR B 1029 -36.18 52.95 6.83
C TYR B 1029 -37.02 52.52 8.02
N GLY B 1030 -37.47 53.51 8.80
CA GLY B 1030 -38.42 53.29 9.86
C GLY B 1030 -39.86 53.25 9.37
N ASP B 1031 -40.78 53.16 10.33
CA ASP B 1031 -42.20 53.38 10.09
C ASP B 1031 -42.62 54.76 10.60
N PHE B 1032 -43.45 55.44 9.81
CA PHE B 1032 -43.88 56.78 10.15
C PHE B 1032 -44.76 56.80 11.40
N THR B 1033 -44.78 57.96 12.04
CA THR B 1033 -45.80 58.34 13.00
C THR B 1033 -47.19 58.32 12.36
N GLU B 1034 -48.22 58.41 13.20
CA GLU B 1034 -49.52 58.89 12.74
C GLU B 1034 -49.40 60.31 12.16
N VAL B 1035 -50.33 60.62 11.25
CA VAL B 1035 -50.39 61.92 10.59
C VAL B 1035 -50.69 63.04 11.58
N GLU B 1036 -49.80 64.01 11.66
CA GLU B 1036 -50.09 65.33 12.22
C GLU B 1036 -50.66 66.24 11.14
N HIS B 1037 -51.35 67.30 11.58
CA HIS B 1037 -51.95 68.29 10.69
C HIS B 1037 -51.50 69.69 11.08
N ILE B 1038 -51.49 70.59 10.09
CA ILE B 1038 -51.38 72.03 10.32
C ILE B 1038 -52.25 72.78 9.31
N LYS B 1039 -53.08 73.70 9.79
CA LYS B 1039 -53.73 74.69 8.93
C LYS B 1039 -52.80 75.87 8.66
N VAL B 1040 -52.19 75.87 7.48
CA VAL B 1040 -51.45 77.04 6.99
C VAL B 1040 -52.44 78.10 6.53
N GLU B 1041 -52.34 79.29 7.12
CA GLU B 1041 -53.19 80.40 6.75
C GLU B 1041 -52.67 81.07 5.48
N PRO B 1042 -53.48 81.88 4.81
CA PRO B 1042 -53.09 82.40 3.50
C PRO B 1042 -52.09 83.53 3.61
N PRO B 1043 -51.41 83.88 2.51
CA PRO B 1043 -50.64 85.13 2.47
C PRO B 1043 -51.53 86.33 2.70
N PRO B 1044 -51.28 87.10 3.76
CA PRO B 1044 -52.21 88.18 4.11
C PRO B 1044 -52.20 89.31 3.09
N SER B 1045 -53.32 90.02 3.01
CA SER B 1045 -53.52 91.07 2.02
C SER B 1045 -54.45 92.12 2.60
N TYR B 1046 -54.31 93.36 2.10
CA TYR B 1046 -54.93 94.52 2.73
C TYR B 1046 -55.73 95.37 1.75
N ALA B 1047 -56.01 94.87 0.55
CA ALA B 1047 -56.65 95.65 -0.51
C ALA B 1047 -58.17 95.47 -0.54
N LYS B 1048 -58.77 94.93 0.52
CA LYS B 1048 -60.21 94.80 0.61
C LYS B 1048 -60.91 96.15 0.62
N ASP C 1 -19.90 -25.70 2.88
CA ASP C 1 -19.05 -26.87 2.57
C ASP C 1 -19.13 -27.30 1.12
N PHE C 2 -18.36 -26.64 0.27
CA PHE C 2 -18.28 -27.04 -1.13
C PHE C 2 -16.85 -26.87 -1.62
N ARG C 3 -16.50 -27.68 -2.61
CA ARG C 3 -15.38 -27.40 -3.49
C ARG C 3 -15.90 -26.58 -4.66
N GLY C 4 -15.39 -25.37 -4.81
CA GLY C 4 -15.83 -24.53 -5.89
C GLY C 4 -15.16 -23.19 -5.83
N VAL C 5 -15.20 -22.51 -6.98
CA VAL C 5 -14.44 -21.28 -7.15
C VAL C 5 -14.93 -20.15 -6.25
N VAL C 6 -16.15 -20.20 -5.74
CA VAL C 6 -16.67 -19.09 -4.95
C VAL C 6 -16.07 -18.95 -3.57
N ASP C 7 -15.34 -19.95 -3.08
CA ASP C 7 -14.42 -19.76 -1.96
C ASP C 7 -12.97 -20.10 -2.27
N SER C 8 -12.70 -20.76 -3.40
CA SER C 8 -11.34 -20.86 -3.90
C SER C 8 -10.77 -19.49 -4.27
N CYS C 9 -11.54 -18.68 -5.00
CA CYS C 9 -11.02 -17.47 -5.63
C CYS C 9 -11.77 -16.20 -5.28
N CYS C 10 -12.99 -16.26 -4.76
CA CYS C 10 -13.66 -15.03 -4.32
C CYS C 10 -13.41 -14.70 -2.85
N ARG C 11 -13.54 -15.67 -1.94
CA ARG C 11 -13.35 -15.37 -0.53
C ARG C 11 -11.88 -15.14 -0.19
N ASN C 12 -10.97 -15.59 -1.05
CA ASN C 12 -9.56 -15.25 -0.93
C ASN C 12 -8.97 -15.21 -2.34
N SER C 13 -7.65 -15.20 -2.43
CA SER C 13 -6.98 -15.24 -3.73
C SER C 13 -6.80 -16.69 -4.21
N CYS C 14 -6.45 -16.80 -5.49
CA CYS C 14 -6.11 -18.09 -6.08
C CYS C 14 -5.21 -17.88 -7.30
N SER C 15 -4.55 -18.95 -7.71
CA SER C 15 -3.84 -19.01 -8.99
C SER C 15 -4.71 -19.54 -10.11
N PHE C 16 -4.43 -19.07 -11.33
CA PHE C 16 -5.33 -19.30 -12.44
C PHE C 16 -5.49 -20.79 -12.75
N SER C 17 -4.45 -21.57 -12.48
CA SER C 17 -4.58 -23.01 -12.66
C SER C 17 -5.68 -23.61 -11.81
N THR C 18 -6.12 -22.92 -10.75
CA THR C 18 -7.29 -23.42 -10.03
C THR C 18 -8.56 -23.26 -10.86
N LEU C 19 -8.69 -22.15 -11.57
CA LEU C 19 -9.83 -22.00 -12.46
C LEU C 19 -9.79 -23.06 -13.55
N ARG C 20 -8.61 -23.36 -14.05
CA ARG C 20 -8.49 -24.37 -15.10
C ARG C 20 -8.91 -25.76 -14.63
N ALA C 21 -8.97 -26.02 -13.33
CA ALA C 21 -9.47 -27.30 -12.84
C ALA C 21 -10.96 -27.49 -13.07
N TYR C 22 -11.72 -26.43 -13.33
CA TYR C 22 -13.15 -26.56 -13.58
C TYR C 22 -13.50 -26.81 -15.03
N CYS C 23 -12.57 -26.52 -15.95
CA CYS C 23 -12.83 -26.71 -17.36
C CYS C 23 -12.92 -28.19 -17.72
N ASP C 24 -13.55 -28.46 -18.86
CA ASP C 24 -13.79 -29.83 -19.29
C ASP C 24 -12.69 -30.38 -20.19
N ASN D 1 -1.67 -15.66 -8.12
CA ASN D 1 -1.63 -14.40 -8.92
C ASN D 1 -2.95 -13.66 -8.82
N SER D 2 -3.32 -13.33 -7.58
CA SER D 2 -4.21 -12.21 -7.28
C SER D 2 -5.50 -12.22 -8.08
N LEU D 3 -6.08 -13.41 -8.28
CA LEU D 3 -7.36 -13.48 -8.98
C LEU D 3 -8.42 -12.62 -8.30
N ARG D 4 -8.74 -12.94 -7.03
CA ARG D 4 -9.73 -12.20 -6.27
C ARG D 4 -11.09 -12.05 -6.94
N ALA D 5 -11.34 -12.73 -8.04
CA ALA D 5 -12.55 -12.46 -8.80
C ALA D 5 -13.78 -12.90 -8.01
N CYS D 6 -14.86 -12.15 -8.16
CA CYS D 6 -16.12 -12.50 -7.50
C CYS D 6 -17.29 -12.25 -8.45
N GLY D 7 -18.37 -12.99 -8.21
CA GLY D 7 -19.62 -12.82 -8.92
C GLY D 7 -19.49 -12.87 -10.43
N PRO D 8 -20.07 -11.89 -11.13
CA PRO D 8 -19.92 -11.86 -12.59
C PRO D 8 -18.48 -11.66 -13.03
N ALA D 9 -17.67 -10.98 -12.22
CA ALA D 9 -16.25 -10.88 -12.53
C ALA D 9 -15.52 -12.20 -12.39
N LEU D 10 -16.06 -13.14 -11.61
CA LEU D 10 -15.55 -14.51 -11.61
C LEU D 10 -16.09 -15.34 -12.76
N MET D 11 -17.38 -15.23 -13.06
CA MET D 11 -17.91 -15.93 -14.23
C MET D 11 -17.18 -15.54 -15.51
N ASP D 12 -16.95 -14.24 -15.69
CA ASP D 12 -16.20 -13.73 -16.83
C ASP D 12 -14.73 -14.14 -16.81
N MET D 13 -14.22 -14.62 -15.68
CA MET D 13 -12.85 -15.14 -15.66
C MET D 13 -12.81 -16.65 -15.87
N LEU D 14 -13.78 -17.39 -15.35
CA LEU D 14 -13.89 -18.81 -15.68
C LEU D 14 -14.13 -19.03 -17.17
N ARG D 15 -15.02 -18.25 -17.79
CA ARG D 15 -15.09 -18.27 -19.25
C ARG D 15 -13.86 -17.69 -19.94
N VAL D 16 -13.06 -16.89 -19.23
CA VAL D 16 -11.75 -16.55 -19.75
C VAL D 16 -10.75 -17.69 -19.61
N ALA D 17 -11.05 -18.66 -18.74
CA ALA D 17 -10.11 -19.71 -18.39
C ALA D 17 -10.16 -20.91 -19.32
N CYS D 18 -11.24 -21.10 -20.05
CA CYS D 18 -11.24 -22.12 -21.09
C CYS D 18 -12.25 -21.81 -22.17
N PRO D 19 -11.99 -22.23 -23.40
CA PRO D 19 -12.97 -22.06 -24.47
C PRO D 19 -14.09 -23.07 -24.39
N ASN D 20 -13.75 -24.30 -23.98
CA ASN D 20 -14.74 -25.32 -23.72
C ASN D 20 -15.52 -25.01 -22.45
N GLY D 21 -16.59 -25.76 -22.23
CA GLY D 21 -17.41 -25.59 -21.06
C GLY D 21 -16.84 -26.22 -19.80
N PHE D 22 -17.67 -26.19 -18.75
CA PHE D 22 -17.27 -26.61 -17.42
C PHE D 22 -18.05 -27.82 -16.92
N ASN D 23 -19.37 -27.69 -16.83
CA ASN D 23 -20.15 -28.47 -15.89
C ASN D 23 -20.23 -29.94 -16.26
N SER D 24 -20.00 -30.78 -15.27
CA SER D 24 -19.90 -32.22 -15.51
C SER D 24 -20.30 -32.94 -14.22
N MET D 25 -21.42 -32.54 -13.64
CA MET D 25 -21.96 -33.29 -12.51
C MET D 25 -22.48 -34.63 -12.98
N PHE D 26 -22.24 -35.66 -12.18
CA PHE D 26 -22.75 -37.01 -12.41
C PHE D 26 -22.62 -37.40 -13.87
N ALA D 27 -21.48 -37.06 -14.48
CA ALA D 27 -21.23 -37.39 -15.87
C ALA D 27 -19.77 -37.74 -16.05
N ASP E 1 -11.37 -7.37 -36.95
CA ASP E 1 -12.41 -6.30 -37.08
C ASP E 1 -12.86 -5.79 -35.72
N PHE E 2 -12.89 -4.46 -35.59
CA PHE E 2 -13.34 -3.84 -34.35
C PHE E 2 -14.75 -4.29 -33.97
N ARG E 3 -15.57 -4.61 -34.98
CA ARG E 3 -16.84 -5.29 -34.75
C ARG E 3 -16.69 -6.52 -33.84
N GLY E 4 -15.75 -7.40 -34.17
CA GLY E 4 -15.59 -8.64 -33.42
C GLY E 4 -15.07 -8.49 -31.99
N VAL E 5 -14.25 -7.48 -31.72
CA VAL E 5 -13.79 -7.25 -30.36
C VAL E 5 -14.81 -6.49 -29.53
N VAL E 6 -15.44 -5.47 -30.11
CA VAL E 6 -16.50 -4.77 -29.38
C VAL E 6 -17.69 -5.67 -29.14
N ASP E 7 -18.02 -6.54 -30.10
CA ASP E 7 -19.09 -7.50 -29.91
C ASP E 7 -18.69 -8.68 -29.04
N SER E 8 -17.44 -9.12 -29.12
CA SER E 8 -16.99 -10.25 -28.31
C SER E 8 -15.65 -9.97 -27.66
N CYS E 9 -15.58 -10.23 -26.35
CA CYS E 9 -14.40 -10.03 -25.52
C CYS E 9 -14.07 -8.55 -25.30
N CYS E 10 -15.11 -7.72 -25.23
CA CYS E 10 -15.11 -6.44 -24.55
C CYS E 10 -16.11 -6.43 -23.41
N ARG E 11 -17.29 -7.00 -23.65
CA ARG E 11 -18.21 -7.40 -22.60
C ARG E 11 -17.87 -8.77 -22.05
N ASN E 12 -16.65 -9.24 -22.35
CA ASN E 12 -16.14 -10.52 -21.90
C ASN E 12 -14.63 -10.36 -21.95
N SER E 13 -13.90 -11.33 -21.40
CA SER E 13 -12.45 -11.24 -21.35
C SER E 13 -11.81 -12.12 -22.42
N CYS E 14 -10.89 -11.53 -23.19
CA CYS E 14 -10.24 -12.24 -24.28
C CYS E 14 -9.14 -13.12 -23.70
N SER E 15 -9.01 -14.33 -24.22
CA SER E 15 -7.75 -15.06 -24.06
C SER E 15 -6.68 -14.46 -24.98
N PHE E 16 -5.41 -14.80 -24.72
CA PHE E 16 -4.37 -14.35 -25.63
C PHE E 16 -4.54 -14.94 -27.03
N SER E 17 -4.85 -16.23 -27.12
CA SER E 17 -5.11 -16.85 -28.42
C SER E 17 -6.34 -16.26 -29.09
N THR E 18 -7.37 -15.93 -28.31
CA THR E 18 -8.53 -15.25 -28.86
C THR E 18 -8.17 -13.90 -29.48
N LEU E 19 -7.37 -13.10 -28.78
CA LEU E 19 -7.00 -11.80 -29.34
C LEU E 19 -6.09 -11.97 -30.54
N ARG E 20 -5.14 -12.92 -30.47
CA ARG E 20 -4.29 -13.21 -31.61
C ARG E 20 -5.10 -13.61 -32.83
N ALA E 21 -6.21 -14.31 -32.63
CA ALA E 21 -7.04 -14.75 -33.74
C ALA E 21 -7.68 -13.60 -34.52
N TYR E 22 -7.68 -12.37 -33.98
CA TYR E 22 -8.10 -11.23 -34.77
C TYR E 22 -6.97 -10.58 -35.57
N CYS E 23 -5.72 -10.99 -35.36
CA CYS E 23 -4.69 -10.57 -36.28
C CYS E 23 -4.84 -11.31 -37.61
N ASP E 24 -4.47 -10.62 -38.68
CA ASP E 24 -4.54 -11.18 -40.04
C ASP E 24 -3.38 -12.15 -40.33
N ASN F 1 -3.55 -15.16 -18.95
CA ASN F 1 -4.38 -14.28 -18.11
C ASN F 1 -5.30 -13.42 -18.95
N SER F 2 -6.60 -13.58 -18.73
CA SER F 2 -7.60 -13.04 -19.65
C SER F 2 -7.52 -11.52 -19.73
N LEU F 3 -7.51 -11.03 -20.97
CA LEU F 3 -7.48 -9.61 -21.28
C LEU F 3 -8.86 -9.01 -21.21
N ARG F 4 -8.92 -7.70 -20.96
CA ARG F 4 -10.19 -6.99 -20.97
C ARG F 4 -9.91 -5.54 -21.32
N ALA F 5 -10.39 -5.12 -22.49
CA ALA F 5 -10.33 -3.71 -22.86
C ALA F 5 -11.45 -3.42 -23.85
N CYS F 6 -11.81 -2.14 -23.95
CA CYS F 6 -12.85 -1.69 -24.85
C CYS F 6 -12.44 -0.35 -25.44
N GLY F 7 -13.07 0.00 -26.56
CA GLY F 7 -12.80 1.25 -27.22
C GLY F 7 -11.35 1.43 -27.60
N PRO F 8 -10.81 2.64 -27.43
CA PRO F 8 -9.44 2.91 -27.89
C PRO F 8 -8.39 2.07 -27.18
N ALA F 9 -8.62 1.65 -25.94
CA ALA F 9 -7.70 0.71 -25.33
C ALA F 9 -7.73 -0.64 -26.03
N LEU F 10 -8.90 -1.04 -26.51
CA LEU F 10 -9.01 -2.27 -27.29
C LEU F 10 -8.28 -2.16 -28.61
N MET F 11 -8.46 -1.04 -29.31
CA MET F 11 -7.71 -0.83 -30.54
C MET F 11 -6.20 -0.77 -30.29
N ASP F 12 -5.78 -0.14 -29.19
CA ASP F 12 -4.37 -0.14 -28.82
C ASP F 12 -3.80 -1.53 -28.55
N MET F 13 -4.56 -2.40 -27.90
CA MET F 13 -4.06 -3.76 -27.70
C MET F 13 -4.18 -4.65 -28.93
N LEU F 14 -5.13 -4.42 -29.81
CA LEU F 14 -5.11 -5.11 -31.09
C LEU F 14 -3.92 -4.70 -31.95
N ARG F 15 -3.62 -3.39 -32.01
CA ARG F 15 -2.36 -2.92 -32.58
C ARG F 15 -1.13 -3.40 -31.81
N VAL F 16 -1.31 -3.86 -30.57
CA VAL F 16 -0.19 -4.42 -29.81
C VAL F 16 0.07 -5.88 -30.19
N ALA F 17 -0.94 -6.73 -30.07
CA ALA F 17 -0.80 -8.14 -30.39
C ALA F 17 -0.63 -8.41 -31.88
N CYS F 18 -0.93 -7.44 -32.75
CA CYS F 18 -0.89 -7.65 -34.21
C CYS F 18 0.13 -6.72 -34.84
N PRO F 19 1.42 -7.06 -34.76
CA PRO F 19 2.44 -6.27 -35.49
C PRO F 19 2.34 -6.41 -36.99
N ASN F 20 2.08 -7.61 -37.50
CA ASN F 20 1.36 -7.74 -38.75
C ASN F 20 -0.10 -7.43 -38.47
N GLY F 21 -0.66 -6.50 -39.23
CA GLY F 21 -1.84 -5.78 -38.83
C GLY F 21 -3.10 -6.62 -38.81
N PHE F 22 -4.21 -5.92 -38.58
CA PHE F 22 -5.53 -6.51 -38.46
C PHE F 22 -6.50 -5.75 -39.35
N ASN F 23 -7.38 -6.48 -40.03
CA ASN F 23 -8.37 -5.85 -40.89
C ASN F 23 -9.29 -4.97 -40.06
N SER F 24 -9.59 -3.79 -40.60
CA SER F 24 -10.25 -2.73 -39.84
C SER F 24 -11.63 -3.13 -39.38
N ASP G 1 49.75 -21.79 19.66
CA ASP G 1 48.27 -21.66 19.75
C ASP G 1 47.85 -21.01 21.06
N PHE G 2 46.56 -20.65 21.15
CA PHE G 2 45.96 -20.23 22.41
C PHE G 2 46.62 -18.96 22.91
N ARG G 3 47.34 -18.28 22.02
CA ARG G 3 48.36 -17.31 22.37
C ARG G 3 47.80 -15.92 22.61
N GLY G 4 46.53 -15.79 22.98
CA GLY G 4 45.97 -14.46 23.11
C GLY G 4 44.72 -14.44 23.96
N VAL G 5 44.45 -13.25 24.48
CA VAL G 5 43.41 -13.10 25.49
C VAL G 5 42.07 -13.59 24.97
N VAL G 6 41.79 -13.41 23.68
CA VAL G 6 40.50 -13.83 23.15
C VAL G 6 40.37 -15.34 23.00
N ASP G 7 41.47 -16.08 22.96
CA ASP G 7 41.40 -17.53 23.10
C ASP G 7 41.43 -17.97 24.55
N SER G 8 42.31 -17.38 25.35
CA SER G 8 42.49 -17.83 26.72
C SER G 8 41.28 -17.50 27.57
N CYS G 9 40.93 -16.22 27.65
CA CYS G 9 39.65 -15.81 28.20
C CYS G 9 38.56 -15.95 27.15
N CYS G 10 37.47 -15.20 27.30
CA CYS G 10 36.37 -15.22 26.36
C CYS G 10 35.85 -16.63 26.08
N ARG G 11 36.23 -17.26 24.97
CA ARG G 11 35.87 -18.65 24.76
C ARG G 11 36.74 -19.65 25.52
N ASN G 12 37.84 -19.21 26.15
CA ASN G 12 38.64 -20.11 26.97
C ASN G 12 38.41 -19.98 28.47
N SER G 13 37.59 -19.02 28.92
CA SER G 13 37.13 -18.95 30.31
C SER G 13 38.29 -18.94 31.31
N CYS G 14 39.15 -17.94 31.13
CA CYS G 14 40.38 -17.83 31.90
C CYS G 14 40.09 -17.49 33.36
N SER G 15 41.03 -17.84 34.22
CA SER G 15 41.07 -17.30 35.58
C SER G 15 41.83 -15.98 35.59
N PHE G 16 41.51 -15.15 36.59
CA PHE G 16 42.11 -13.84 36.71
C PHE G 16 43.63 -13.90 36.85
N SER G 17 44.15 -14.95 37.48
CA SER G 17 45.59 -15.17 37.51
C SER G 17 46.18 -15.36 36.12
N THR G 18 45.41 -15.92 35.19
CA THR G 18 45.84 -15.93 33.80
C THR G 18 45.71 -14.55 33.15
N LEU G 19 44.61 -13.85 33.43
CA LEU G 19 44.41 -12.55 32.80
C LEU G 19 45.53 -11.57 33.13
N ARG G 20 46.05 -11.60 34.36
CA ARG G 20 47.20 -10.77 34.67
C ARG G 20 48.46 -11.13 33.89
N ALA G 21 48.53 -12.31 33.27
CA ALA G 21 49.75 -12.68 32.54
C ALA G 21 50.06 -11.76 31.37
N TYR G 22 49.08 -11.03 30.86
CA TYR G 22 49.31 -10.06 29.79
C TYR G 22 49.81 -8.72 30.30
N CYS G 23 49.54 -8.39 31.56
CA CYS G 23 49.91 -7.09 32.12
C CYS G 23 51.33 -7.05 32.64
N ASP G 24 51.86 -8.19 33.06
CA ASP G 24 53.16 -8.26 33.73
C ASP G 24 54.22 -7.52 32.91
N SER G 25 54.75 -6.45 33.49
CA SER G 25 55.59 -5.51 32.73
C SER G 25 56.89 -5.22 33.48
N SER H 2 35.67 -18.92 35.65
CA SER H 2 36.13 -17.73 36.41
C SER H 2 35.70 -16.44 35.73
N LEU H 3 36.33 -16.11 34.62
CA LEU H 3 35.98 -14.93 33.84
C LEU H 3 35.72 -15.33 32.40
N ARG H 4 34.73 -14.69 31.78
CA ARG H 4 34.44 -14.88 30.36
C ARG H 4 34.14 -13.55 29.71
N ALA H 5 34.97 -12.55 29.98
CA ALA H 5 34.87 -11.30 29.27
C ALA H 5 35.21 -11.51 27.80
N CYS H 6 34.43 -10.88 26.93
CA CYS H 6 34.71 -10.89 25.50
C CYS H 6 34.52 -9.48 24.99
N GLY H 7 35.22 -9.17 23.91
CA GLY H 7 35.04 -7.90 23.25
C GLY H 7 35.25 -6.73 24.19
N PRO H 8 34.35 -5.74 24.14
CA PRO H 8 34.49 -4.61 25.05
C PRO H 8 34.51 -4.97 26.51
N ALA H 9 33.87 -6.06 26.93
CA ALA H 9 34.01 -6.51 28.31
C ALA H 9 35.44 -6.91 28.62
N LEU H 10 36.15 -7.49 27.67
CA LEU H 10 37.52 -7.91 27.91
C LEU H 10 38.47 -6.72 27.83
N MET H 11 38.23 -5.81 26.90
CA MET H 11 38.95 -4.54 26.90
C MET H 11 38.80 -3.82 28.22
N ASP H 12 37.58 -3.82 28.78
CA ASP H 12 37.29 -3.15 30.04
C ASP H 12 37.92 -3.84 31.24
N MET H 13 37.88 -5.17 31.29
CA MET H 13 38.54 -5.88 32.37
C MET H 13 40.05 -5.72 32.32
N LEU H 14 40.67 -5.92 31.17
CA LEU H 14 42.12 -5.75 31.14
C LEU H 14 42.52 -4.31 31.45
N ARG H 15 41.91 -3.34 30.78
CA ARG H 15 42.31 -1.95 30.94
C ARG H 15 42.06 -1.43 32.35
N VAL H 16 40.98 -1.86 33.00
CA VAL H 16 40.71 -1.43 34.36
C VAL H 16 41.49 -2.23 35.40
N ALA H 17 41.57 -3.54 35.26
CA ALA H 17 42.18 -4.38 36.29
C ALA H 17 43.66 -4.61 36.08
N CYS H 18 44.39 -3.62 35.59
CA CYS H 18 45.85 -3.67 35.60
C CYS H 18 46.40 -2.26 35.77
N PRO H 19 47.63 -2.13 36.27
CA PRO H 19 48.27 -0.82 36.32
C PRO H 19 48.64 -0.28 34.96
N ASN H 20 49.39 0.82 34.94
CA ASN H 20 49.95 1.38 33.71
C ASN H 20 50.89 0.44 32.99
N GLY H 21 51.25 -0.70 33.58
CA GLY H 21 52.01 -1.71 32.88
C GLY H 21 51.14 -2.61 32.02
N PHE H 22 51.42 -2.65 30.71
CA PHE H 22 50.65 -3.49 29.81
C PHE H 22 51.51 -3.96 28.63
N ASN H 23 52.81 -4.08 28.83
CA ASN H 23 53.78 -4.24 27.76
C ASN H 23 53.77 -5.63 27.17
N SER H 24 54.09 -5.72 25.88
CA SER H 24 54.04 -6.97 25.15
C SER H 24 55.27 -7.20 24.28
N MET H 25 55.25 -6.72 23.04
CA MET H 25 56.17 -7.24 22.03
C MET H 25 57.55 -6.60 22.16
N PHE H 26 58.56 -7.38 21.82
CA PHE H 26 59.94 -6.90 21.76
C PHE H 26 60.43 -6.39 23.10
N ALA H 27 59.84 -6.87 24.19
CA ALA H 27 60.14 -6.40 25.52
C ALA H 27 60.00 -7.53 26.53
#